data_6OHE
#
_entry.id   6OHE
#
_cell.length_a   89.022
_cell.length_b   139.251
_cell.length_c   263.375
_cell.angle_alpha   90.000
_cell.angle_beta   90.000
_cell.angle_gamma   90.000
#
_symmetry.space_group_name_H-M   'C 2 2 21'
#
loop_
_entity.id
_entity.type
_entity.pdbx_description
1 polymer AlfC
2 branched alpha-L-fucopyranose-(1-6)-2-acetamido-2-deoxy-beta-D-glucopyranose
#
_entity_poly.entity_id   1
_entity_poly.type   'polypeptide(L)'
_entity_poly.pdbx_seq_one_letter_code
;MNDNVAWFKQAKYGMMIHWGLYSLLAGEYRGESSSAYAEWIQSKFQIPNAEYGNLATAFNPLYFDAKKIVALAKQCGMQY
LVVTTKHHDGFAMYHSKVDAYNVYDATPFHRDIIGELAEACQKAGLKFGLYYSQDLDWHDPNGGGYKSNDVETAGTTWDN
SWDFPDEDQKNFDLCFDNKILPQIKEIMSNYGDIATAWFAVPMTLSEAQSQTIYDTVRELQPNCLINSRLGNGKYDFVSL
GDNEIPKNKEDMNKTDVDYNEITGFKPSPLGLYETAGTINDSWGFSYHDQNWKTPRTLYRYKQHLNDFGINYLLNVGLDP
LGRVPMMAEENLLAAKALEDEANRL
;
_entity_poly.pdbx_strand_id   A,B,C,D
#
loop_
_chem_comp.id
_chem_comp.type
_chem_comp.name
_chem_comp.formula
FUC L-saccharide, alpha linking alpha-L-fucopyranose 'C6 H12 O5'
NAG D-saccharide, beta linking 2-acetamido-2-deoxy-beta-D-glucopyranose 'C8 H15 N O6'
#
# COMPACT_ATOMS: atom_id res chain seq x y z
N ASN A 2 -17.52 -3.53 12.29
CA ASN A 2 -16.52 -2.54 11.91
C ASN A 2 -16.65 -2.14 10.43
N ASP A 3 -17.61 -1.28 10.13
CA ASP A 3 -17.75 -0.72 8.79
C ASP A 3 -16.79 0.43 8.54
N ASN A 4 -15.93 0.75 9.51
CA ASN A 4 -14.90 1.78 9.45
C ASN A 4 -14.11 1.73 8.15
N VAL A 5 -13.96 0.52 7.60
CA VAL A 5 -13.26 0.37 6.33
C VAL A 5 -13.99 1.09 5.20
N ALA A 6 -15.29 0.84 5.04
CA ALA A 6 -15.99 1.53 3.96
C ALA A 6 -15.93 3.04 4.14
N TRP A 7 -16.20 3.52 5.36
CA TRP A 7 -16.20 4.96 5.57
C TRP A 7 -14.82 5.60 5.36
N PHE A 8 -13.76 4.94 5.83
CA PHE A 8 -12.43 5.55 5.73
C PHE A 8 -11.91 5.58 4.30
N LYS A 9 -12.17 4.54 3.51
CA LYS A 9 -11.72 4.59 2.12
C LYS A 9 -12.29 5.79 1.38
N GLN A 10 -13.44 6.31 1.82
CA GLN A 10 -14.15 7.39 1.13
C GLN A 10 -14.15 8.72 1.88
N ALA A 11 -13.48 8.79 3.04
CA ALA A 11 -13.59 9.95 3.93
C ALA A 11 -12.84 11.17 3.39
N LYS A 12 -11.61 10.93 2.90
CA LYS A 12 -10.87 11.88 2.08
C LYS A 12 -10.15 12.95 2.88
N TYR A 13 -10.72 13.40 4.00
CA TYR A 13 -10.26 14.66 4.57
C TYR A 13 -10.53 14.71 6.06
N GLY A 14 -9.50 15.04 6.85
CA GLY A 14 -9.64 15.20 8.29
C GLY A 14 -8.85 16.36 8.83
N MET A 15 -9.28 16.87 9.97
CA MET A 15 -8.53 17.87 10.72
C MET A 15 -7.71 17.25 11.86
N MET A 16 -6.42 17.62 11.94
CA MET A 16 -5.57 17.30 13.09
C MET A 16 -5.33 18.57 13.92
N ILE A 17 -5.28 18.44 15.24
CA ILE A 17 -5.00 19.56 16.15
C ILE A 17 -3.79 19.23 17.01
N HIS A 18 -2.75 20.06 16.90
CA HIS A 18 -1.65 20.07 17.85
C HIS A 18 -1.86 21.22 18.84
N TRP A 19 -1.75 20.92 20.14
CA TRP A 19 -1.94 21.93 21.18
C TRP A 19 -1.33 21.45 22.50
N GLY A 20 -0.61 22.36 23.15
CA GLY A 20 -0.07 22.09 24.47
C GLY A 20 0.66 23.31 24.96
N LEU A 21 1.51 23.13 25.97
CA LEU A 21 2.23 24.27 26.55
C LEU A 21 3.06 24.98 25.50
N TYR A 22 3.61 24.23 24.54
CA TYR A 22 4.45 24.83 23.53
C TYR A 22 3.73 25.96 22.80
N SER A 23 2.42 25.84 22.64
CA SER A 23 1.67 26.90 21.95
C SER A 23 1.84 28.26 22.64
N LEU A 24 2.07 28.31 23.95
CA LEU A 24 2.16 29.62 24.59
C LEU A 24 3.49 30.29 24.30
N LEU A 25 4.59 29.51 24.29
CA LEU A 25 5.86 30.11 23.89
C LEU A 25 5.85 30.44 22.40
N ALA A 26 5.09 29.66 21.62
CA ALA A 26 4.83 29.93 20.21
C ALA A 26 6.13 30.17 19.43
N GLY A 27 7.12 29.33 19.70
CA GLY A 27 8.29 29.25 18.84
C GLY A 27 9.40 30.21 19.21
N GLU A 28 9.32 30.82 20.40
CA GLU A 28 10.19 31.91 20.81
C GLU A 28 10.64 31.62 22.24
N TYR A 29 11.94 31.78 22.49
CA TYR A 29 12.49 31.63 23.84
C TYR A 29 13.67 32.55 24.09
N ARG A 30 13.52 33.44 25.09
CA ARG A 30 14.57 34.35 25.51
C ARG A 30 15.24 34.92 24.26
N GLY A 31 14.40 35.46 23.39
CA GLY A 31 14.80 36.22 22.23
C GLY A 31 15.15 35.35 21.03
N GLU A 32 14.99 34.03 21.15
CA GLU A 32 15.43 33.10 20.12
C GLU A 32 14.32 32.16 19.68
N SER A 33 14.44 31.77 18.41
CA SER A 33 13.51 30.92 17.69
C SER A 33 13.74 29.44 18.00
N SER A 34 12.64 28.71 18.22
CA SER A 34 12.65 27.26 18.09
C SER A 34 13.14 26.83 16.70
N SER A 35 13.38 25.53 16.54
CA SER A 35 13.46 24.96 15.21
C SER A 35 12.13 25.11 14.47
N ALA A 36 12.06 24.59 13.25
CA ALA A 36 10.81 24.50 12.49
C ALA A 36 9.64 23.93 13.30
N TYR A 37 9.91 23.09 14.28
CA TYR A 37 8.88 22.42 15.06
C TYR A 37 8.73 23.11 16.41
N ALA A 38 7.75 24.03 16.49
CA ALA A 38 7.56 24.79 17.73
C ALA A 38 7.16 23.89 18.90
N GLU A 39 6.48 22.77 18.62
CA GLU A 39 6.05 21.91 19.70
C GLU A 39 7.23 21.19 20.33
N TRP A 40 8.38 21.19 19.64
CA TRP A 40 9.65 20.61 20.07
C TRP A 40 10.46 21.56 20.93
N ILE A 41 9.92 22.73 21.27
CA ILE A 41 10.71 23.82 21.81
C ILE A 41 11.45 23.40 23.06
N GLN A 42 10.87 22.52 23.89
CA GLN A 42 11.51 22.11 25.13
C GLN A 42 12.86 21.42 24.87
N SER A 43 12.90 20.54 23.87
CA SER A 43 14.13 19.82 23.53
C SER A 43 15.17 20.75 22.89
N LYS A 44 14.72 21.60 21.98
CA LYS A 44 15.59 22.54 21.26
C LYS A 44 16.48 23.34 22.20
N PHE A 45 15.91 23.82 23.30
CA PHE A 45 16.61 24.68 24.25
C PHE A 45 16.90 23.97 25.56
N GLN A 46 16.58 22.68 25.66
CA GLN A 46 16.79 21.87 26.86
C GLN A 46 16.21 22.56 28.09
N ILE A 47 14.96 22.99 27.97
CA ILE A 47 14.27 23.68 29.05
C ILE A 47 13.98 22.73 30.21
N PRO A 48 14.53 22.97 31.40
CA PRO A 48 14.22 22.14 32.56
C PRO A 48 12.72 22.01 32.82
N ASN A 49 12.29 20.81 33.25
CA ASN A 49 10.89 20.56 33.53
C ASN A 49 10.33 21.60 34.51
N ALA A 50 11.13 21.99 35.50
CA ALA A 50 10.65 22.98 36.47
C ALA A 50 10.18 24.26 35.77
N GLU A 51 10.96 24.75 34.81
CA GLU A 51 10.60 25.98 34.12
C GLU A 51 9.47 25.75 33.13
N TYR A 52 9.66 24.80 32.21
CA TYR A 52 8.69 24.51 31.14
C TYR A 52 7.30 24.24 31.72
N GLY A 53 7.23 23.33 32.69
CA GLY A 53 5.97 23.01 33.34
C GLY A 53 5.21 24.22 33.88
N ASN A 54 5.92 25.27 34.30
CA ASN A 54 5.29 26.46 34.87
C ASN A 54 4.30 27.14 33.93
N LEU A 55 4.40 26.92 32.62
CA LEU A 55 3.44 27.48 31.66
C LEU A 55 1.99 27.10 31.99
N ALA A 56 1.79 25.94 32.62
CA ALA A 56 0.45 25.48 32.95
C ALA A 56 -0.36 26.53 33.72
N THR A 57 0.30 27.35 34.53
CA THR A 57 -0.42 28.33 35.34
C THR A 57 -1.01 29.43 34.48
N ALA A 58 -0.52 29.61 33.25
CA ALA A 58 -0.95 30.64 32.31
C ALA A 58 -1.90 30.12 31.26
N PHE A 59 -2.10 28.81 31.18
CA PHE A 59 -2.91 28.21 30.13
C PHE A 59 -4.37 28.47 30.49
N ASN A 60 -4.93 29.53 29.93
CA ASN A 60 -6.33 29.93 30.17
C ASN A 60 -6.96 30.37 28.85
N PRO A 61 -7.14 29.44 27.90
CA PRO A 61 -7.61 29.81 26.56
C PRO A 61 -9.08 30.22 26.49
N LEU A 62 -9.44 31.46 26.83
CA LEU A 62 -10.85 31.87 26.85
C LEU A 62 -11.58 31.55 25.56
N TYR A 63 -10.87 31.39 24.45
CA TYR A 63 -11.53 31.27 23.17
C TYR A 63 -11.53 29.86 22.64
N PHE A 64 -11.01 28.90 23.40
CA PHE A 64 -11.15 27.52 22.99
C PHE A 64 -12.63 27.26 22.81
N ASP A 65 -13.01 26.65 21.70
CA ASP A 65 -14.44 26.47 21.44
C ASP A 65 -14.61 25.26 20.50
N ALA A 66 -14.79 24.08 21.10
CA ALA A 66 -15.00 22.85 20.34
C ALA A 66 -16.13 22.94 19.31
N LYS A 67 -17.28 23.50 19.71
CA LYS A 67 -18.40 23.65 18.77
C LYS A 67 -17.96 24.36 17.49
N LYS A 68 -17.31 25.51 17.65
CA LYS A 68 -16.93 26.34 16.49
C LYS A 68 -15.90 25.64 15.61
N ILE A 69 -14.94 24.93 16.22
CA ILE A 69 -13.90 24.25 15.44
C ILE A 69 -14.51 23.17 14.53
N VAL A 70 -15.43 22.36 15.06
CA VAL A 70 -15.97 21.27 14.25
C VAL A 70 -16.82 21.84 13.12
N ALA A 71 -17.58 22.91 13.41
CA ALA A 71 -18.36 23.55 12.37
C ALA A 71 -17.46 23.96 11.20
N LEU A 72 -16.31 24.57 11.50
CA LEU A 72 -15.38 24.95 10.44
C LEU A 72 -14.92 23.74 9.64
N ALA A 73 -14.40 22.72 10.34
CA ALA A 73 -13.96 21.48 9.72
C ALA A 73 -15.02 20.89 8.80
N LYS A 74 -16.26 20.81 9.31
CA LYS A 74 -17.36 20.19 8.56
C LYS A 74 -17.64 21.00 7.30
N GLN A 75 -17.62 22.33 7.39
CA GLN A 75 -17.89 23.18 6.24
C GLN A 75 -16.90 22.92 5.12
N CYS A 76 -15.66 22.53 5.46
CA CYS A 76 -14.62 22.23 4.48
C CYS A 76 -14.70 20.80 3.97
N GLY A 77 -15.66 20.02 4.45
CA GLY A 77 -15.86 18.65 4.00
C GLY A 77 -14.98 17.62 4.67
N MET A 78 -14.41 17.93 5.84
CA MET A 78 -13.62 16.97 6.58
C MET A 78 -14.51 15.99 7.33
N GLN A 79 -14.18 14.70 7.22
CA GLN A 79 -15.02 13.65 7.76
C GLN A 79 -14.52 13.09 9.10
N TYR A 80 -13.34 13.48 9.58
CA TYR A 80 -12.89 13.02 10.88
C TYR A 80 -11.94 14.04 11.49
N LEU A 81 -11.71 13.91 12.79
CA LEU A 81 -10.88 14.85 13.54
C LEU A 81 -9.96 14.14 14.51
N VAL A 82 -8.65 14.41 14.42
CA VAL A 82 -7.64 13.88 15.33
C VAL A 82 -7.10 14.99 16.22
N VAL A 83 -6.80 14.67 17.49
CA VAL A 83 -6.32 15.64 18.46
C VAL A 83 -5.17 15.05 19.27
N THR A 84 -4.22 15.92 19.61
CA THR A 84 -3.17 15.60 20.58
C THR A 84 -3.78 15.38 21.96
N THR A 85 -3.83 14.13 22.41
CA THR A 85 -4.21 13.87 23.81
C THR A 85 -3.04 14.14 24.74
N LYS A 86 -1.82 13.86 24.29
CA LYS A 86 -0.60 14.05 25.06
C LYS A 86 0.54 13.94 24.08
N HIS A 87 1.32 15.01 23.99
CA HIS A 87 2.43 15.13 23.07
C HIS A 87 3.75 14.77 23.77
N HIS A 88 4.87 14.98 23.08
CA HIS A 88 6.19 14.57 23.59
C HIS A 88 6.50 15.16 24.96
N ASP A 89 5.96 16.34 25.26
CA ASP A 89 6.28 17.05 26.49
C ASP A 89 5.69 16.40 27.73
N GLY A 90 4.71 15.52 27.56
CA GLY A 90 4.25 14.67 28.61
C GLY A 90 3.11 15.32 29.37
N PHE A 91 2.63 16.46 28.87
CA PHE A 91 1.53 17.20 29.45
C PHE A 91 0.26 16.61 28.87
N ALA A 92 -0.60 16.08 29.72
CA ALA A 92 -1.82 15.47 29.25
C ALA A 92 -2.84 16.56 28.96
N MET A 93 -3.52 16.44 27.81
CA MET A 93 -4.56 17.39 27.45
C MET A 93 -5.94 16.83 27.77
N TYR A 94 -6.00 15.84 28.67
CA TYR A 94 -7.22 15.30 29.23
C TYR A 94 -7.06 15.15 30.74
N HIS A 95 -8.16 14.83 31.43
CA HIS A 95 -8.14 14.70 32.89
C HIS A 95 -7.66 13.29 33.26
N SER A 96 -6.34 13.12 33.34
CA SER A 96 -5.75 11.83 33.65
C SER A 96 -5.81 11.52 35.13
N LYS A 97 -6.41 10.37 35.48
CA LYS A 97 -6.39 9.93 36.87
C LYS A 97 -4.95 9.65 37.28
N VAL A 98 -4.18 9.04 36.37
CA VAL A 98 -2.87 8.50 36.69
C VAL A 98 -1.82 9.60 36.81
N ASP A 99 -2.04 10.76 36.18
CA ASP A 99 -1.01 11.81 36.16
C ASP A 99 -1.62 13.20 36.18
N ALA A 100 -1.26 13.97 37.21
CA ALA A 100 -1.76 15.32 37.49
C ALA A 100 -1.14 16.41 36.62
N TYR A 101 -0.11 16.07 35.84
CA TYR A 101 0.51 16.94 34.82
C TYR A 101 -0.44 16.99 33.63
N ASN A 102 -1.53 17.74 33.79
CA ASN A 102 -2.57 17.76 32.76
C ASN A 102 -3.34 19.06 32.80
N VAL A 103 -3.96 19.37 31.65
CA VAL A 103 -4.75 20.59 31.45
C VAL A 103 -5.76 20.79 32.59
N TYR A 104 -6.38 19.71 33.06
CA TYR A 104 -7.45 19.81 34.06
C TYR A 104 -6.89 20.21 35.43
N ASP A 105 -5.81 19.56 35.87
CA ASP A 105 -5.35 19.72 37.26
C ASP A 105 -4.37 20.88 37.45
N ALA A 106 -3.60 21.26 36.43
CA ALA A 106 -2.44 22.11 36.59
C ALA A 106 -2.68 23.55 36.13
N THR A 107 -3.82 23.83 35.47
CA THR A 107 -4.05 25.09 34.77
C THR A 107 -5.32 25.78 35.27
N PRO A 108 -5.35 27.11 35.21
CA PRO A 108 -6.59 27.82 35.54
C PRO A 108 -7.76 27.32 34.71
N PHE A 109 -7.52 26.96 33.45
CA PHE A 109 -8.60 26.56 32.56
C PHE A 109 -9.46 25.48 33.22
N HIS A 110 -8.80 24.47 33.81
CA HIS A 110 -9.48 23.46 34.63
C HIS A 110 -10.58 22.78 33.82
N ARG A 111 -10.21 22.36 32.61
CA ARG A 111 -11.15 21.74 31.68
C ARG A 111 -10.48 20.64 30.86
N ASP A 112 -11.30 19.69 30.42
CA ASP A 112 -10.89 18.51 29.66
C ASP A 112 -10.95 18.85 28.16
N ILE A 113 -9.78 19.14 27.57
CA ILE A 113 -9.73 19.51 26.16
C ILE A 113 -10.24 18.40 25.26
N ILE A 114 -9.79 17.17 25.49
CA ILE A 114 -10.20 16.06 24.63
C ILE A 114 -11.71 15.84 24.71
N GLY A 115 -12.26 15.87 25.93
CA GLY A 115 -13.69 15.74 26.17
C GLY A 115 -14.60 16.69 25.41
N GLU A 116 -14.37 17.99 25.53
CA GLU A 116 -15.28 18.95 24.92
C GLU A 116 -15.31 18.77 23.42
N LEU A 117 -14.16 18.48 22.82
CA LEU A 117 -14.08 18.25 21.38
C LEU A 117 -14.79 16.95 21.01
N ALA A 118 -14.58 15.89 21.81
CA ALA A 118 -15.24 14.61 21.55
C ALA A 118 -16.76 14.77 21.51
N GLU A 119 -17.32 15.52 22.45
CA GLU A 119 -18.77 15.67 22.46
C GLU A 119 -19.21 16.43 21.21
N ALA A 120 -18.57 17.57 20.95
CA ALA A 120 -18.93 18.42 19.82
C ALA A 120 -18.90 17.61 18.53
N CYS A 121 -17.90 16.74 18.41
CA CYS A 121 -17.77 15.89 17.22
C CYS A 121 -18.91 14.90 17.15
N GLN A 122 -19.20 14.23 18.27
CA GLN A 122 -20.31 13.30 18.35
C GLN A 122 -21.56 13.96 17.77
N LYS A 123 -21.86 15.16 18.24
CA LYS A 123 -23.11 15.84 17.90
C LYS A 123 -23.14 16.25 16.43
N ALA A 124 -21.98 16.60 15.88
CA ALA A 124 -21.86 17.06 14.52
C ALA A 124 -21.81 15.94 13.51
N GLY A 125 -21.63 14.70 13.94
CA GLY A 125 -21.47 13.58 13.04
C GLY A 125 -20.10 13.58 12.41
N LEU A 126 -19.09 13.97 13.19
CA LEU A 126 -17.70 13.88 12.80
C LEU A 126 -17.14 12.71 13.60
N LYS A 127 -16.37 11.86 12.95
CA LYS A 127 -15.64 10.81 13.64
C LYS A 127 -14.59 11.43 14.57
N PHE A 128 -14.12 10.68 15.56
CA PHE A 128 -13.22 11.28 16.55
C PHE A 128 -12.02 10.38 16.78
N GLY A 129 -10.83 10.90 16.46
CA GLY A 129 -9.57 10.22 16.66
C GLY A 129 -8.71 10.85 17.74
N LEU A 130 -7.71 10.09 18.19
CA LEU A 130 -6.79 10.52 19.25
C LEU A 130 -5.37 10.30 18.77
N TYR A 131 -4.48 11.26 19.06
CA TYR A 131 -3.05 11.06 18.93
C TYR A 131 -2.41 10.88 20.30
N TYR A 132 -1.44 9.95 20.40
CA TYR A 132 -0.71 9.78 21.66
C TYR A 132 0.74 9.34 21.40
N SER A 133 1.68 10.03 22.07
CA SER A 133 3.13 9.80 22.04
C SER A 133 3.58 8.68 22.98
N GLN A 134 3.57 7.44 22.49
CA GLN A 134 3.87 6.29 23.33
C GLN A 134 5.34 6.15 23.73
N ASP A 135 6.27 6.88 23.10
CA ASP A 135 7.68 6.58 23.28
C ASP A 135 8.41 7.75 23.94
N LEU A 136 8.45 8.92 23.31
CA LEU A 136 9.08 10.06 23.95
C LEU A 136 8.16 10.60 25.03
N ASP A 137 8.75 10.94 26.17
CA ASP A 137 8.02 11.60 27.26
C ASP A 137 9.03 12.34 28.14
N TRP A 138 9.17 13.65 27.88
CA TRP A 138 10.20 14.46 28.52
C TRP A 138 9.92 14.70 30.00
N HIS A 139 8.70 14.41 30.47
CA HIS A 139 8.35 14.59 31.87
C HIS A 139 8.76 13.42 32.77
N ASP A 140 8.93 12.24 32.22
CA ASP A 140 9.18 11.02 32.98
C ASP A 140 10.68 10.76 33.09
N PRO A 141 11.25 10.61 34.31
CA PRO A 141 12.69 10.31 34.46
C PRO A 141 13.26 9.28 33.49
N ASN A 142 12.47 8.26 33.14
CA ASN A 142 12.92 7.14 32.31
C ASN A 142 12.24 7.13 30.94
N GLY A 143 11.89 8.31 30.43
CA GLY A 143 11.35 8.40 29.08
C GLY A 143 12.20 7.79 27.98
N GLY A 144 11.54 7.42 26.89
CA GLY A 144 12.20 6.79 25.78
C GLY A 144 13.16 7.71 25.06
N GLY A 145 13.94 7.13 24.15
CA GLY A 145 14.74 7.95 23.29
C GLY A 145 16.22 7.87 23.58
N TYR A 146 16.64 7.27 24.70
CA TYR A 146 17.99 7.55 25.17
C TYR A 146 19.06 6.69 24.51
N LYS A 147 18.67 5.71 23.69
CA LYS A 147 19.62 4.92 22.94
C LYS A 147 19.72 5.34 21.49
N SER A 148 18.88 6.28 21.07
CA SER A 148 18.67 6.69 19.68
C SER A 148 19.02 8.15 19.53
N ASN A 149 20.06 8.56 20.23
CA ASN A 149 20.47 9.94 20.28
C ASN A 149 21.45 10.23 19.17
N ASP A 150 21.79 9.17 18.43
CA ASP A 150 22.68 9.27 17.28
C ASP A 150 22.04 10.09 16.17
N VAL A 151 20.74 9.89 15.94
CA VAL A 151 20.01 10.52 14.85
C VAL A 151 19.66 11.94 15.23
N GLU A 152 19.66 12.85 14.24
CA GLU A 152 19.43 14.25 14.53
C GLU A 152 17.93 14.47 14.71
N THR A 153 17.58 15.45 15.54
CA THR A 153 16.18 15.71 15.86
C THR A 153 15.83 17.16 15.56
N ALA A 154 14.57 17.52 15.86
CA ALA A 154 14.11 18.90 15.80
C ALA A 154 14.44 19.69 17.05
N GLY A 155 15.09 19.06 18.01
CA GLY A 155 15.55 19.70 19.22
C GLY A 155 17.03 19.45 19.36
N THR A 156 17.37 18.76 20.44
CA THR A 156 18.70 18.22 20.66
C THR A 156 18.49 16.71 20.64
N THR A 157 18.65 16.07 21.79
CA THR A 157 18.34 14.66 21.96
C THR A 157 16.84 14.38 21.87
N TRP A 158 16.52 13.10 21.65
CA TRP A 158 15.13 12.62 21.57
C TRP A 158 14.51 12.59 22.96
N ASP A 159 15.30 12.24 23.96
CA ASP A 159 14.92 12.10 25.35
C ASP A 159 15.18 13.39 26.13
N ASN A 160 14.66 13.41 27.36
CA ASN A 160 15.01 14.46 28.32
C ASN A 160 16.41 14.18 28.85
N SER A 161 17.42 14.71 28.14
CA SER A 161 18.83 14.53 28.49
C SER A 161 19.37 15.59 29.45
N TRP A 162 18.57 16.60 29.82
CA TRP A 162 19.05 17.68 30.69
C TRP A 162 18.72 17.47 32.17
N ASP A 163 17.43 17.30 32.50
CA ASP A 163 17.02 16.99 33.86
C ASP A 163 17.49 15.61 34.33
N PHE A 164 17.54 14.64 33.44
CA PHE A 164 17.86 13.25 33.76
C PHE A 164 19.06 12.74 32.96
N PRO A 165 20.28 13.08 33.36
CA PRO A 165 21.46 12.73 32.54
C PRO A 165 22.07 11.37 32.85
N ASP A 166 21.60 10.64 33.86
CA ASP A 166 22.17 9.34 34.20
C ASP A 166 21.74 8.34 33.14
N GLU A 167 22.26 8.55 31.91
CA GLU A 167 21.81 7.78 30.75
C GLU A 167 21.77 6.27 31.01
N ASP A 168 22.82 5.73 31.64
CA ASP A 168 22.91 4.28 31.78
C ASP A 168 21.90 3.74 32.80
N GLN A 169 21.57 4.52 33.82
CA GLN A 169 20.66 4.07 34.85
C GLN A 169 19.19 4.32 34.50
N LYS A 170 18.89 4.59 33.22
CA LYS A 170 17.51 4.78 32.83
C LYS A 170 16.95 3.44 32.40
N ASN A 171 15.66 3.24 32.64
CA ASN A 171 14.98 1.99 32.28
C ASN A 171 13.57 2.40 31.85
N PHE A 172 13.33 2.33 30.55
CA PHE A 172 12.05 2.74 29.96
C PHE A 172 10.87 1.97 30.57
N ASP A 173 11.07 0.70 30.91
CA ASP A 173 10.01 -0.12 31.50
C ASP A 173 9.30 0.57 32.67
N LEU A 174 10.09 1.13 33.62
CA LEU A 174 9.50 1.87 34.73
C LEU A 174 8.56 2.96 34.24
N CYS A 175 8.86 3.55 33.09
CA CYS A 175 8.00 4.56 32.49
C CYS A 175 6.81 3.90 31.79
N PHE A 176 7.07 2.85 31.00
CA PHE A 176 6.00 2.17 30.23
C PHE A 176 4.86 1.68 31.11
N ASP A 177 5.17 0.97 32.20
CA ASP A 177 4.14 0.33 33.01
C ASP A 177 3.29 1.35 33.76
N ASN A 178 3.91 2.42 34.26
CA ASN A 178 3.29 3.34 35.21
C ASN A 178 2.59 4.53 34.57
N LYS A 179 3.02 4.96 33.37
CA LYS A 179 2.41 6.13 32.75
C LYS A 179 1.82 5.79 31.40
N ILE A 180 2.58 5.19 30.47
CA ILE A 180 2.11 5.08 29.08
C ILE A 180 0.88 4.18 29.10
N LEU A 181 1.06 2.89 29.43
CA LEU A 181 -0.08 1.97 29.38
C LEU A 181 -1.26 2.46 30.22
N PRO A 182 -1.09 2.89 31.48
CA PRO A 182 -2.22 3.48 32.21
C PRO A 182 -2.91 4.63 31.48
N GLN A 183 -2.13 5.58 30.95
CA GLN A 183 -2.73 6.73 30.28
C GLN A 183 -3.43 6.29 29.01
N ILE A 184 -2.84 5.33 28.27
CA ILE A 184 -3.47 4.81 27.07
C ILE A 184 -4.79 4.14 27.42
N LYS A 185 -4.80 3.39 28.52
CA LYS A 185 -6.04 2.77 29.00
C LYS A 185 -7.13 3.82 29.24
N GLU A 186 -6.77 4.92 29.91
CA GLU A 186 -7.73 5.98 30.22
C GLU A 186 -8.39 6.54 28.96
N ILE A 187 -7.56 6.99 28.01
CA ILE A 187 -8.02 7.74 26.83
C ILE A 187 -8.82 6.84 25.90
N MET A 188 -8.57 5.54 25.92
CA MET A 188 -9.24 4.61 25.04
C MET A 188 -10.55 4.14 25.64
N SER A 189 -10.86 4.57 26.86
CA SER A 189 -12.04 4.15 27.61
C SER A 189 -13.04 5.28 27.80
N ASN A 190 -12.57 6.49 28.09
CA ASN A 190 -13.48 7.61 28.24
C ASN A 190 -13.65 8.23 26.85
N TYR A 191 -14.50 9.26 26.75
CA TYR A 191 -14.61 10.07 25.54
C TYR A 191 -15.19 9.26 24.38
N GLY A 192 -15.81 8.14 24.70
CA GLY A 192 -16.61 7.37 23.79
C GLY A 192 -15.77 6.71 22.70
N ASP A 193 -16.48 6.41 21.61
CA ASP A 193 -15.90 5.75 20.44
C ASP A 193 -14.74 6.53 19.84
N ILE A 194 -13.61 5.84 19.70
CA ILE A 194 -12.39 6.39 19.12
C ILE A 194 -12.25 5.75 17.73
N ALA A 195 -12.42 6.55 16.69
CA ALA A 195 -12.52 6.04 15.33
C ALA A 195 -11.16 5.71 14.71
N THR A 196 -10.13 6.42 15.16
CA THR A 196 -8.79 6.42 14.61
C THR A 196 -7.84 6.49 15.79
N ALA A 197 -6.68 5.83 15.68
CA ALA A 197 -5.68 5.86 16.75
C ALA A 197 -4.34 6.18 16.11
N TRP A 198 -3.70 7.20 16.66
CA TRP A 198 -2.55 7.86 16.06
C TRP A 198 -1.38 7.79 17.03
N PHE A 199 -0.39 6.94 16.75
CA PHE A 199 0.79 6.90 17.60
C PHE A 199 2.03 7.51 16.96
N ALA A 200 2.95 7.92 17.85
CA ALA A 200 4.17 8.60 17.46
C ALA A 200 5.13 7.54 16.92
N VAL A 201 6.39 7.90 16.66
CA VAL A 201 7.30 6.98 15.99
C VAL A 201 8.01 6.13 17.04
N PRO A 202 7.78 4.81 17.08
CA PRO A 202 8.55 4.01 18.04
C PRO A 202 10.03 4.15 17.73
N MET A 203 10.82 4.35 18.75
CA MET A 203 12.26 4.19 18.77
C MET A 203 12.72 3.09 19.71
N THR A 204 12.06 2.98 20.87
CA THR A 204 12.56 2.26 22.03
C THR A 204 11.56 1.24 22.53
N LEU A 205 10.29 1.36 22.16
CA LEU A 205 9.28 0.49 22.73
C LEU A 205 9.52 -0.88 22.13
N SER A 206 9.89 -1.87 22.96
CA SER A 206 10.14 -3.21 22.45
C SER A 206 8.90 -3.75 21.75
N GLU A 207 9.09 -4.81 20.94
CA GLU A 207 7.95 -5.48 20.34
C GLU A 207 6.97 -5.93 21.40
N ALA A 208 7.45 -6.52 22.49
CA ALA A 208 6.59 -6.85 23.62
C ALA A 208 5.70 -5.65 23.93
N GLN A 209 6.34 -4.54 24.32
CA GLN A 209 5.64 -3.32 24.70
C GLN A 209 4.71 -2.85 23.58
N SER A 210 5.20 -2.89 22.34
CA SER A 210 4.39 -2.56 21.17
C SER A 210 3.17 -3.47 21.05
N GLN A 211 3.38 -4.78 21.16
CA GLN A 211 2.27 -5.74 21.11
C GLN A 211 1.24 -5.41 22.18
N THR A 212 1.69 -5.08 23.39
CA THR A 212 0.78 -4.80 24.50
C THR A 212 -0.21 -3.72 24.10
N ILE A 213 0.30 -2.60 23.58
CA ILE A 213 -0.57 -1.47 23.21
C ILE A 213 -1.60 -1.92 22.18
N TYR A 214 -1.15 -2.59 21.12
CA TYR A 214 -2.06 -3.15 20.12
C TYR A 214 -3.23 -3.87 20.80
N ASP A 215 -2.92 -4.87 21.62
CA ASP A 215 -3.94 -5.64 22.34
C ASP A 215 -4.85 -4.73 23.16
N THR A 216 -4.26 -3.84 23.97
CA THR A 216 -5.02 -2.93 24.83
C THR A 216 -6.08 -2.15 24.07
N VAL A 217 -5.74 -1.65 22.88
CA VAL A 217 -6.68 -0.82 22.13
C VAL A 217 -7.80 -1.67 21.54
N ARG A 218 -7.47 -2.83 20.96
CA ARG A 218 -8.46 -3.70 20.35
C ARG A 218 -9.61 -4.07 21.30
N GLU A 219 -9.29 -4.50 22.52
CA GLU A 219 -10.37 -4.90 23.43
C GLU A 219 -11.18 -3.69 23.89
N LEU A 220 -10.53 -2.56 24.08
CA LEU A 220 -11.18 -1.40 24.69
C LEU A 220 -12.02 -0.66 23.66
N GLN A 221 -11.56 -0.63 22.40
CA GLN A 221 -12.17 0.13 21.31
C GLN A 221 -12.20 -0.83 20.12
N PRO A 222 -13.05 -1.87 20.18
CA PRO A 222 -13.05 -2.92 19.14
C PRO A 222 -12.95 -2.45 17.69
N ASN A 223 -13.63 -1.37 17.33
CA ASN A 223 -13.72 -0.96 15.93
C ASN A 223 -12.69 0.09 15.52
N CYS A 224 -11.83 0.53 16.44
CA CYS A 224 -10.83 1.57 16.21
C CYS A 224 -9.73 1.17 15.21
N LEU A 225 -9.63 1.91 14.10
CA LEU A 225 -8.57 1.74 13.09
C LEU A 225 -7.24 2.36 13.53
N ILE A 226 -6.15 1.60 13.36
CA ILE A 226 -4.84 1.94 13.90
C ILE A 226 -3.82 2.30 12.82
N ASN A 227 -3.11 3.40 13.04
CA ASN A 227 -2.07 3.94 12.17
C ASN A 227 -0.82 3.04 12.18
N SER A 228 -0.28 2.75 11.00
CA SER A 228 0.89 1.89 10.78
C SER A 228 2.11 2.13 11.67
N ARG A 229 2.08 3.19 12.47
CA ARG A 229 3.25 3.56 13.26
C ARG A 229 3.49 2.68 14.48
N LEU A 230 2.45 2.13 15.12
CA LEU A 230 2.63 1.35 16.34
C LEU A 230 3.67 0.23 16.19
N GLY A 231 3.48 -0.67 15.21
CA GLY A 231 4.32 -1.86 15.20
C GLY A 231 3.96 -2.80 14.07
N ASN A 232 4.95 -3.54 13.58
CA ASN A 232 4.82 -4.20 12.29
C ASN A 232 3.88 -5.39 12.43
N GLY A 233 2.74 -5.35 11.75
CA GLY A 233 1.71 -6.36 11.90
C GLY A 233 0.47 -5.89 12.64
N LYS A 234 0.42 -4.63 13.06
CA LYS A 234 -0.41 -4.21 14.18
C LYS A 234 -1.04 -2.85 13.85
N TYR A 235 -1.90 -2.84 12.82
CA TYR A 235 -2.40 -1.59 12.24
C TYR A 235 -3.43 -1.89 11.15
N ASP A 236 -4.13 -0.84 10.72
CA ASP A 236 -5.20 -0.92 9.72
C ASP A 236 -5.03 0.02 8.53
N PHE A 237 -4.46 1.21 8.75
CA PHE A 237 -4.14 2.13 7.67
C PHE A 237 -2.67 2.51 7.75
N VAL A 238 -2.07 2.72 6.59
CA VAL A 238 -0.70 3.17 6.50
C VAL A 238 -0.61 4.70 6.52
N SER A 239 0.14 5.22 7.49
CA SER A 239 0.55 6.61 7.50
C SER A 239 1.67 6.80 6.49
N LEU A 240 1.40 7.64 5.48
CA LEU A 240 2.35 8.00 4.45
C LEU A 240 3.13 9.29 4.71
N GLY A 241 4.42 9.25 4.40
CA GLY A 241 5.32 10.37 4.61
C GLY A 241 5.61 10.87 3.19
N ASP A 242 5.65 12.20 3.04
CA ASP A 242 6.24 12.92 1.89
C ASP A 242 6.90 12.05 0.82
N ASN A 243 7.99 11.36 1.15
CA ASN A 243 8.64 10.50 0.16
C ASN A 243 7.91 9.19 -0.15
N GLU A 244 6.80 8.84 0.53
CA GLU A 244 6.00 7.68 0.18
C GLU A 244 4.78 8.04 -0.66
N ILE A 245 4.89 9.06 -1.50
CA ILE A 245 3.75 9.68 -2.15
C ILE A 245 4.00 9.69 -3.66
N PRO A 246 3.08 9.18 -4.48
CA PRO A 246 3.26 8.98 -5.92
C PRO A 246 2.74 10.14 -6.78
N LYS A 266 4.82 -0.72 5.11
CA LYS A 266 4.56 -0.37 3.72
C LYS A 266 3.22 -0.91 3.18
N PRO A 267 2.91 -2.19 3.40
CA PRO A 267 1.71 -2.75 2.78
C PRO A 267 0.46 -2.62 3.62
N SER A 268 -0.62 -2.22 2.95
CA SER A 268 -1.91 -1.87 3.56
C SER A 268 -2.95 -2.91 3.21
N PRO A 269 -3.36 -3.80 4.13
CA PRO A 269 -4.19 -4.93 3.72
C PRO A 269 -5.65 -4.56 3.51
N LEU A 270 -6.12 -3.50 4.16
CA LEU A 270 -7.46 -2.98 4.03
C LEU A 270 -7.59 -1.97 2.89
N GLY A 271 -6.46 -1.53 2.32
CA GLY A 271 -6.46 -0.53 1.28
C GLY A 271 -6.71 0.87 1.80
N LEU A 272 -6.33 1.13 3.05
CA LEU A 272 -6.55 2.38 3.76
C LEU A 272 -5.27 3.19 3.89
N TYR A 273 -5.34 4.48 3.54
CA TYR A 273 -4.15 5.33 3.50
C TYR A 273 -4.43 6.73 4.02
N GLU A 274 -3.47 7.26 4.78
CA GLU A 274 -3.51 8.62 5.29
C GLU A 274 -2.14 9.27 5.23
N THR A 275 -2.10 10.54 4.81
CA THR A 275 -0.95 11.42 4.97
C THR A 275 -1.30 12.61 5.84
N ALA A 276 -0.52 12.87 6.89
CA ALA A 276 -0.71 14.05 7.70
C ALA A 276 0.21 15.18 7.24
N GLY A 277 -0.35 16.40 7.15
CA GLY A 277 0.45 17.59 6.97
C GLY A 277 -0.09 18.76 7.77
N THR A 278 0.69 19.84 7.80
CA THR A 278 0.25 21.13 8.31
C THR A 278 0.12 22.20 7.23
N ILE A 279 -0.65 23.25 7.55
CA ILE A 279 -0.87 24.37 6.62
C ILE A 279 0.36 25.26 6.50
N ASN A 280 0.92 25.71 7.62
CA ASN A 280 2.19 26.39 7.51
C ASN A 280 3.27 25.33 7.74
N ASP A 281 4.46 25.70 8.23
CA ASP A 281 5.53 24.71 8.28
C ASP A 281 5.69 24.05 9.65
N SER A 282 4.95 24.51 10.66
CA SER A 282 5.06 24.01 12.03
C SER A 282 3.80 23.22 12.37
N TRP A 283 3.93 22.27 13.30
CA TRP A 283 2.74 21.62 13.84
C TRP A 283 2.14 22.40 15.00
N GLY A 284 2.96 22.77 15.97
CA GLY A 284 2.51 23.67 17.01
C GLY A 284 2.46 25.09 16.50
N PHE A 285 1.53 25.87 17.05
CA PHE A 285 1.50 27.32 16.82
C PHE A 285 2.88 27.96 16.98
N SER A 286 3.21 28.84 16.03
CA SER A 286 4.47 29.60 15.99
C SER A 286 4.16 30.99 15.44
N TYR A 287 4.22 32.02 16.31
CA TYR A 287 3.97 33.40 15.90
C TYR A 287 4.66 33.77 14.61
N HIS A 288 5.94 33.44 14.51
CA HIS A 288 6.80 33.87 13.41
C HIS A 288 6.63 33.07 12.12
N ASP A 289 5.94 31.93 12.15
CA ASP A 289 5.85 31.07 10.96
C ASP A 289 4.55 31.49 10.27
N GLN A 290 4.71 32.43 9.33
CA GLN A 290 3.65 32.94 8.46
C GLN A 290 3.75 32.39 7.05
N ASN A 291 4.43 31.27 6.87
CA ASN A 291 4.64 30.73 5.53
C ASN A 291 3.49 29.79 5.21
N TRP A 292 2.29 30.34 5.25
CA TRP A 292 1.09 29.57 5.01
C TRP A 292 1.04 29.10 3.56
N LYS A 293 0.85 27.79 3.40
CA LYS A 293 0.50 27.22 2.10
C LYS A 293 -0.71 27.94 1.52
N THR A 294 -0.61 28.28 0.24
CA THR A 294 -1.69 28.95 -0.47
C THR A 294 -2.93 28.05 -0.54
N PRO A 295 -4.12 28.65 -0.67
CA PRO A 295 -5.32 27.85 -0.91
C PRO A 295 -5.13 26.84 -2.03
N ARG A 296 -4.51 27.27 -3.14
CA ARG A 296 -4.32 26.40 -4.28
C ARG A 296 -3.43 25.21 -3.94
N THR A 297 -2.38 25.44 -3.15
CA THR A 297 -1.53 24.34 -2.71
C THR A 297 -2.35 23.34 -1.92
N LEU A 298 -3.14 23.83 -0.97
CA LEU A 298 -3.98 22.95 -0.18
C LEU A 298 -4.90 22.12 -1.07
N TYR A 299 -5.62 22.78 -1.99
CA TYR A 299 -6.64 22.07 -2.78
C TYR A 299 -6.01 21.01 -3.68
N ARG A 300 -5.00 21.41 -4.45
CA ARG A 300 -4.33 20.51 -5.39
C ARG A 300 -3.79 19.27 -4.70
N TYR A 301 -3.13 19.46 -3.56
CA TYR A 301 -2.56 18.33 -2.83
C TYR A 301 -3.67 17.36 -2.45
N LYS A 302 -4.73 17.85 -1.83
CA LYS A 302 -5.87 17.01 -1.48
C LYS A 302 -6.33 16.21 -2.69
N GLN A 303 -6.50 16.89 -3.82
CA GLN A 303 -7.00 16.23 -5.02
C GLN A 303 -6.09 15.09 -5.41
N HIS A 304 -4.78 15.34 -5.40
CA HIS A 304 -3.81 14.33 -5.81
C HIS A 304 -3.84 13.13 -4.86
N LEU A 305 -3.79 13.39 -3.55
CA LEU A 305 -3.83 12.30 -2.56
C LEU A 305 -5.11 11.48 -2.69
N ASN A 306 -6.26 12.16 -2.79
CA ASN A 306 -7.55 11.48 -2.82
C ASN A 306 -7.66 10.58 -4.04
N ASP A 307 -7.16 11.04 -5.19
CA ASP A 307 -7.23 10.27 -6.43
C ASP A 307 -6.46 8.97 -6.31
N PHE A 308 -5.45 8.94 -5.45
CA PHE A 308 -4.65 7.77 -5.16
C PHE A 308 -5.17 7.02 -3.94
N GLY A 309 -6.44 7.28 -3.57
CA GLY A 309 -7.13 6.75 -2.41
C GLY A 309 -6.53 7.11 -1.06
N ILE A 310 -5.47 7.91 -1.07
CA ILE A 310 -4.86 8.36 0.18
C ILE A 310 -5.68 9.47 0.84
N ASN A 311 -6.03 9.27 2.11
CA ASN A 311 -6.69 10.32 2.88
C ASN A 311 -5.70 11.42 3.29
N TYR A 312 -6.17 12.68 3.23
CA TYR A 312 -5.43 13.87 3.65
C TYR A 312 -5.86 14.32 5.06
N LEU A 313 -4.94 14.22 6.03
CA LEU A 313 -5.16 14.69 7.42
C LEU A 313 -4.42 16.00 7.67
N LEU A 314 -5.17 17.11 7.74
CA LEU A 314 -4.62 18.46 7.71
C LEU A 314 -4.66 19.14 9.08
N ASN A 315 -3.48 19.54 9.56
CA ASN A 315 -3.26 20.00 10.93
C ASN A 315 -3.56 21.47 11.15
N VAL A 316 -4.19 21.76 12.27
CA VAL A 316 -4.34 23.12 12.78
C VAL A 316 -3.61 23.18 14.11
N GLY A 317 -2.72 24.15 14.25
CA GLY A 317 -2.05 24.42 15.50
C GLY A 317 -2.79 25.53 16.19
N LEU A 318 -3.60 25.17 17.18
CA LEU A 318 -4.36 26.17 17.91
C LEU A 318 -3.43 27.17 18.58
N ASP A 319 -3.88 28.43 18.60
CA ASP A 319 -3.11 29.53 19.15
C ASP A 319 -3.31 29.57 20.66
N PRO A 320 -2.58 30.43 21.38
CA PRO A 320 -2.66 30.40 22.86
C PRO A 320 -4.06 30.61 23.42
N LEU A 321 -4.94 31.32 22.73
CA LEU A 321 -6.30 31.52 23.22
C LEU A 321 -7.25 30.43 22.74
N GLY A 322 -6.73 29.41 22.07
CA GLY A 322 -7.53 28.30 21.61
C GLY A 322 -8.23 28.52 20.29
N ARG A 323 -7.75 29.45 19.49
CA ARG A 323 -8.37 29.87 18.24
C ARG A 323 -7.58 29.28 17.09
N VAL A 324 -8.29 28.88 16.04
CA VAL A 324 -7.66 28.64 14.74
C VAL A 324 -7.06 29.96 14.25
N PRO A 325 -5.77 29.99 13.99
CA PRO A 325 -5.15 31.18 13.41
C PRO A 325 -5.92 31.66 12.19
N MET A 326 -6.04 32.98 12.12
CA MET A 326 -6.80 33.63 11.07
C MET A 326 -6.40 33.13 9.69
N MET A 327 -5.09 33.06 9.41
CA MET A 327 -4.67 32.70 8.06
C MET A 327 -4.89 31.22 7.81
N ALA A 328 -4.85 30.39 8.85
CA ALA A 328 -5.19 28.98 8.71
C ALA A 328 -6.64 28.82 8.30
N GLU A 329 -7.54 29.48 9.00
CA GLU A 329 -8.96 29.40 8.69
C GLU A 329 -9.24 29.88 7.27
N GLU A 330 -8.77 31.09 6.93
CA GLU A 330 -9.00 31.65 5.59
C GLU A 330 -8.61 30.68 4.49
N ASN A 331 -7.43 30.09 4.60
CA ASN A 331 -6.88 29.27 3.52
C ASN A 331 -7.66 27.97 3.35
N LEU A 332 -8.07 27.35 4.46
CA LEU A 332 -8.92 26.16 4.41
C LEU A 332 -10.21 26.45 3.63
N LEU A 333 -10.87 27.56 3.95
CA LEU A 333 -12.14 27.88 3.31
C LEU A 333 -11.96 28.11 1.81
N ALA A 334 -10.90 28.80 1.40
CA ALA A 334 -10.69 29.04 -0.02
C ALA A 334 -10.42 27.76 -0.79
N ALA A 335 -9.70 26.80 -0.18
CA ALA A 335 -9.45 25.54 -0.86
C ALA A 335 -10.75 24.81 -1.08
N LYS A 336 -11.66 24.89 -0.11
CA LYS A 336 -12.97 24.27 -0.24
C LYS A 336 -13.73 24.92 -1.40
N ALA A 337 -13.74 26.25 -1.44
CA ALA A 337 -14.43 26.97 -2.51
C ALA A 337 -13.88 26.56 -3.86
N LEU A 338 -12.55 26.49 -3.97
CA LEU A 338 -11.90 26.12 -5.22
C LEU A 338 -12.32 24.72 -5.61
N GLU A 339 -12.29 23.81 -4.65
CA GLU A 339 -12.71 22.42 -4.86
C GLU A 339 -14.12 22.37 -5.43
N ASP A 340 -15.05 23.09 -4.83
CA ASP A 340 -16.43 23.04 -5.29
C ASP A 340 -16.54 23.56 -6.71
N GLU A 341 -15.96 24.73 -6.97
CA GLU A 341 -15.88 25.24 -8.32
C GLU A 341 -15.41 24.17 -9.30
N ALA A 342 -14.28 23.52 -8.98
CA ALA A 342 -13.64 22.55 -9.87
C ALA A 342 -14.43 21.26 -10.02
N ASN A 343 -15.19 20.86 -9.00
CA ASN A 343 -15.91 19.60 -9.06
C ASN A 343 -17.25 19.72 -9.72
N ARG A 344 -17.71 20.94 -9.97
CA ARG A 344 -18.86 21.15 -10.85
C ARG A 344 -18.43 21.30 -12.30
N LEU A 345 -17.13 21.54 -12.54
CA LEU A 345 -16.53 21.55 -13.87
C LEU A 345 -16.69 20.18 -14.55
N ASP B 3 -10.06 0.12 -37.16
CA ASP B 3 -8.95 -0.41 -37.95
C ASP B 3 -8.14 -1.45 -37.19
N ASN B 4 -8.73 -1.95 -36.11
CA ASN B 4 -8.17 -3.05 -35.32
C ASN B 4 -8.49 -4.43 -35.87
N VAL B 5 -9.64 -4.60 -36.52
CA VAL B 5 -9.99 -5.88 -37.14
C VAL B 5 -8.98 -6.22 -38.24
N ALA B 6 -8.74 -5.28 -39.15
CA ALA B 6 -7.78 -5.46 -40.23
C ALA B 6 -6.38 -5.75 -39.68
N TRP B 7 -5.97 -4.99 -38.65
CA TRP B 7 -4.63 -5.10 -38.06
C TRP B 7 -4.35 -6.50 -37.51
N PHE B 8 -5.35 -7.16 -36.91
CA PHE B 8 -5.15 -8.47 -36.30
C PHE B 8 -4.88 -9.54 -37.34
N LYS B 9 -5.52 -9.45 -38.50
CA LYS B 9 -5.30 -10.41 -39.57
C LYS B 9 -3.82 -10.54 -39.99
N GLN B 10 -2.97 -9.54 -39.73
CA GLN B 10 -1.58 -9.62 -40.16
C GLN B 10 -0.56 -9.73 -39.03
N ALA B 11 -1.00 -9.79 -37.76
CA ALA B 11 -0.10 -9.68 -36.60
C ALA B 11 0.74 -10.93 -36.36
N LYS B 12 0.14 -12.12 -36.44
CA LYS B 12 0.86 -13.39 -36.55
C LYS B 12 1.39 -13.93 -35.23
N TYR B 13 1.79 -13.07 -34.29
CA TYR B 13 2.64 -13.49 -33.18
C TYR B 13 2.44 -12.54 -32.02
N GLY B 14 2.16 -13.10 -30.83
CA GLY B 14 2.01 -12.29 -29.65
C GLY B 14 2.65 -12.97 -28.46
N MET B 15 3.01 -12.16 -27.48
CA MET B 15 3.47 -12.64 -26.18
C MET B 15 2.34 -12.60 -25.16
N MET B 16 2.16 -13.71 -24.43
CA MET B 16 1.28 -13.75 -23.26
C MET B 16 2.14 -13.84 -22.01
N ILE B 17 1.72 -13.18 -20.92
CA ILE B 17 2.43 -13.22 -19.64
C ILE B 17 1.49 -13.74 -18.55
N HIS B 18 1.86 -14.85 -17.93
CA HIS B 18 1.26 -15.29 -16.67
C HIS B 18 2.22 -14.91 -15.55
N TRP B 19 1.71 -14.26 -14.51
CA TRP B 19 2.49 -13.83 -13.37
C TRP B 19 1.57 -13.54 -12.20
N GLY B 20 1.95 -14.00 -11.03
CA GLY B 20 1.20 -13.69 -9.83
C GLY B 20 1.90 -14.30 -8.62
N LEU B 21 1.16 -14.41 -7.52
CA LEU B 21 1.76 -14.93 -6.29
C LEU B 21 2.30 -16.33 -6.52
N TYR B 22 1.62 -17.10 -7.36
CA TYR B 22 2.00 -18.48 -7.62
C TYR B 22 3.44 -18.58 -8.11
N SER B 23 3.91 -17.56 -8.83
CA SER B 23 5.28 -17.59 -9.35
C SER B 23 6.32 -17.77 -8.25
N LEU B 24 6.06 -17.33 -7.02
CA LEU B 24 7.12 -17.50 -6.02
C LEU B 24 7.19 -18.94 -5.57
N LEU B 25 6.05 -19.62 -5.44
CA LEU B 25 6.10 -21.03 -5.12
C LEU B 25 6.66 -21.84 -6.28
N ALA B 26 6.45 -21.39 -7.52
CA ALA B 26 7.10 -21.95 -8.70
C ALA B 26 6.96 -23.47 -8.80
N GLY B 27 5.77 -23.98 -8.52
CA GLY B 27 5.50 -25.36 -8.88
C GLY B 27 5.89 -26.33 -7.79
N GLU B 28 6.18 -25.81 -6.60
CA GLU B 28 6.75 -26.52 -5.46
C GLU B 28 5.96 -26.08 -4.24
N TYR B 29 5.60 -27.03 -3.40
CA TYR B 29 4.94 -26.68 -2.14
C TYR B 29 5.36 -27.69 -1.10
N ARG B 30 6.02 -27.22 -0.05
CA ARG B 30 6.44 -28.04 1.08
C ARG B 30 7.02 -29.37 0.56
N GLY B 31 7.99 -29.26 -0.35
CA GLY B 31 8.77 -30.41 -0.77
C GLY B 31 8.13 -31.28 -1.86
N GLU B 32 6.97 -30.90 -2.39
CA GLU B 32 6.16 -31.69 -3.31
C GLU B 32 5.84 -30.90 -4.57
N SER B 33 5.71 -31.62 -5.69
CA SER B 33 5.47 -31.01 -6.99
C SER B 33 4.01 -30.64 -7.21
N SER B 34 3.79 -29.43 -7.73
CA SER B 34 2.56 -29.06 -8.41
C SER B 34 2.26 -30.01 -9.58
N SER B 35 1.05 -29.90 -10.12
CA SER B 35 0.74 -30.42 -11.44
C SER B 35 1.53 -29.76 -12.58
N ALA B 36 1.27 -30.19 -13.82
CA ALA B 36 1.79 -29.52 -15.01
C ALA B 36 1.57 -28.01 -15.04
N TYR B 37 0.51 -27.52 -14.42
CA TYR B 37 0.14 -26.11 -14.42
C TYR B 37 0.49 -25.45 -13.08
N ALA B 38 1.66 -24.81 -13.02
CA ALA B 38 2.11 -24.18 -11.78
C ALA B 38 1.21 -23.03 -11.33
N GLU B 39 0.55 -22.33 -12.26
CA GLU B 39 -0.27 -21.19 -11.85
C GLU B 39 -1.52 -21.66 -11.12
N TRP B 40 -1.86 -22.93 -11.27
CA TRP B 40 -2.98 -23.60 -10.62
C TRP B 40 -2.65 -24.14 -9.24
N ILE B 41 -1.45 -23.87 -8.72
CA ILE B 41 -0.92 -24.58 -7.56
C ILE B 41 -1.84 -24.46 -6.35
N GLN B 42 -2.53 -23.32 -6.20
CA GLN B 42 -3.39 -23.11 -5.03
C GLN B 42 -4.50 -24.17 -4.98
N SER B 43 -5.10 -24.48 -6.14
CA SER B 43 -6.17 -25.47 -6.24
C SER B 43 -5.65 -26.88 -6.01
N LYS B 44 -4.51 -27.18 -6.60
CA LYS B 44 -3.88 -28.50 -6.49
C LYS B 44 -3.82 -28.93 -5.02
N PHE B 45 -3.47 -28.01 -4.14
CA PHE B 45 -3.29 -28.32 -2.71
C PHE B 45 -4.40 -27.72 -1.85
N GLN B 46 -5.41 -27.08 -2.46
CA GLN B 46 -6.54 -26.46 -1.73
C GLN B 46 -6.02 -25.57 -0.60
N ILE B 47 -5.08 -24.70 -0.97
CA ILE B 47 -4.43 -23.75 -0.05
C ILE B 47 -5.35 -22.64 0.45
N PRO B 48 -5.58 -22.57 1.76
CA PRO B 48 -6.39 -21.48 2.31
C PRO B 48 -5.87 -20.11 1.88
N ASN B 49 -6.80 -19.19 1.61
CA ASN B 49 -6.44 -17.83 1.19
C ASN B 49 -5.49 -17.13 2.18
N ALA B 50 -5.69 -17.34 3.48
CA ALA B 50 -4.86 -16.69 4.50
C ALA B 50 -3.38 -16.94 4.31
N GLU B 51 -3.01 -18.19 4.04
CA GLU B 51 -1.61 -18.55 3.89
C GLU B 51 -1.11 -18.06 2.54
N TYR B 52 -1.81 -18.43 1.47
CA TYR B 52 -1.41 -18.08 0.10
C TYR B 52 -1.21 -16.58 -0.04
N GLY B 53 -2.20 -15.79 0.39
CA GLY B 53 -2.05 -14.35 0.35
C GLY B 53 -0.78 -13.85 1.02
N ASN B 54 -0.33 -14.53 2.06
CA ASN B 54 0.88 -14.10 2.77
C ASN B 54 2.11 -14.07 1.87
N LEU B 55 2.11 -14.83 0.77
CA LEU B 55 3.23 -14.79 -0.19
C LEU B 55 3.48 -13.36 -0.65
N ALA B 56 2.42 -12.55 -0.72
CA ALA B 56 2.53 -11.17 -1.16
C ALA B 56 3.60 -10.45 -0.37
N THR B 57 3.79 -10.81 0.90
CA THR B 57 4.76 -10.11 1.74
C THR B 57 6.19 -10.40 1.30
N ALA B 58 6.40 -11.47 0.54
CA ALA B 58 7.73 -11.87 0.05
C ALA B 58 7.95 -11.44 -1.39
N PHE B 59 6.89 -10.95 -2.04
CA PHE B 59 6.87 -10.59 -3.45
C PHE B 59 7.58 -9.26 -3.65
N ASN B 60 8.86 -9.33 -4.03
CA ASN B 60 9.70 -8.16 -4.26
C ASN B 60 10.55 -8.36 -5.51
N PRO B 61 9.91 -8.40 -6.69
CA PRO B 61 10.64 -8.74 -7.92
C PRO B 61 11.55 -7.60 -8.35
N LEU B 62 12.71 -7.55 -7.70
CA LEU B 62 13.68 -6.47 -7.90
C LEU B 62 14.04 -6.22 -9.37
N TYR B 63 13.90 -7.22 -10.24
CA TYR B 63 14.40 -7.16 -11.60
C TYR B 63 13.31 -6.98 -12.66
N PHE B 64 12.06 -6.84 -12.24
CA PHE B 64 10.97 -6.54 -13.17
C PHE B 64 11.28 -5.29 -13.97
N ASP B 65 11.09 -5.39 -15.28
CA ASP B 65 11.41 -4.28 -16.19
C ASP B 65 10.53 -4.42 -17.44
N ALA B 66 9.38 -3.73 -17.40
CA ALA B 66 8.45 -3.74 -18.52
C ALA B 66 9.13 -3.36 -19.82
N LYS B 67 9.97 -2.33 -19.81
CA LYS B 67 10.72 -1.92 -21.00
C LYS B 67 11.47 -3.08 -21.62
N LYS B 68 12.25 -3.79 -20.81
CA LYS B 68 13.07 -4.86 -21.35
C LYS B 68 12.19 -5.98 -21.88
N ILE B 69 11.08 -6.26 -21.20
CA ILE B 69 10.16 -7.32 -21.65
C ILE B 69 9.60 -6.96 -23.02
N VAL B 70 9.19 -5.70 -23.21
CA VAL B 70 8.57 -5.31 -24.48
C VAL B 70 9.62 -5.36 -25.58
N ALA B 71 10.85 -4.96 -25.26
CA ALA B 71 11.96 -5.04 -26.21
C ALA B 71 12.10 -6.46 -26.74
N LEU B 72 12.08 -7.45 -25.86
CA LEU B 72 12.19 -8.85 -26.30
C LEU B 72 11.05 -9.19 -27.26
N ALA B 73 9.81 -8.92 -26.82
CA ALA B 73 8.63 -9.14 -27.66
C ALA B 73 8.82 -8.51 -29.02
N LYS B 74 9.26 -7.25 -29.03
CA LYS B 74 9.42 -6.50 -30.26
C LYS B 74 10.47 -7.15 -31.15
N GLN B 75 11.59 -7.55 -30.55
CA GLN B 75 12.69 -8.19 -31.26
C GLN B 75 12.30 -9.52 -31.88
N CYS B 76 11.35 -10.23 -31.27
CA CYS B 76 10.90 -11.53 -31.75
C CYS B 76 9.82 -11.41 -32.82
N GLY B 77 9.44 -10.19 -33.16
CA GLY B 77 8.45 -9.93 -34.18
C GLY B 77 7.04 -10.06 -33.68
N MET B 78 6.85 -10.00 -32.36
CA MET B 78 5.53 -10.02 -31.76
C MET B 78 4.93 -8.63 -31.88
N GLN B 79 3.67 -8.55 -32.32
CA GLN B 79 3.04 -7.26 -32.60
C GLN B 79 2.11 -6.79 -31.49
N TYR B 80 1.84 -7.63 -30.49
CA TYR B 80 1.04 -7.24 -29.34
C TYR B 80 1.47 -8.11 -28.16
N LEU B 81 1.06 -7.67 -26.97
CA LEU B 81 1.41 -8.32 -25.72
C LEU B 81 0.17 -8.39 -24.83
N VAL B 82 -0.16 -9.59 -24.37
CA VAL B 82 -1.27 -9.83 -23.46
C VAL B 82 -0.73 -10.22 -22.08
N VAL B 83 -1.42 -9.77 -21.02
CA VAL B 83 -0.97 -10.03 -19.66
C VAL B 83 -2.13 -10.45 -18.78
N THR B 84 -1.84 -11.34 -17.83
CA THR B 84 -2.74 -11.69 -16.73
C THR B 84 -2.94 -10.49 -15.83
N THR B 85 -4.12 -9.85 -15.88
CA THR B 85 -4.43 -8.83 -14.89
C THR B 85 -4.82 -9.47 -13.58
N LYS B 86 -5.48 -10.61 -13.64
CA LYS B 86 -5.93 -11.35 -12.46
C LYS B 86 -6.35 -12.74 -12.91
N HIS B 87 -5.65 -13.73 -12.36
CA HIS B 87 -5.84 -15.14 -12.65
C HIS B 87 -6.73 -15.76 -11.59
N HIS B 88 -6.88 -17.08 -11.64
CA HIS B 88 -7.80 -17.81 -10.76
C HIS B 88 -7.54 -17.52 -9.29
N ASP B 89 -6.30 -17.18 -8.92
CA ASP B 89 -6.00 -16.99 -7.50
C ASP B 89 -6.66 -15.74 -6.96
N GLY B 90 -7.08 -14.84 -7.85
CA GLY B 90 -7.95 -13.75 -7.50
C GLY B 90 -7.16 -12.55 -7.09
N PHE B 91 -5.85 -12.62 -7.28
CA PHE B 91 -4.92 -11.56 -6.94
C PHE B 91 -4.83 -10.62 -8.13
N ALA B 92 -5.17 -9.36 -7.91
CA ALA B 92 -5.13 -8.39 -8.99
C ALA B 92 -3.69 -7.92 -9.17
N MET B 93 -3.23 -7.85 -10.42
CA MET B 93 -1.88 -7.38 -10.76
C MET B 93 -1.89 -5.92 -11.18
N TYR B 94 -2.92 -5.20 -10.79
CA TYR B 94 -3.04 -3.76 -10.94
C TYR B 94 -3.54 -3.12 -9.65
N HIS B 95 -3.51 -1.79 -9.61
CA HIS B 95 -3.90 -1.05 -8.40
C HIS B 95 -5.43 -0.95 -8.40
N SER B 96 -6.07 -2.00 -7.85
CA SER B 96 -7.52 -2.09 -7.79
C SER B 96 -8.10 -1.26 -6.64
N LYS B 97 -9.00 -0.34 -6.97
CA LYS B 97 -9.74 0.40 -5.94
C LYS B 97 -10.65 -0.52 -5.16
N VAL B 98 -11.33 -1.44 -5.86
CA VAL B 98 -12.42 -2.22 -5.28
C VAL B 98 -11.93 -3.36 -4.38
N ASP B 99 -10.72 -3.86 -4.56
CA ASP B 99 -10.27 -5.02 -3.79
C ASP B 99 -8.78 -4.91 -3.51
N ALA B 100 -8.43 -4.90 -2.22
CA ALA B 100 -7.07 -4.73 -1.76
C ALA B 100 -6.25 -6.01 -1.93
N TYR B 101 -6.86 -7.11 -2.31
CA TYR B 101 -6.08 -8.31 -2.62
C TYR B 101 -5.41 -8.08 -3.97
N ASN B 102 -4.37 -7.25 -3.99
CA ASN B 102 -3.69 -6.88 -5.23
C ASN B 102 -2.24 -6.49 -4.96
N VAL B 103 -1.42 -6.61 -6.00
CA VAL B 103 0.02 -6.32 -5.97
C VAL B 103 0.37 -4.95 -5.37
N TYR B 104 -0.42 -3.91 -5.68
CA TYR B 104 -0.05 -2.55 -5.28
C TYR B 104 -0.17 -2.35 -3.78
N ASP B 105 -1.27 -2.79 -3.17
CA ASP B 105 -1.53 -2.45 -1.78
C ASP B 105 -0.89 -3.44 -0.81
N ALA B 106 -0.67 -4.68 -1.23
CA ALA B 106 -0.38 -5.81 -0.35
C ALA B 106 1.09 -6.23 -0.36
N THR B 107 1.93 -5.68 -1.25
CA THR B 107 3.27 -6.21 -1.48
C THR B 107 4.32 -5.13 -1.27
N PRO B 108 5.51 -5.53 -0.84
CA PRO B 108 6.62 -4.55 -0.74
C PRO B 108 6.88 -3.82 -2.05
N PHE B 109 6.72 -4.52 -3.16
CA PHE B 109 7.02 -3.95 -4.46
C PHE B 109 6.28 -2.62 -4.65
N HIS B 110 4.97 -2.60 -4.30
CA HIS B 110 4.16 -1.38 -4.25
C HIS B 110 4.14 -0.64 -5.59
N ARG B 111 3.87 -1.39 -6.67
CA ARG B 111 3.89 -0.86 -8.03
C ARG B 111 2.80 -1.54 -8.86
N ASP B 112 2.30 -0.82 -9.87
CA ASP B 112 1.22 -1.32 -10.72
C ASP B 112 1.86 -2.03 -11.90
N ILE B 113 1.91 -3.36 -11.84
CA ILE B 113 2.55 -4.15 -12.88
C ILE B 113 1.86 -3.95 -14.23
N ILE B 114 0.52 -4.04 -14.25
CA ILE B 114 -0.21 -3.90 -15.53
C ILE B 114 0.02 -2.52 -16.13
N GLY B 115 -0.04 -1.48 -15.29
CA GLY B 115 0.24 -0.12 -15.72
C GLY B 115 1.58 0.00 -16.43
N GLU B 116 2.64 -0.46 -15.76
CA GLU B 116 3.99 -0.28 -16.29
C GLU B 116 4.14 -0.98 -17.64
N LEU B 117 3.55 -2.17 -17.78
CA LEU B 117 3.60 -2.88 -19.04
C LEU B 117 2.80 -2.16 -20.12
N ALA B 118 1.59 -1.71 -19.78
CA ALA B 118 0.76 -0.99 -20.74
C ALA B 118 1.44 0.25 -21.31
N GLU B 119 2.07 1.06 -20.46
CA GLU B 119 2.72 2.26 -20.99
C GLU B 119 3.88 1.87 -21.88
N ALA B 120 4.76 0.98 -21.38
CA ALA B 120 5.96 0.57 -22.10
C ALA B 120 5.60 0.07 -23.50
N CYS B 121 4.48 -0.67 -23.61
CA CYS B 121 4.01 -1.18 -24.89
C CYS B 121 3.59 -0.06 -25.82
N GLN B 122 2.78 0.88 -25.30
CA GLN B 122 2.35 2.05 -26.07
C GLN B 122 3.58 2.69 -26.71
N LYS B 123 4.64 2.93 -25.91
CA LYS B 123 5.80 3.68 -26.37
C LYS B 123 6.55 2.91 -27.44
N ALA B 124 6.55 1.58 -27.32
CA ALA B 124 7.25 0.69 -28.24
C ALA B 124 6.42 0.45 -29.49
N GLY B 125 5.15 0.85 -29.47
CA GLY B 125 4.20 0.61 -30.54
C GLY B 125 3.75 -0.83 -30.57
N LEU B 126 3.58 -1.44 -29.41
CA LEU B 126 3.02 -2.76 -29.30
C LEU B 126 1.59 -2.59 -28.78
N LYS B 127 0.63 -3.30 -29.34
CA LYS B 127 -0.72 -3.37 -28.76
C LYS B 127 -0.71 -4.04 -27.40
N PHE B 128 -1.79 -3.81 -26.64
CA PHE B 128 -1.88 -4.24 -25.25
C PHE B 128 -3.21 -4.95 -24.97
N GLY B 129 -3.12 -6.22 -24.59
CA GLY B 129 -4.26 -7.03 -24.23
C GLY B 129 -4.29 -7.34 -22.73
N LEU B 130 -5.45 -7.80 -22.27
CA LEU B 130 -5.64 -8.12 -20.86
C LEU B 130 -6.19 -9.53 -20.81
N TYR B 131 -5.71 -10.33 -19.85
CA TYR B 131 -6.34 -11.59 -19.50
C TYR B 131 -7.08 -11.36 -18.19
N TYR B 132 -8.28 -11.94 -18.06
CA TYR B 132 -8.98 -11.83 -16.80
C TYR B 132 -9.78 -13.09 -16.54
N SER B 133 -9.64 -13.63 -15.33
CA SER B 133 -10.38 -14.81 -14.88
C SER B 133 -11.75 -14.35 -14.39
N GLN B 134 -12.73 -14.28 -15.31
CA GLN B 134 -13.99 -13.72 -14.83
C GLN B 134 -14.71 -14.70 -13.92
N ASP B 135 -14.26 -15.94 -13.92
CA ASP B 135 -14.84 -17.10 -13.26
C ASP B 135 -13.74 -17.58 -12.30
N LEU B 136 -14.00 -18.69 -11.60
CA LEU B 136 -13.02 -19.32 -10.71
C LEU B 136 -12.17 -18.32 -9.90
N ASP B 137 -12.83 -17.44 -9.16
CA ASP B 137 -12.14 -16.53 -8.23
C ASP B 137 -11.93 -17.16 -6.85
N TRP B 138 -10.72 -17.67 -6.62
CA TRP B 138 -10.49 -18.43 -5.40
C TRP B 138 -10.51 -17.53 -4.17
N HIS B 139 -10.41 -16.20 -4.31
CA HIS B 139 -10.44 -15.32 -3.14
C HIS B 139 -11.85 -14.93 -2.66
N ASP B 140 -12.87 -14.96 -3.54
CA ASP B 140 -14.26 -14.48 -3.38
C ASP B 140 -15.22 -15.57 -2.93
N PRO B 141 -15.97 -15.35 -1.82
CA PRO B 141 -16.96 -16.33 -1.35
C PRO B 141 -17.79 -16.99 -2.44
N ASN B 142 -18.12 -16.27 -3.50
CA ASN B 142 -18.99 -16.82 -4.53
C ASN B 142 -18.17 -17.00 -5.79
N GLY B 143 -18.79 -17.63 -6.78
CA GLY B 143 -18.16 -17.75 -8.07
C GLY B 143 -17.20 -18.91 -8.16
N GLY B 144 -16.99 -19.38 -9.39
CA GLY B 144 -16.11 -20.50 -9.58
C GLY B 144 -16.77 -21.67 -10.28
N GLY B 145 -17.62 -21.41 -11.28
CA GLY B 145 -18.13 -22.48 -12.09
C GLY B 145 -18.82 -23.56 -11.28
N TYR B 146 -19.74 -23.18 -10.37
CA TYR B 146 -20.12 -24.11 -9.32
C TYR B 146 -21.20 -25.09 -9.74
N LYS B 147 -21.76 -24.96 -10.95
CA LYS B 147 -22.74 -25.90 -11.47
C LYS B 147 -22.09 -26.96 -12.36
N SER B 148 -20.78 -26.81 -12.58
CA SER B 148 -19.87 -27.56 -13.43
C SER B 148 -18.67 -28.05 -12.63
N ASN B 149 -18.89 -28.48 -11.38
CA ASN B 149 -17.81 -28.84 -10.47
C ASN B 149 -17.40 -30.30 -10.54
N ASP B 150 -18.09 -31.11 -11.33
CA ASP B 150 -17.73 -32.51 -11.49
C ASP B 150 -16.43 -32.71 -12.28
N VAL B 151 -16.18 -31.88 -13.30
CA VAL B 151 -15.06 -32.14 -14.21
C VAL B 151 -13.73 -31.80 -13.54
N GLU B 152 -12.69 -32.56 -13.88
CA GLU B 152 -11.38 -32.43 -13.26
C GLU B 152 -10.58 -31.31 -13.91
N THR B 153 -9.68 -30.74 -13.12
CA THR B 153 -8.82 -29.60 -13.42
C THR B 153 -7.35 -30.03 -13.24
N ALA B 154 -6.46 -29.05 -13.40
CA ALA B 154 -5.04 -29.24 -13.13
C ALA B 154 -4.73 -29.13 -11.65
N GLY B 155 -5.75 -28.93 -10.83
CA GLY B 155 -5.64 -28.88 -9.39
C GLY B 155 -6.55 -29.91 -8.76
N THR B 156 -7.52 -29.44 -7.98
CA THR B 156 -8.58 -30.31 -7.49
C THR B 156 -9.90 -29.88 -8.12
N THR B 157 -10.80 -29.34 -7.31
CA THR B 157 -12.04 -28.76 -7.82
C THR B 157 -11.75 -27.49 -8.63
N TRP B 158 -12.74 -27.08 -9.44
CA TRP B 158 -12.58 -25.87 -10.24
C TRP B 158 -12.66 -24.61 -9.38
N ASP B 159 -13.55 -24.60 -8.40
CA ASP B 159 -13.79 -23.48 -7.49
C ASP B 159 -13.02 -23.62 -6.19
N ASN B 160 -13.04 -22.53 -5.42
CA ASN B 160 -12.55 -22.53 -4.05
C ASN B 160 -13.57 -23.22 -3.15
N SER B 161 -13.43 -24.55 -3.05
CA SER B 161 -14.31 -25.41 -2.25
C SER B 161 -13.84 -25.60 -0.80
N TRP B 162 -12.67 -25.07 -0.43
CA TRP B 162 -12.12 -25.27 0.92
C TRP B 162 -12.45 -24.10 1.85
N ASP B 163 -12.08 -22.88 1.49
CA ASP B 163 -12.47 -21.73 2.29
C ASP B 163 -13.98 -21.52 2.25
N PHE B 164 -14.61 -21.79 1.10
CA PHE B 164 -16.04 -21.57 0.86
C PHE B 164 -16.72 -22.88 0.42
N PRO B 165 -17.04 -23.78 1.36
CA PRO B 165 -17.57 -25.09 0.96
C PRO B 165 -19.08 -25.19 0.87
N ASP B 166 -19.86 -24.17 1.24
CA ASP B 166 -21.32 -24.28 1.19
C ASP B 166 -21.79 -24.26 -0.26
N GLU B 167 -21.44 -25.31 -0.99
CA GLU B 167 -21.67 -25.39 -2.43
C GLU B 167 -23.12 -25.11 -2.79
N ASP B 168 -24.06 -25.73 -2.08
CA ASP B 168 -25.45 -25.66 -2.54
C ASP B 168 -26.06 -24.28 -2.28
N GLN B 169 -25.73 -23.63 -1.17
CA GLN B 169 -26.37 -22.34 -0.92
C GLN B 169 -25.56 -21.13 -1.40
N LYS B 170 -24.54 -21.32 -2.24
CA LYS B 170 -23.82 -20.16 -2.75
C LYS B 170 -24.44 -19.78 -4.09
N ASN B 171 -24.45 -18.49 -4.41
CA ASN B 171 -25.02 -18.07 -5.68
C ASN B 171 -24.21 -16.91 -6.25
N PHE B 172 -23.43 -17.24 -7.28
CA PHE B 172 -22.49 -16.44 -8.07
C PHE B 172 -22.72 -14.93 -8.16
N ASP B 173 -23.99 -14.51 -8.16
CA ASP B 173 -24.35 -13.10 -8.30
C ASP B 173 -23.61 -12.16 -7.35
N LEU B 174 -23.53 -12.47 -6.06
CA LEU B 174 -22.76 -11.63 -5.14
C LEU B 174 -21.31 -11.45 -5.56
N CYS B 175 -20.71 -12.46 -6.19
CA CYS B 175 -19.32 -12.36 -6.63
C CYS B 175 -19.21 -11.49 -7.89
N PHE B 176 -20.09 -11.75 -8.87
CA PHE B 176 -20.07 -11.02 -10.14
C PHE B 176 -20.19 -9.52 -9.89
N ASP B 177 -21.15 -9.11 -9.05
CA ASP B 177 -21.46 -7.70 -8.83
C ASP B 177 -20.32 -6.99 -8.10
N ASN B 178 -19.70 -7.66 -7.13
CA ASN B 178 -18.80 -7.00 -6.20
C ASN B 178 -17.35 -7.07 -6.64
N LYS B 179 -16.93 -8.09 -7.38
CA LYS B 179 -15.51 -8.15 -7.73
C LYS B 179 -15.27 -8.19 -9.23
N ILE B 180 -15.86 -9.14 -9.97
CA ILE B 180 -15.43 -9.37 -11.35
C ILE B 180 -15.74 -8.13 -12.19
N LEU B 181 -17.02 -7.85 -12.39
CA LEU B 181 -17.39 -6.73 -13.25
C LEU B 181 -16.84 -5.39 -12.73
N PRO B 182 -16.87 -5.09 -11.42
CA PRO B 182 -16.14 -3.89 -10.95
C PRO B 182 -14.70 -3.89 -11.42
N GLN B 183 -14.02 -5.02 -11.29
CA GLN B 183 -12.62 -5.11 -11.67
C GLN B 183 -12.46 -4.99 -13.19
N ILE B 184 -13.38 -5.57 -13.96
CA ILE B 184 -13.31 -5.47 -15.42
C ILE B 184 -13.43 -4.02 -15.89
N LYS B 185 -14.34 -3.26 -15.28
CA LYS B 185 -14.43 -1.83 -15.59
C LYS B 185 -13.10 -1.13 -15.33
N GLU B 186 -12.46 -1.45 -14.21
CA GLU B 186 -11.19 -0.83 -13.83
C GLU B 186 -10.18 -0.98 -14.97
N ILE B 187 -9.94 -2.22 -15.40
CA ILE B 187 -8.88 -2.52 -16.36
C ILE B 187 -9.20 -1.99 -17.76
N MET B 188 -10.47 -1.84 -18.11
CA MET B 188 -10.86 -1.41 -19.46
C MET B 188 -10.91 0.10 -19.66
N SER B 189 -10.70 0.90 -18.61
CA SER B 189 -10.79 2.36 -18.63
C SER B 189 -9.43 3.01 -18.42
N ASN B 190 -8.64 2.46 -17.51
CA ASN B 190 -7.29 2.92 -17.24
C ASN B 190 -6.38 2.16 -18.20
N TYR B 191 -5.09 2.42 -18.17
CA TYR B 191 -4.11 1.62 -18.90
C TYR B 191 -4.29 1.79 -20.41
N GLY B 192 -5.02 2.83 -20.79
CA GLY B 192 -5.16 3.35 -22.13
C GLY B 192 -5.91 2.41 -23.06
N ASP B 193 -5.66 2.63 -24.34
CA ASP B 193 -6.30 1.83 -25.38
C ASP B 193 -5.99 0.35 -25.21
N ILE B 194 -7.04 -0.46 -25.11
CA ILE B 194 -6.88 -1.91 -25.00
C ILE B 194 -7.36 -2.59 -26.29
N ALA B 195 -6.41 -3.16 -27.02
CA ALA B 195 -6.69 -3.67 -28.36
C ALA B 195 -7.33 -5.06 -28.34
N THR B 196 -7.04 -5.85 -27.29
CA THR B 196 -7.39 -7.26 -27.20
C THR B 196 -7.81 -7.61 -25.77
N ALA B 197 -8.80 -8.52 -25.65
CA ALA B 197 -9.32 -8.99 -24.36
C ALA B 197 -9.50 -10.50 -24.28
N TRP B 198 -8.95 -11.12 -23.22
CA TRP B 198 -8.80 -12.57 -23.05
C TRP B 198 -9.51 -13.04 -21.76
N PHE B 199 -10.66 -13.68 -21.88
CA PHE B 199 -11.33 -14.27 -20.72
C PHE B 199 -11.26 -15.80 -20.76
N ALA B 200 -11.33 -16.37 -19.55
CA ALA B 200 -11.17 -17.80 -19.29
C ALA B 200 -12.45 -18.54 -19.66
N VAL B 201 -12.65 -19.75 -19.16
CA VAL B 201 -13.74 -20.60 -19.64
C VAL B 201 -15.00 -20.23 -18.87
N PRO B 202 -16.04 -19.70 -19.54
CA PRO B 202 -17.28 -19.45 -18.78
C PRO B 202 -17.80 -20.77 -18.23
N MET B 203 -18.07 -20.84 -16.93
CA MET B 203 -18.87 -21.93 -16.38
C MET B 203 -20.18 -21.43 -15.78
N THR B 204 -20.14 -20.28 -15.10
CA THR B 204 -21.22 -19.87 -14.22
C THR B 204 -21.91 -18.68 -14.84
N LEU B 205 -21.25 -18.09 -15.81
CA LEU B 205 -21.68 -16.85 -16.39
C LEU B 205 -22.93 -17.17 -17.19
N SER B 206 -24.06 -16.69 -16.70
CA SER B 206 -25.31 -16.78 -17.43
C SER B 206 -25.15 -16.09 -18.78
N GLU B 207 -26.08 -16.36 -19.69
CA GLU B 207 -26.06 -15.62 -20.94
C GLU B 207 -26.09 -14.12 -20.68
N ALA B 208 -26.94 -13.68 -19.75
CA ALA B 208 -26.96 -12.29 -19.30
C ALA B 208 -25.54 -11.79 -19.01
N GLN B 209 -24.87 -12.42 -18.03
CA GLN B 209 -23.54 -12.01 -17.59
C GLN B 209 -22.54 -11.97 -18.73
N SER B 210 -22.59 -12.96 -19.63
CA SER B 210 -21.73 -12.92 -20.81
C SER B 210 -22.02 -11.65 -21.62
N GLN B 211 -23.30 -11.41 -21.90
CA GLN B 211 -23.71 -10.20 -22.62
C GLN B 211 -23.27 -8.93 -21.89
N THR B 212 -23.43 -8.90 -20.56
CA THR B 212 -23.11 -7.71 -19.77
C THR B 212 -21.68 -7.25 -20.02
N ILE B 213 -20.73 -8.16 -19.87
CA ILE B 213 -19.32 -7.84 -20.04
C ILE B 213 -19.04 -7.32 -21.44
N TYR B 214 -19.52 -8.03 -22.46
CA TYR B 214 -19.40 -7.62 -23.86
C TYR B 214 -19.73 -6.14 -24.08
N ASP B 215 -20.95 -5.74 -23.73
CA ASP B 215 -21.39 -4.35 -23.89
C ASP B 215 -20.44 -3.38 -23.21
N THR B 216 -20.10 -3.65 -21.95
CA THR B 216 -19.21 -2.78 -21.18
C THR B 216 -17.92 -2.54 -21.95
N VAL B 217 -17.38 -3.58 -22.60
CA VAL B 217 -16.10 -3.46 -23.30
C VAL B 217 -16.30 -2.63 -24.58
N ARG B 218 -17.36 -2.90 -25.33
CA ARG B 218 -17.64 -2.17 -26.56
C ARG B 218 -17.72 -0.66 -26.31
N GLU B 219 -18.47 -0.25 -25.29
CA GLU B 219 -18.60 1.17 -25.01
C GLU B 219 -17.27 1.80 -24.61
N LEU B 220 -16.43 1.06 -23.89
CA LEU B 220 -15.21 1.62 -23.31
C LEU B 220 -14.04 1.63 -24.29
N GLN B 221 -13.95 0.61 -25.15
CA GLN B 221 -12.83 0.39 -26.06
C GLN B 221 -13.38 0.00 -27.42
N PRO B 222 -14.01 0.96 -28.15
CA PRO B 222 -14.67 0.63 -29.42
C PRO B 222 -13.92 -0.35 -30.32
N ASN B 223 -12.60 -0.25 -30.42
CA ASN B 223 -11.90 -1.07 -31.39
C ASN B 223 -11.36 -2.35 -30.78
N CYS B 224 -11.59 -2.59 -29.48
CA CYS B 224 -11.07 -3.77 -28.78
C CYS B 224 -11.73 -5.06 -29.28
N LEU B 225 -10.91 -5.95 -29.85
CA LEU B 225 -11.30 -7.29 -30.28
C LEU B 225 -11.41 -8.29 -29.13
N ILE B 226 -12.49 -9.07 -29.10
CA ILE B 226 -12.83 -9.92 -27.95
C ILE B 226 -12.74 -11.41 -28.34
N ASN B 227 -12.08 -12.19 -27.48
CA ASN B 227 -11.85 -13.63 -27.59
C ASN B 227 -13.17 -14.40 -27.38
N SER B 228 -13.40 -15.43 -28.24
CA SER B 228 -14.59 -16.29 -28.29
C SER B 228 -15.05 -16.80 -26.93
N ARG B 229 -14.08 -17.06 -26.01
CA ARG B 229 -14.36 -17.67 -24.68
C ARG B 229 -15.50 -17.00 -23.92
N LEU B 230 -15.72 -15.67 -24.07
CA LEU B 230 -16.71 -14.94 -23.27
C LEU B 230 -18.08 -15.59 -23.31
N GLY B 231 -18.63 -15.74 -24.49
CA GLY B 231 -20.03 -16.13 -24.62
C GLY B 231 -20.50 -16.21 -26.06
N ASN B 232 -21.47 -17.08 -26.39
CA ASN B 232 -21.68 -17.42 -27.81
C ASN B 232 -22.36 -16.26 -28.53
N GLY B 233 -21.67 -15.65 -29.49
CA GLY B 233 -22.15 -14.48 -30.19
C GLY B 233 -21.51 -13.17 -29.78
N LYS B 234 -20.56 -13.17 -28.85
CA LYS B 234 -20.26 -12.01 -28.03
C LYS B 234 -18.74 -11.96 -27.90
N TYR B 235 -18.08 -11.73 -29.04
CA TYR B 235 -16.65 -11.97 -29.25
C TYR B 235 -16.28 -11.51 -30.66
N ASP B 236 -14.99 -11.44 -30.94
CA ASP B 236 -14.49 -10.96 -32.23
C ASP B 236 -13.59 -11.94 -32.95
N PHE B 237 -12.77 -12.70 -32.23
CA PHE B 237 -11.95 -13.77 -32.75
C PHE B 237 -12.20 -15.03 -31.92
N VAL B 238 -12.13 -16.19 -32.56
CA VAL B 238 -12.26 -17.46 -31.85
C VAL B 238 -10.88 -17.89 -31.37
N SER B 239 -10.75 -18.10 -30.05
CA SER B 239 -9.58 -18.76 -29.48
C SER B 239 -9.68 -20.26 -29.73
N LEU B 240 -8.72 -20.76 -30.50
CA LEU B 240 -8.50 -22.16 -30.87
C LEU B 240 -7.50 -22.93 -30.01
N GLY B 241 -7.82 -24.15 -29.67
CA GLY B 241 -6.96 -24.98 -28.86
C GLY B 241 -6.45 -25.99 -29.87
N ASP B 242 -5.14 -26.27 -29.83
CA ASP B 242 -4.49 -27.44 -30.43
C ASP B 242 -5.37 -28.36 -31.30
N ASN B 243 -6.39 -29.00 -30.73
CA ASN B 243 -7.27 -29.87 -31.53
C ASN B 243 -8.21 -29.14 -32.48
N GLU B 244 -8.29 -27.81 -32.52
CA GLU B 244 -9.14 -27.19 -33.52
C GLU B 244 -8.40 -26.73 -34.77
N ILE B 245 -7.11 -27.03 -34.90
CA ILE B 245 -6.44 -26.84 -36.18
C ILE B 245 -7.10 -27.69 -37.27
N PRO B 267 -17.84 -19.30 -35.63
CA PRO B 267 -17.14 -19.55 -36.90
C PRO B 267 -16.16 -18.43 -37.25
N SER B 268 -16.22 -17.34 -36.48
CA SER B 268 -15.51 -16.08 -36.69
C SER B 268 -15.87 -15.45 -38.03
N PRO B 269 -16.69 -14.39 -38.02
CA PRO B 269 -17.25 -13.85 -39.26
C PRO B 269 -16.28 -12.94 -39.98
N LEU B 270 -15.33 -12.39 -39.23
CA LEU B 270 -14.28 -11.50 -39.67
C LEU B 270 -13.05 -12.26 -40.17
N GLY B 271 -13.01 -13.58 -39.98
CA GLY B 271 -11.86 -14.37 -40.37
C GLY B 271 -10.67 -14.26 -39.45
N LEU B 272 -10.91 -14.00 -38.17
CA LEU B 272 -9.86 -13.79 -37.17
C LEU B 272 -9.77 -15.01 -36.25
N TYR B 273 -8.55 -15.52 -36.05
CA TYR B 273 -8.29 -16.75 -35.32
C TYR B 273 -7.03 -16.62 -34.46
N GLU B 274 -7.08 -17.20 -33.25
CA GLU B 274 -5.93 -17.26 -32.35
C GLU B 274 -5.83 -18.61 -31.64
N THR B 275 -4.60 -19.13 -31.58
CA THR B 275 -4.26 -20.25 -30.70
C THR B 275 -3.19 -19.80 -29.71
N ALA B 276 -3.44 -20.00 -28.41
CA ALA B 276 -2.46 -19.74 -27.37
C ALA B 276 -1.72 -21.01 -26.96
N GLY B 277 -0.38 -20.90 -26.80
CA GLY B 277 0.38 -21.95 -26.18
C GLY B 277 1.45 -21.38 -25.27
N THR B 278 2.09 -22.27 -24.50
CA THR B 278 3.30 -21.95 -23.76
C THR B 278 4.53 -22.69 -24.28
N ILE B 279 5.71 -22.16 -23.92
CA ILE B 279 6.98 -22.74 -24.34
C ILE B 279 7.31 -24.03 -23.61
N ASN B 280 7.26 -24.03 -22.29
CA ASN B 280 7.36 -25.30 -21.59
C ASN B 280 5.97 -25.83 -21.30
N ASP B 281 5.81 -26.64 -20.27
CA ASP B 281 4.53 -27.29 -20.06
C ASP B 281 3.68 -26.55 -19.03
N SER B 282 4.24 -25.53 -18.39
CA SER B 282 3.56 -24.77 -17.35
C SER B 282 3.26 -23.39 -17.89
N TRP B 283 2.19 -22.77 -17.38
CA TRP B 283 1.93 -21.36 -17.64
C TRP B 283 2.64 -20.45 -16.63
N GLY B 284 2.48 -20.76 -15.35
CA GLY B 284 3.24 -20.09 -14.33
C GLY B 284 4.66 -20.61 -14.27
N PHE B 285 5.57 -19.74 -13.85
CA PHE B 285 6.93 -20.17 -13.53
C PHE B 285 6.88 -21.44 -12.68
N SER B 286 7.72 -22.41 -13.04
CA SER B 286 7.88 -23.71 -12.36
C SER B 286 9.36 -24.07 -12.39
N TYR B 287 9.98 -24.00 -11.20
CA TYR B 287 11.39 -24.33 -10.99
C TYR B 287 11.81 -25.63 -11.70
N HIS B 288 11.00 -26.67 -11.51
CA HIS B 288 11.25 -28.05 -11.93
C HIS B 288 10.96 -28.35 -13.41
N ASP B 289 10.26 -27.46 -14.13
CA ASP B 289 9.81 -27.68 -15.52
C ASP B 289 10.81 -27.12 -16.51
N GLN B 290 11.73 -27.98 -16.96
CA GLN B 290 12.72 -27.65 -17.97
C GLN B 290 12.42 -28.23 -19.36
N ASN B 291 11.17 -28.56 -19.65
CA ASN B 291 10.82 -29.19 -20.92
C ASN B 291 10.48 -28.11 -21.97
N TRP B 292 11.44 -27.22 -22.19
CA TRP B 292 11.25 -26.12 -23.14
C TRP B 292 11.15 -26.67 -24.55
N LYS B 293 10.09 -26.29 -25.25
CA LYS B 293 10.03 -26.50 -26.70
C LYS B 293 11.26 -25.91 -27.37
N THR B 294 11.87 -26.69 -28.28
CA THR B 294 13.03 -26.27 -29.04
C THR B 294 12.74 -25.09 -29.96
N PRO B 295 13.76 -24.30 -30.31
CA PRO B 295 13.56 -23.25 -31.31
C PRO B 295 12.85 -23.80 -32.54
N ARG B 296 13.24 -24.99 -33.01
CA ARG B 296 12.61 -25.54 -34.21
C ARG B 296 11.13 -25.83 -33.96
N THR B 297 10.81 -26.34 -32.77
CA THR B 297 9.40 -26.56 -32.44
C THR B 297 8.64 -25.25 -32.42
N LEU B 298 9.19 -24.24 -31.72
CA LEU B 298 8.51 -22.95 -31.67
C LEU B 298 8.32 -22.41 -33.07
N TYR B 299 9.38 -22.38 -33.88
CA TYR B 299 9.29 -21.73 -35.18
C TYR B 299 8.30 -22.51 -36.06
N ARG B 300 8.48 -23.83 -36.17
CA ARG B 300 7.61 -24.64 -37.03
C ARG B 300 6.15 -24.46 -36.63
N TYR B 301 5.86 -24.48 -35.34
CA TYR B 301 4.48 -24.32 -34.89
C TYR B 301 3.96 -22.96 -35.35
N LYS B 302 4.73 -21.89 -35.07
CA LYS B 302 4.33 -20.55 -35.53
C LYS B 302 4.01 -20.60 -37.01
N GLN B 303 4.90 -21.21 -37.79
CA GLN B 303 4.73 -21.25 -39.24
C GLN B 303 3.43 -21.95 -39.62
N HIS B 304 3.15 -23.09 -38.97
CA HIS B 304 1.95 -23.85 -39.30
C HIS B 304 0.71 -23.00 -39.02
N LEU B 305 0.66 -22.38 -37.85
CA LEU B 305 -0.46 -21.52 -37.50
C LEU B 305 -0.61 -20.40 -38.54
N ASN B 306 0.51 -19.74 -38.87
CA ASN B 306 0.43 -18.61 -39.79
C ASN B 306 -0.10 -19.04 -41.16
N ASP B 307 0.33 -20.22 -41.65
CA ASP B 307 -0.14 -20.70 -42.95
C ASP B 307 -1.64 -20.93 -42.90
N PHE B 308 -2.20 -21.24 -41.72
CA PHE B 308 -3.64 -21.39 -41.53
C PHE B 308 -4.23 -20.08 -40.99
N GLY B 309 -3.50 -18.98 -41.10
CA GLY B 309 -3.87 -17.67 -40.60
C GLY B 309 -4.10 -17.52 -39.10
N ILE B 310 -4.03 -18.61 -38.34
CA ILE B 310 -4.19 -18.55 -36.89
C ILE B 310 -2.98 -17.88 -36.27
N ASN B 311 -3.22 -16.86 -35.44
CA ASN B 311 -2.14 -16.21 -34.69
C ASN B 311 -1.63 -17.12 -33.57
N TYR B 312 -0.30 -17.11 -33.40
CA TYR B 312 0.36 -17.85 -32.32
C TYR B 312 0.62 -16.88 -31.18
N LEU B 313 -0.07 -17.11 -30.06
CA LEU B 313 0.12 -16.35 -28.83
C LEU B 313 0.92 -17.21 -27.84
N LEU B 314 2.18 -16.87 -27.66
CA LEU B 314 3.16 -17.73 -26.99
C LEU B 314 3.45 -17.20 -25.59
N ASN B 315 3.20 -18.02 -24.58
CA ASN B 315 3.20 -17.59 -23.19
C ASN B 315 4.60 -17.61 -22.59
N VAL B 316 4.90 -16.55 -21.82
CA VAL B 316 6.08 -16.52 -20.95
C VAL B 316 5.64 -16.38 -19.50
N GLY B 317 6.14 -17.27 -18.64
CA GLY B 317 5.92 -17.18 -17.20
C GLY B 317 7.05 -16.58 -16.39
N LEU B 318 6.95 -15.31 -15.98
CA LEU B 318 8.01 -14.68 -15.19
C LEU B 318 8.26 -15.36 -13.84
N ASP B 319 9.54 -15.38 -13.47
CA ASP B 319 10.05 -15.99 -12.25
C ASP B 319 9.92 -15.03 -11.07
N PRO B 320 10.22 -15.47 -9.83
CA PRO B 320 10.00 -14.60 -8.66
C PRO B 320 10.69 -13.25 -8.69
N LEU B 321 11.83 -13.12 -9.38
CA LEU B 321 12.49 -11.82 -9.47
C LEU B 321 12.01 -10.99 -10.63
N GLY B 322 10.99 -11.45 -11.36
CA GLY B 322 10.43 -10.69 -12.46
C GLY B 322 11.16 -10.84 -13.78
N ARG B 323 11.93 -11.91 -13.93
CA ARG B 323 12.79 -12.14 -15.08
C ARG B 323 12.16 -13.16 -15.99
N VAL B 324 12.32 -12.94 -17.30
CA VAL B 324 12.12 -14.01 -18.28
C VAL B 324 13.16 -15.08 -18.01
N PRO B 325 12.75 -16.33 -17.74
CA PRO B 325 13.73 -17.41 -17.60
C PRO B 325 14.71 -17.42 -18.75
N MET B 326 15.98 -17.66 -18.42
CA MET B 326 17.04 -17.61 -19.42
C MET B 326 16.71 -18.47 -20.64
N MET B 327 16.26 -19.72 -20.42
CA MET B 327 16.04 -20.63 -21.54
C MET B 327 14.80 -20.26 -22.35
N ALA B 328 13.82 -19.63 -21.69
CA ALA B 328 12.65 -19.11 -22.40
C ALA B 328 13.09 -18.04 -23.38
N GLU B 329 13.87 -17.09 -22.89
CA GLU B 329 14.36 -16.00 -23.72
C GLU B 329 15.17 -16.53 -24.90
N GLU B 330 16.16 -17.36 -24.62
CA GLU B 330 17.02 -17.93 -25.66
C GLU B 330 16.20 -18.55 -26.79
N ASN B 331 15.20 -19.35 -26.44
CA ASN B 331 14.45 -20.10 -27.45
C ASN B 331 13.62 -19.17 -28.31
N LEU B 332 12.99 -18.16 -27.71
CA LEU B 332 12.28 -17.17 -28.51
C LEU B 332 13.23 -16.50 -29.50
N LEU B 333 14.39 -16.06 -29.02
CA LEU B 333 15.33 -15.37 -29.90
C LEU B 333 15.86 -16.30 -30.98
N ALA B 334 16.19 -17.55 -30.62
CA ALA B 334 16.70 -18.52 -31.59
C ALA B 334 15.63 -18.85 -32.61
N ALA B 335 14.37 -18.90 -32.16
CA ALA B 335 13.27 -19.17 -33.05
C ALA B 335 13.12 -18.04 -34.05
N LYS B 336 13.37 -16.81 -33.62
CA LYS B 336 13.30 -15.66 -34.50
C LYS B 336 14.38 -15.80 -35.60
N ALA B 337 15.60 -16.13 -35.20
CA ALA B 337 16.70 -16.29 -36.15
C ALA B 337 16.31 -17.32 -37.19
N LEU B 338 15.72 -18.43 -36.74
CA LEU B 338 15.31 -19.49 -37.66
C LEU B 338 14.30 -18.92 -38.65
N GLU B 339 13.30 -18.18 -38.14
CA GLU B 339 12.30 -17.55 -38.98
C GLU B 339 12.95 -16.67 -40.05
N ASP B 340 13.88 -15.80 -39.64
CA ASP B 340 14.49 -14.89 -40.61
C ASP B 340 15.24 -15.67 -41.67
N GLU B 341 16.10 -16.58 -41.25
CA GLU B 341 16.76 -17.49 -42.19
C GLU B 341 15.76 -18.08 -43.18
N ALA B 342 14.66 -18.65 -42.67
CA ALA B 342 13.70 -19.35 -43.54
C ALA B 342 12.89 -18.43 -44.47
N ASN B 343 12.58 -17.20 -44.05
CA ASN B 343 11.77 -16.30 -44.89
C ASN B 343 12.59 -15.49 -45.87
N ARG B 344 13.92 -15.51 -45.75
CA ARG B 344 14.81 -15.00 -46.76
C ARG B 344 15.18 -16.03 -47.80
N LEU B 345 15.03 -17.33 -47.50
CA LEU B 345 15.34 -18.41 -48.43
C LEU B 345 14.53 -18.34 -49.72
N ASN C 4 16.59 68.81 34.86
CA ASN C 4 15.92 67.87 33.97
C ASN C 4 15.91 68.32 32.51
N VAL C 5 15.89 69.65 32.33
CA VAL C 5 15.93 70.24 30.99
C VAL C 5 17.25 69.93 30.28
N ALA C 6 18.39 70.16 30.95
CA ALA C 6 19.67 69.87 30.31
C ALA C 6 19.73 68.40 29.92
N TRP C 7 19.31 67.51 30.82
CA TRP C 7 19.37 66.09 30.53
C TRP C 7 18.51 65.68 29.34
N PHE C 8 17.33 66.26 29.21
CA PHE C 8 16.43 65.86 28.14
C PHE C 8 16.95 66.31 26.77
N LYS C 9 17.56 67.50 26.69
CA LYS C 9 18.12 67.98 25.43
C LYS C 9 19.16 67.06 24.80
N GLN C 10 19.83 66.21 25.60
CA GLN C 10 20.94 65.38 25.15
C GLN C 10 20.61 63.89 25.14
N ALA C 11 19.36 63.53 25.44
CA ALA C 11 19.00 62.13 25.69
C ALA C 11 18.98 61.27 24.42
N LYS C 12 18.42 61.78 23.33
CA LYS C 12 18.63 61.19 22.00
C LYS C 12 17.73 59.97 21.76
N TYR C 13 17.41 59.19 22.80
CA TYR C 13 16.88 57.86 22.54
C TYR C 13 16.05 57.41 23.74
N GLY C 14 14.82 56.96 23.46
CA GLY C 14 13.94 56.44 24.48
C GLY C 14 13.16 55.23 23.99
N MET C 15 12.72 54.40 24.94
CA MET C 15 11.79 53.31 24.68
C MET C 15 10.35 53.70 24.99
N MET C 16 9.43 53.39 24.08
CA MET C 16 8.01 53.49 24.37
C MET C 16 7.47 52.07 24.51
N ILE C 17 6.54 51.87 25.43
CA ILE C 17 5.91 50.55 25.66
C ILE C 17 4.40 50.65 25.54
N HIS C 18 3.82 49.89 24.62
CA HIS C 18 2.39 49.62 24.60
C HIS C 18 2.11 48.27 25.23
N TRP C 19 1.14 48.25 26.14
CA TRP C 19 0.76 47.05 26.86
C TRP C 19 -0.64 47.17 27.44
N GLY C 20 -1.44 46.15 27.26
CA GLY C 20 -2.73 46.11 27.91
C GLY C 20 -3.45 44.82 27.56
N LEU C 21 -4.75 44.80 27.81
CA LEU C 21 -5.53 43.60 27.53
C LEU C 21 -5.45 43.28 26.05
N TYR C 22 -5.38 44.32 25.22
CA TYR C 22 -5.37 44.19 23.77
C TYR C 22 -4.22 43.31 23.30
N SER C 23 -3.08 43.32 24.02
CA SER C 23 -1.94 42.51 23.62
C SER C 23 -2.27 41.02 23.50
N LEU C 24 -3.23 40.52 24.28
CA LEU C 24 -3.51 39.09 24.21
C LEU C 24 -4.29 38.74 22.96
N LEU C 25 -5.21 39.59 22.51
CA LEU C 25 -5.88 39.27 21.26
C LEU C 25 -4.89 39.36 20.10
N ALA C 26 -3.87 40.22 20.21
CA ALA C 26 -2.77 40.24 19.25
C ALA C 26 -3.24 40.31 17.81
N GLY C 27 -4.22 41.15 17.54
CA GLY C 27 -4.52 41.48 16.17
C GLY C 27 -5.53 40.56 15.54
N GLU C 28 -6.20 39.74 16.32
CA GLU C 28 -7.08 38.68 15.81
C GLU C 28 -8.36 38.78 16.63
N TYR C 29 -9.49 38.76 15.96
CA TYR C 29 -10.74 38.71 16.70
C TYR C 29 -11.75 37.95 15.87
N ARG C 30 -12.21 36.83 16.40
CA ARG C 30 -13.22 36.00 15.77
C ARG C 30 -12.91 35.92 14.28
N GLY C 31 -11.67 35.53 13.98
CA GLY C 31 -11.25 35.19 12.64
C GLY C 31 -10.88 36.37 11.77
N GLU C 32 -10.88 37.60 12.31
CA GLU C 32 -10.69 38.81 11.54
C GLU C 32 -9.57 39.69 12.10
N SER C 33 -8.92 40.42 11.18
CA SER C 33 -7.78 41.27 11.46
C SER C 33 -8.19 42.64 12.03
N SER C 34 -7.49 43.09 13.07
CA SER C 34 -7.45 44.49 13.44
C SER C 34 -6.97 45.35 12.28
N SER C 35 -7.11 46.67 12.42
CA SER C 35 -6.35 47.62 11.59
C SER C 35 -4.85 47.54 11.81
N ALA C 36 -4.07 48.37 11.10
CA ALA C 36 -2.64 48.51 11.38
C ALA C 36 -2.36 48.73 12.86
N TYR C 37 -3.28 49.34 13.60
CA TYR C 37 -3.10 49.66 15.02
C TYR C 37 -3.90 48.64 15.82
N ALA C 38 -3.21 47.59 16.25
CA ALA C 38 -3.81 46.46 16.98
C ALA C 38 -4.39 46.84 18.35
N GLU C 39 -3.86 47.88 19.02
CA GLU C 39 -4.30 48.26 20.36
C GLU C 39 -5.70 48.83 20.38
N TRP C 40 -6.23 49.21 19.24
CA TRP C 40 -7.57 49.74 19.04
C TRP C 40 -8.60 48.62 18.89
N ILE C 41 -8.18 47.37 19.06
CA ILE C 41 -8.96 46.21 18.64
C ILE C 41 -10.36 46.22 19.25
N GLN C 42 -10.49 46.70 20.50
CA GLN C 42 -11.81 46.70 21.14
C GLN C 42 -12.80 47.57 20.37
N SER C 43 -12.36 48.75 19.94
CA SER C 43 -13.18 49.70 19.20
C SER C 43 -13.49 49.22 17.79
N LYS C 44 -12.47 48.69 17.11
CA LYS C 44 -12.60 48.21 15.74
C LYS C 44 -13.80 47.27 15.60
N PHE C 45 -13.96 46.36 16.55
CA PHE C 45 -15.00 45.33 16.51
C PHE C 45 -16.11 45.58 17.53
N GLN C 46 -16.05 46.70 18.26
CA GLN C 46 -17.04 47.07 19.28
C GLN C 46 -17.30 45.95 20.29
N ILE C 47 -16.21 45.43 20.85
CA ILE C 47 -16.25 44.35 21.83
C ILE C 47 -16.88 44.90 23.09
N PRO C 48 -18.01 44.35 23.53
CA PRO C 48 -18.65 44.80 24.79
C PRO C 48 -17.65 44.80 25.95
N ASN C 49 -17.79 45.81 26.82
CA ASN C 49 -16.89 45.93 27.97
C ASN C 49 -16.83 44.66 28.79
N ALA C 50 -17.98 43.98 28.97
CA ALA C 50 -18.02 42.75 29.75
C ALA C 50 -17.05 41.71 29.21
N GLU C 51 -17.03 41.54 27.90
CA GLU C 51 -16.20 40.53 27.26
C GLU C 51 -14.74 40.98 27.25
N TYR C 52 -14.46 42.15 26.68
CA TYR C 52 -13.08 42.62 26.60
C TYR C 52 -12.42 42.60 27.98
N GLY C 53 -13.08 43.21 28.97
CA GLY C 53 -12.56 43.19 30.32
C GLY C 53 -12.24 41.78 30.81
N ASN C 54 -13.00 40.79 30.34
CA ASN C 54 -12.80 39.41 30.74
C ASN C 54 -11.42 38.89 30.38
N LEU C 55 -10.74 39.55 29.42
CA LEU C 55 -9.37 39.18 29.08
C LEU C 55 -8.50 39.23 30.32
N ALA C 56 -8.85 40.11 31.27
CA ALA C 56 -8.08 40.24 32.49
C ALA C 56 -7.91 38.89 33.18
N THR C 57 -8.88 37.98 33.06
CA THR C 57 -8.82 36.70 33.75
C THR C 57 -7.71 35.81 33.17
N ALA C 58 -7.25 36.11 31.96
CA ALA C 58 -6.22 35.38 31.24
C ALA C 58 -4.86 36.06 31.29
N PHE C 59 -4.79 37.27 31.82
CA PHE C 59 -3.56 38.07 31.82
C PHE C 59 -2.60 37.54 32.88
N ASN C 60 -1.67 36.68 32.45
CA ASN C 60 -0.69 36.06 33.35
C ASN C 60 0.69 36.01 32.71
N PRO C 61 1.33 37.16 32.48
CA PRO C 61 2.60 37.14 31.75
C PRO C 61 3.80 36.60 32.53
N LEU C 62 3.97 35.26 32.65
CA LEU C 62 5.06 34.67 33.44
C LEU C 62 6.46 35.17 33.08
N TYR C 63 6.69 35.68 31.87
CA TYR C 63 8.03 35.99 31.41
C TYR C 63 8.29 37.49 31.40
N PHE C 64 7.31 38.27 31.86
CA PHE C 64 7.49 39.70 32.05
C PHE C 64 8.69 39.93 32.96
N ASP C 65 9.58 40.85 32.58
CA ASP C 65 10.80 41.08 33.38
C ASP C 65 11.31 42.50 33.15
N ALA C 66 10.85 43.41 34.01
CA ALA C 66 11.29 44.80 33.90
C ALA C 66 12.81 44.94 33.90
N LYS C 67 13.50 44.24 34.81
CA LYS C 67 14.96 44.29 34.81
C LYS C 67 15.55 43.93 33.44
N LYS C 68 15.14 42.81 32.86
CA LYS C 68 15.75 42.40 31.60
C LYS C 68 15.41 43.40 30.52
N ILE C 69 14.17 43.92 30.52
CA ILE C 69 13.76 44.91 29.53
C ILE C 69 14.61 46.16 29.66
N VAL C 70 14.81 46.64 30.90
CA VAL C 70 15.57 47.88 31.10
C VAL C 70 17.03 47.64 30.77
N ALA C 71 17.55 46.46 31.14
CA ALA C 71 18.91 46.09 30.78
C ALA C 71 19.07 46.19 29.27
N LEU C 72 18.10 45.62 28.55
CA LEU C 72 18.12 45.68 27.09
C LEU C 72 18.12 47.12 26.62
N ALA C 73 17.14 47.91 27.10
CA ALA C 73 17.04 49.34 26.76
C ALA C 73 18.36 50.06 26.96
N LYS C 74 18.98 49.86 28.13
CA LYS C 74 20.22 50.55 28.46
C LYS C 74 21.31 50.13 27.49
N GLN C 75 21.35 48.83 27.17
CA GLN C 75 22.36 48.31 26.26
C GLN C 75 22.25 48.99 24.90
N CYS C 76 21.05 49.42 24.51
CA CYS C 76 20.84 50.11 23.25
C CYS C 76 21.09 51.61 23.35
N GLY C 77 21.46 52.10 24.53
CA GLY C 77 21.77 53.51 24.74
C GLY C 77 20.59 54.42 24.96
N MET C 78 19.42 53.86 25.31
CA MET C 78 18.23 54.65 25.61
C MET C 78 18.27 55.25 27.02
N GLN C 79 17.95 56.54 27.14
CA GLN C 79 18.09 57.23 28.41
C GLN C 79 16.77 57.39 29.16
N TYR C 80 15.62 57.05 28.56
CA TYR C 80 14.36 57.10 29.30
C TYR C 80 13.40 56.08 28.69
N LEU C 81 12.35 55.77 29.45
CA LEU C 81 11.36 54.77 29.07
C LEU C 81 9.95 55.26 29.40
N VAL C 82 9.06 55.22 28.41
CA VAL C 82 7.65 55.59 28.60
C VAL C 82 6.80 54.33 28.49
N VAL C 83 5.73 54.26 29.29
CA VAL C 83 4.86 53.08 29.34
C VAL C 83 3.41 53.54 29.34
N THR C 84 2.58 52.74 28.70
CA THR C 84 1.14 52.88 28.80
C THR C 84 0.68 52.61 30.23
N THR C 85 0.30 53.66 30.96
CA THR C 85 -0.34 53.41 32.25
C THR C 85 -1.79 53.02 32.03
N LYS C 86 -2.42 53.59 31.01
CA LYS C 86 -3.80 53.33 30.66
C LYS C 86 -4.04 53.92 29.28
N HIS C 87 -4.43 53.05 28.36
CA HIS C 87 -4.68 53.41 26.98
C HIS C 87 -6.17 53.64 26.78
N HIS C 88 -6.57 53.84 25.53
CA HIS C 88 -7.94 54.18 25.18
C HIS C 88 -8.95 53.19 25.74
N ASP C 89 -8.52 51.94 25.95
CA ASP C 89 -9.42 50.90 26.39
C ASP C 89 -9.91 51.10 27.80
N GLY C 90 -9.22 51.94 28.56
CA GLY C 90 -9.67 52.46 29.83
C GLY C 90 -9.22 51.56 30.95
N PHE C 91 -8.38 50.59 30.63
CA PHE C 91 -7.82 49.63 31.55
C PHE C 91 -6.54 50.18 32.16
N ALA C 92 -6.51 50.33 33.47
CA ALA C 92 -5.31 50.87 34.10
C ALA C 92 -4.29 49.75 34.26
N MET C 93 -3.04 50.02 33.90
CA MET C 93 -1.95 49.06 34.04
C MET C 93 -1.12 49.31 35.29
N TYR C 94 -1.68 50.02 36.27
CA TYR C 94 -1.10 50.21 37.59
C TYR C 94 -2.20 49.97 38.61
N HIS C 95 -1.81 49.95 39.88
CA HIS C 95 -2.77 49.69 40.96
C HIS C 95 -3.54 50.96 41.30
N SER C 96 -4.62 51.18 40.53
CA SER C 96 -5.49 52.36 40.67
C SER C 96 -6.46 52.20 41.84
N LYS C 97 -6.43 53.16 42.78
CA LYS C 97 -7.39 53.20 43.88
C LYS C 97 -8.81 53.45 43.39
N VAL C 98 -8.97 54.36 42.42
CA VAL C 98 -10.27 54.88 42.00
C VAL C 98 -11.08 53.91 41.13
N ASP C 99 -10.44 52.96 40.44
CA ASP C 99 -11.15 52.11 39.49
C ASP C 99 -10.54 50.72 39.51
N ALA C 100 -11.37 49.72 39.82
CA ALA C 100 -10.96 48.32 39.97
C ALA C 100 -10.69 47.63 38.64
N TYR C 101 -11.00 48.30 37.53
CA TYR C 101 -10.65 47.84 36.17
C TYR C 101 -9.15 48.09 36.00
N ASN C 102 -8.35 47.24 36.62
CA ASN C 102 -6.90 47.45 36.63
C ASN C 102 -6.15 46.12 36.77
N VAL C 103 -4.90 46.16 36.30
CA VAL C 103 -4.00 45.01 36.30
C VAL C 103 -3.91 44.33 37.66
N TYR C 104 -3.89 45.09 38.75
CA TYR C 104 -3.64 44.50 40.07
C TYR C 104 -4.81 43.66 40.57
N ASP C 105 -6.02 44.20 40.51
CA ASP C 105 -7.17 43.57 41.16
C ASP C 105 -7.91 42.60 40.24
N ALA C 106 -7.85 42.79 38.93
CA ALA C 106 -8.77 42.17 38.00
C ALA C 106 -8.14 40.98 37.30
N THR C 107 -6.82 40.74 37.46
CA THR C 107 -6.08 39.78 36.66
C THR C 107 -5.42 38.75 37.55
N PRO C 108 -5.25 37.51 37.08
CA PRO C 108 -4.48 36.54 37.89
C PRO C 108 -3.10 37.07 38.22
N PHE C 109 -2.48 37.81 37.28
CA PHE C 109 -1.13 38.30 37.48
C PHE C 109 -1.00 39.04 38.80
N HIS C 110 -1.96 39.93 39.09
CA HIS C 110 -2.07 40.59 40.39
C HIS C 110 -0.79 41.35 40.78
N ARG C 111 -0.28 42.16 39.84
CA ARG C 111 0.95 42.89 40.04
C ARG C 111 0.86 44.26 39.38
N ASP C 112 1.62 45.21 39.95
CA ASP C 112 1.66 46.60 39.49
C ASP C 112 2.79 46.67 38.49
N ILE C 113 2.42 46.64 37.21
CA ILE C 113 3.42 46.67 36.14
C ILE C 113 4.22 47.96 36.20
N ILE C 114 3.54 49.10 36.35
CA ILE C 114 4.21 50.40 36.38
C ILE C 114 5.20 50.46 37.54
N GLY C 115 4.77 49.98 38.71
CA GLY C 115 5.64 49.91 39.88
C GLY C 115 6.94 49.20 39.59
N GLU C 116 6.84 47.97 39.06
CA GLU C 116 8.04 47.18 38.85
C GLU C 116 8.97 47.91 37.89
N LEU C 117 8.38 48.53 36.85
CA LEU C 117 9.18 49.28 35.90
C LEU C 117 9.76 50.54 36.54
N ALA C 118 8.95 51.27 37.32
CA ALA C 118 9.46 52.46 38.00
C ALA C 118 10.65 52.09 38.88
N GLU C 119 10.54 51.01 39.65
CA GLU C 119 11.65 50.64 40.52
C GLU C 119 12.82 50.23 39.66
N ALA C 120 12.57 49.32 38.70
CA ALA C 120 13.64 48.80 37.85
C ALA C 120 14.36 49.97 37.19
N CYS C 121 13.61 50.98 36.74
CA CYS C 121 14.24 52.14 36.10
C CYS C 121 15.05 52.94 37.10
N GLN C 122 14.45 53.27 38.26
CA GLN C 122 15.17 53.99 39.31
C GLN C 122 16.50 53.28 39.59
N LYS C 123 16.45 51.96 39.82
CA LYS C 123 17.61 51.20 40.25
C LYS C 123 18.63 51.13 39.12
N ALA C 124 18.16 51.09 37.87
CA ALA C 124 19.01 50.99 36.69
C ALA C 124 19.56 52.36 36.30
N GLY C 125 19.02 53.43 36.87
CA GLY C 125 19.37 54.78 36.53
C GLY C 125 18.80 55.22 35.21
N LEU C 126 17.59 54.78 34.90
CA LEU C 126 16.85 55.22 33.73
C LEU C 126 15.74 56.17 34.17
N LYS C 127 15.54 57.27 33.43
CA LYS C 127 14.36 58.09 33.68
C LYS C 127 13.09 57.29 33.37
N PHE C 128 11.97 57.76 33.92
CA PHE C 128 10.70 57.03 33.85
C PHE C 128 9.56 57.95 33.44
N GLY C 129 8.94 57.65 32.30
CA GLY C 129 7.80 58.40 31.78
C GLY C 129 6.49 57.63 31.82
N LEU C 130 5.36 58.34 31.68
CA LEU C 130 4.04 57.72 31.73
C LEU C 130 3.24 58.18 30.51
N TYR C 131 2.49 57.26 29.89
CA TYR C 131 1.46 57.63 28.92
C TYR C 131 0.10 57.46 29.59
N TYR C 132 -0.84 58.38 29.33
CA TYR C 132 -2.19 58.24 29.85
C TYR C 132 -3.24 58.81 28.90
N SER C 133 -4.29 58.03 28.63
CA SER C 133 -5.40 58.46 27.77
C SER C 133 -6.40 59.27 28.59
N GLN C 134 -6.13 60.58 28.68
CA GLN C 134 -6.90 61.51 29.50
C GLN C 134 -8.27 61.83 28.92
N ASP C 135 -8.51 61.44 27.66
CA ASP C 135 -9.67 61.83 26.87
C ASP C 135 -10.52 60.63 26.52
N LEU C 136 -9.99 59.66 25.79
CA LEU C 136 -10.75 58.46 25.49
C LEU C 136 -10.81 57.53 26.69
N ASP C 137 -11.99 56.95 26.92
CA ASP C 137 -12.14 55.93 27.95
C ASP C 137 -13.34 55.06 27.65
N TRP C 138 -13.08 53.92 27.04
CA TRP C 138 -14.12 53.02 26.58
C TRP C 138 -14.82 52.31 27.72
N HIS C 139 -14.28 52.30 28.94
CA HIS C 139 -14.94 51.64 30.06
C HIS C 139 -16.00 52.49 30.77
N ASP C 140 -15.92 53.83 30.70
CA ASP C 140 -16.80 54.74 31.46
C ASP C 140 -18.01 55.18 30.64
N PRO C 141 -19.25 54.99 31.16
CA PRO C 141 -20.45 55.46 30.42
C PRO C 141 -20.28 56.85 29.80
N ASN C 142 -19.55 57.75 30.47
CA ASN C 142 -19.39 59.14 30.03
C ASN C 142 -17.96 59.41 29.58
N GLY C 143 -17.28 58.37 29.10
CA GLY C 143 -15.97 58.53 28.50
C GLY C 143 -15.97 59.52 27.35
N GLY C 144 -14.79 60.07 27.11
CA GLY C 144 -14.61 61.05 26.06
C GLY C 144 -14.74 60.48 24.66
N GLY C 145 -14.76 61.41 23.69
CA GLY C 145 -14.70 61.10 22.27
C GLY C 145 -15.93 61.38 21.45
N TYR C 146 -17.09 61.62 22.06
CA TYR C 146 -18.35 61.53 21.36
C TYR C 146 -18.73 62.80 20.59
N LYS C 147 -17.97 63.88 20.70
CA LYS C 147 -18.23 65.11 19.96
C LYS C 147 -17.44 65.23 18.67
N SER C 148 -16.56 64.27 18.39
CA SER C 148 -15.60 64.32 17.29
C SER C 148 -15.69 63.08 16.42
N ASN C 149 -16.90 62.58 16.16
CA ASN C 149 -17.04 61.33 15.41
C ASN C 149 -17.13 61.50 13.90
N ASP C 150 -17.13 62.73 13.37
CA ASP C 150 -17.14 62.85 11.92
C ASP C 150 -15.84 62.32 11.32
N VAL C 151 -14.71 62.54 12.00
CA VAL C 151 -13.41 62.10 11.51
C VAL C 151 -13.24 60.61 11.79
N GLU C 152 -12.55 59.91 10.90
CA GLU C 152 -12.38 58.46 10.97
C GLU C 152 -11.22 58.07 11.89
N THR C 153 -11.30 56.86 12.44
CA THR C 153 -10.31 56.35 13.38
C THR C 153 -9.69 55.06 12.86
N ALA C 154 -8.80 54.48 13.68
CA ALA C 154 -8.26 53.15 13.40
C ALA C 154 -9.18 52.05 13.88
N GLY C 155 -10.31 52.40 14.46
CA GLY C 155 -11.30 51.42 14.86
C GLY C 155 -12.63 51.77 14.25
N THR C 156 -13.62 52.04 15.11
CA THR C 156 -14.88 52.61 14.69
C THR C 156 -15.01 54.00 15.33
N THR C 157 -15.95 54.18 16.26
CA THR C 157 -16.05 55.42 17.01
C THR C 157 -14.88 55.61 17.98
N TRP C 158 -14.70 56.88 18.39
CA TRP C 158 -13.67 57.24 19.36
C TRP C 158 -14.07 56.80 20.76
N ASP C 159 -15.35 56.94 21.08
CA ASP C 159 -15.95 56.61 22.36
C ASP C 159 -16.52 55.20 22.32
N ASN C 160 -16.89 54.68 23.49
CA ASN C 160 -17.67 53.45 23.54
C ASN C 160 -19.10 53.81 23.16
N SER C 161 -19.37 53.78 21.85
CA SER C 161 -20.69 54.10 21.30
C SER C 161 -21.60 52.89 21.24
N TRP C 162 -21.09 51.71 21.59
CA TRP C 162 -21.86 50.47 21.52
C TRP C 162 -22.50 50.11 22.87
N ASP C 163 -21.70 49.98 23.92
CA ASP C 163 -22.25 49.76 25.26
C ASP C 163 -23.05 50.96 25.74
N PHE C 164 -22.61 52.16 25.38
CA PHE C 164 -23.20 53.43 25.81
C PHE C 164 -23.62 54.20 24.57
N PRO C 165 -24.75 53.87 23.96
CA PRO C 165 -25.11 54.49 22.68
C PRO C 165 -25.92 55.76 22.85
N ASP C 166 -26.28 56.12 24.09
CA ASP C 166 -27.08 57.30 24.41
C ASP C 166 -26.15 58.50 24.24
N GLU C 167 -25.75 58.77 23.00
CA GLU C 167 -24.72 59.77 22.69
C GLU C 167 -24.96 61.10 23.40
N ASP C 168 -26.17 61.65 23.28
CA ASP C 168 -26.39 62.98 23.84
C ASP C 168 -26.51 62.95 25.36
N GLN C 169 -26.98 61.86 25.96
CA GLN C 169 -27.10 61.89 27.40
C GLN C 169 -25.80 61.56 28.10
N LYS C 170 -24.70 61.61 27.35
CA LYS C 170 -23.38 61.38 27.90
C LYS C 170 -22.83 62.75 28.28
N ASN C 171 -22.02 62.78 29.32
CA ASN C 171 -21.45 64.04 29.77
C ASN C 171 -20.04 63.74 30.25
N PHE C 172 -19.04 64.16 29.47
CA PHE C 172 -17.63 63.90 29.79
C PHE C 172 -17.22 64.42 31.15
N ASP C 173 -17.76 65.57 31.58
CA ASP C 173 -17.39 66.12 32.88
C ASP C 173 -17.49 65.09 34.01
N LEU C 174 -18.60 64.33 34.08
CA LEU C 174 -18.73 63.27 35.08
C LEU C 174 -17.57 62.28 35.07
N CYS C 175 -17.00 61.99 33.91
CA CYS C 175 -15.90 61.04 33.83
C CYS C 175 -14.63 61.71 34.35
N PHE C 176 -14.37 62.95 33.92
CA PHE C 176 -13.19 63.71 34.32
C PHE C 176 -13.10 63.79 35.84
N ASP C 177 -14.23 64.10 36.49
CA ASP C 177 -14.23 64.34 37.92
C ASP C 177 -13.92 63.05 38.66
N ASN C 178 -14.46 61.94 38.19
CA ASN C 178 -14.47 60.70 38.92
C ASN C 178 -13.31 59.78 38.56
N LYS C 179 -12.78 59.84 37.34
CA LYS C 179 -11.72 58.91 36.96
C LYS C 179 -10.43 59.59 36.51
N ILE C 180 -10.47 60.51 35.54
CA ILE C 180 -9.22 60.97 34.89
C ILE C 180 -8.32 61.69 35.90
N LEU C 181 -8.74 62.86 36.37
CA LEU C 181 -7.86 63.62 37.26
C LEU C 181 -7.48 62.82 38.51
N PRO C 182 -8.40 62.13 39.20
CA PRO C 182 -7.95 61.22 40.28
C PRO C 182 -6.87 60.26 39.84
N GLN C 183 -7.04 59.61 38.68
CA GLN C 183 -6.04 58.65 38.22
C GLN C 183 -4.74 59.37 37.88
N ILE C 184 -4.84 60.56 37.28
CA ILE C 184 -3.66 61.35 36.99
C ILE C 184 -2.94 61.71 38.28
N LYS C 185 -3.72 62.09 39.30
CA LYS C 185 -3.18 62.34 40.64
C LYS C 185 -2.43 61.13 41.17
N GLU C 186 -3.03 59.95 41.02
CA GLU C 186 -2.46 58.70 41.50
C GLU C 186 -1.05 58.48 40.93
N ILE C 187 -0.92 58.51 39.60
CA ILE C 187 0.31 58.15 38.92
C ILE C 187 1.41 59.19 39.17
N MET C 188 1.04 60.43 39.45
CA MET C 188 1.99 61.53 39.61
C MET C 188 2.56 61.63 41.02
N SER C 189 2.12 60.79 41.96
CA SER C 189 2.51 60.84 43.36
C SER C 189 3.34 59.61 43.76
N ASN C 190 2.95 58.44 43.27
CA ASN C 190 3.63 57.17 43.51
C ASN C 190 4.69 56.98 42.41
N TYR C 191 5.42 55.86 42.47
CA TYR C 191 6.33 55.47 41.39
C TYR C 191 7.51 56.43 41.26
N GLY C 192 7.73 57.21 42.32
CA GLY C 192 8.93 57.98 42.45
C GLY C 192 8.98 59.12 41.45
N ASP C 193 10.21 59.54 41.20
CA ASP C 193 10.47 60.65 40.29
C ASP C 193 9.91 60.34 38.89
N ILE C 194 9.06 61.24 38.39
CA ILE C 194 8.49 61.09 37.05
C ILE C 194 9.12 62.13 36.13
N ALA C 195 9.95 61.67 35.19
CA ALA C 195 10.75 62.59 34.40
C ALA C 195 9.99 63.19 33.21
N THR C 196 9.02 62.44 32.67
CA THR C 196 8.32 62.75 31.43
C THR C 196 6.85 62.38 31.59
N ALA C 197 5.95 63.15 30.97
CA ALA C 197 4.50 62.89 31.00
C ALA C 197 3.90 63.00 29.61
N TRP C 198 3.18 61.95 29.19
CA TRP C 198 2.74 61.75 27.79
C TRP C 198 1.21 61.63 27.75
N PHE C 199 0.51 62.69 27.29
CA PHE C 199 -0.96 62.62 27.13
C PHE C 199 -1.39 62.55 25.67
N ALA C 200 -2.61 62.06 25.46
CA ALA C 200 -3.17 61.84 24.13
C ALA C 200 -3.71 63.14 23.56
N VAL C 201 -4.40 63.09 22.43
CA VAL C 201 -4.84 64.30 21.75
C VAL C 201 -6.22 64.67 22.26
N PRO C 202 -6.40 65.82 22.91
CA PRO C 202 -7.75 66.21 23.31
C PRO C 202 -8.67 66.29 22.10
N MET C 203 -9.89 65.79 22.26
CA MET C 203 -11.04 66.02 21.40
C MET C 203 -12.10 66.83 22.09
N THR C 204 -12.29 66.57 23.38
CA THR C 204 -13.45 66.99 24.14
C THR C 204 -12.99 67.71 25.38
N LEU C 205 -11.73 67.54 25.77
CA LEU C 205 -11.24 68.06 27.03
C LEU C 205 -11.14 69.55 26.83
N SER C 206 -11.95 70.33 27.53
CA SER C 206 -11.92 71.77 27.41
C SER C 206 -10.54 72.32 27.78
N GLU C 207 -10.31 73.57 27.37
CA GLU C 207 -9.10 74.27 27.79
C GLU C 207 -8.99 74.28 29.31
N ALA C 208 -10.10 74.56 30.00
CA ALA C 208 -10.14 74.47 31.46
C ALA C 208 -9.53 73.13 31.90
N GLN C 209 -10.17 72.03 31.50
CA GLN C 209 -9.71 70.70 31.90
C GLN C 209 -8.25 70.49 31.51
N SER C 210 -7.86 70.93 30.31
CA SER C 210 -6.47 70.83 29.89
C SER C 210 -5.54 71.56 30.86
N GLN C 211 -5.85 72.81 31.19
CA GLN C 211 -5.04 73.55 32.15
C GLN C 211 -4.96 72.84 33.50
N THR C 212 -6.10 72.30 33.97
CA THR C 212 -6.21 71.65 35.28
C THR C 212 -5.18 70.53 35.49
N ILE C 213 -5.10 69.61 34.54
CA ILE C 213 -4.18 68.46 34.65
C ILE C 213 -2.76 68.97 34.81
N TYR C 214 -2.36 69.92 33.96
CA TYR C 214 -1.06 70.58 34.04
C TYR C 214 -0.70 70.94 35.48
N ASP C 215 -1.57 71.70 36.13
CA ASP C 215 -1.35 72.13 37.52
C ASP C 215 -1.05 70.93 38.41
N THR C 216 -1.89 69.88 38.34
CA THR C 216 -1.70 68.69 39.16
C THR C 216 -0.28 68.15 39.01
N VAL C 217 0.24 68.14 37.78
CA VAL C 217 1.57 67.58 37.54
C VAL C 217 2.64 68.49 38.13
N ARG C 218 2.51 69.80 37.88
CA ARG C 218 3.49 70.76 38.40
C ARG C 218 3.61 70.69 39.91
N GLU C 219 2.49 70.65 40.62
CA GLU C 219 2.55 70.60 42.08
C GLU C 219 3.21 69.32 42.57
N LEU C 220 2.90 68.20 41.92
CA LEU C 220 3.35 66.89 42.39
C LEU C 220 4.74 66.54 41.86
N GLN C 221 5.06 66.96 40.62
CA GLN C 221 6.29 66.57 39.94
C GLN C 221 6.93 67.80 39.26
N PRO C 222 7.46 68.75 40.06
CA PRO C 222 7.96 70.01 39.49
C PRO C 222 8.80 69.97 38.22
N ASN C 223 9.73 69.02 38.07
CA ASN C 223 10.62 69.03 36.91
C ASN C 223 10.13 68.12 35.81
N CYS C 224 8.98 67.49 35.99
CA CYS C 224 8.44 66.56 35.00
C CYS C 224 8.09 67.38 33.77
N LEU C 225 8.75 67.03 32.66
CA LEU C 225 8.53 67.61 31.35
C LEU C 225 7.28 67.07 30.67
N ILE C 226 6.47 67.96 30.12
CA ILE C 226 5.13 67.63 29.62
C ILE C 226 5.06 67.79 28.10
N ASN C 227 4.48 66.77 27.43
CA ASN C 227 4.27 66.67 25.98
C ASN C 227 3.19 67.63 25.45
N SER C 228 3.48 68.32 24.34
CA SER C 228 2.58 69.30 23.72
C SER C 228 1.12 68.88 23.48
N ARG C 229 0.64 67.86 24.15
CA ARG C 229 -0.71 67.38 23.85
C ARG C 229 -1.75 67.97 24.79
N LEU C 230 -1.35 68.26 26.04
CA LEU C 230 -2.24 68.75 27.09
C LEU C 230 -2.98 69.99 26.62
N GLY C 231 -2.26 71.03 26.20
CA GLY C 231 -2.92 72.31 25.96
C GLY C 231 -2.00 73.42 25.52
N ASN C 232 -2.52 74.36 24.72
CA ASN C 232 -1.69 75.28 23.95
C ASN C 232 -1.20 76.38 24.88
N GLY C 233 0.10 76.42 25.11
CA GLY C 233 0.69 77.35 26.05
C GLY C 233 1.08 76.73 27.37
N LYS C 234 0.87 75.42 27.54
CA LYS C 234 0.69 74.75 28.82
C LYS C 234 1.35 73.38 28.67
N TYR C 235 2.66 73.41 28.45
CA TYR C 235 3.43 72.25 27.96
C TYR C 235 4.92 72.60 27.94
N ASP C 236 5.76 71.55 27.76
CA ASP C 236 7.22 71.78 27.79
C ASP C 236 7.95 71.26 26.56
N PHE C 237 7.52 70.13 25.99
CA PHE C 237 8.08 69.66 24.72
C PHE C 237 6.92 69.41 23.76
N VAL C 238 7.16 69.67 22.48
CA VAL C 238 6.19 69.42 21.41
C VAL C 238 6.35 68.01 20.83
N SER C 239 5.27 67.21 20.86
CA SER C 239 5.26 65.97 20.08
C SER C 239 5.01 66.23 18.60
N LEU C 240 6.03 65.92 17.81
CA LEU C 240 6.07 65.95 16.34
C LEU C 240 5.82 64.60 15.67
N GLY C 241 5.05 64.59 14.59
CA GLY C 241 4.74 63.36 13.90
C GLY C 241 5.53 63.48 12.61
N ASP C 242 6.19 62.38 12.21
CA ASP C 242 6.71 62.14 10.87
C ASP C 242 6.47 63.20 9.81
N ASN C 243 5.21 63.42 9.45
CA ASN C 243 4.88 64.45 8.46
C ASN C 243 4.98 65.88 8.96
N GLU C 244 5.25 66.13 10.24
CA GLU C 244 5.47 67.49 10.71
C GLU C 244 6.93 67.89 10.82
N ILE C 245 7.83 67.18 10.13
CA ILE C 245 9.27 67.44 10.28
C ILE C 245 9.99 67.23 8.95
N PRO C 246 10.70 68.25 8.42
CA PRO C 246 11.50 68.10 7.19
C PRO C 246 12.94 67.72 7.49
N PRO C 267 5.76 75.36 18.33
CA PRO C 267 6.71 76.37 18.82
C PRO C 267 7.82 75.77 19.69
N SER C 268 7.45 75.24 20.86
CA SER C 268 8.36 74.71 21.89
C SER C 268 9.27 75.76 22.53
N PRO C 269 8.99 76.19 23.77
CA PRO C 269 9.73 77.35 24.31
C PRO C 269 11.11 76.99 24.86
N LEU C 270 11.28 75.75 25.30
CA LEU C 270 12.56 75.22 25.79
C LEU C 270 13.43 74.63 24.70
N GLY C 271 12.90 74.47 23.49
CA GLY C 271 13.66 73.84 22.43
C GLY C 271 13.76 72.33 22.57
N LEU C 272 12.75 71.72 23.19
CA LEU C 272 12.72 70.28 23.47
C LEU C 272 11.73 69.64 22.50
N TYR C 273 12.14 68.55 21.84
CA TYR C 273 11.37 67.95 20.76
C TYR C 273 11.42 66.43 20.81
N GLU C 274 10.28 65.78 20.53
CA GLU C 274 10.25 64.32 20.44
C GLU C 274 9.36 63.88 19.29
N THR C 275 9.79 62.88 18.51
CA THR C 275 8.99 62.15 17.55
C THR C 275 8.89 60.67 17.93
N ALA C 276 7.66 60.15 17.99
CA ALA C 276 7.36 58.74 18.24
C ALA C 276 7.11 57.92 16.97
N GLY C 277 7.67 56.70 16.94
CA GLY C 277 7.34 55.71 15.94
C GLY C 277 7.25 54.31 16.54
N THR C 278 6.79 53.36 15.73
CA THR C 278 6.88 51.95 16.08
C THR C 278 7.86 51.18 15.18
N ILE C 279 8.29 50.01 15.66
CA ILE C 279 9.23 49.19 14.90
C ILE C 279 8.56 48.53 13.71
N ASN C 280 7.45 47.85 13.94
CA ASN C 280 6.61 47.38 12.85
C ASN C 280 5.55 48.45 12.68
N ASP C 281 4.38 48.09 12.18
CA ASP C 281 3.38 49.09 11.85
C ASP C 281 2.31 49.26 12.94
N SER C 282 2.33 48.43 13.99
CA SER C 282 1.34 48.43 15.05
C SER C 282 1.92 48.97 16.35
N TRP C 283 1.05 49.53 17.19
CA TRP C 283 1.48 49.86 18.55
C TRP C 283 1.34 48.70 19.51
N GLY C 284 0.16 48.07 19.53
CA GLY C 284 -0.03 46.85 20.29
C GLY C 284 0.55 45.65 19.59
N PHE C 285 0.99 44.66 20.38
CA PHE C 285 1.35 43.36 19.83
C PHE C 285 0.26 42.89 18.85
N SER C 286 0.70 42.39 17.70
CA SER C 286 -0.15 41.85 16.63
C SER C 286 0.59 40.67 16.01
N TYR C 287 0.08 39.44 16.26
CA TYR C 287 0.69 38.22 15.70
C TYR C 287 1.04 38.34 14.24
N HIS C 288 0.09 38.82 13.44
CA HIS C 288 0.21 38.83 11.98
C HIS C 288 1.07 39.95 11.41
N ASP C 289 1.43 40.97 12.21
CA ASP C 289 2.15 42.12 11.67
C ASP C 289 3.63 41.82 11.89
N GLN C 290 4.21 41.21 10.85
CA GLN C 290 5.62 40.88 10.73
C GLN C 290 6.37 41.81 9.79
N ASN C 291 5.83 43.00 9.56
CA ASN C 291 6.45 43.93 8.62
C ASN C 291 7.46 44.77 9.39
N TRP C 292 8.39 44.08 10.02
CA TRP C 292 9.41 44.75 10.80
C TRP C 292 10.32 45.53 9.90
N LYS C 293 10.44 46.82 10.22
CA LYS C 293 11.48 47.69 9.68
C LYS C 293 12.84 47.05 9.92
N THR C 294 13.66 47.03 8.88
CA THR C 294 15.02 46.49 8.99
C THR C 294 15.84 47.34 9.95
N PRO C 295 16.88 46.75 10.55
CA PRO C 295 17.82 47.51 11.39
C PRO C 295 18.32 48.81 10.76
N ARG C 296 18.67 48.79 9.47
CA ARG C 296 19.21 49.97 8.81
C ARG C 296 18.22 51.13 8.81
N THR C 297 16.93 50.82 8.60
CA THR C 297 15.90 51.84 8.67
C THR C 297 15.85 52.49 10.06
N LEU C 298 15.84 51.67 11.11
CA LEU C 298 15.79 52.20 12.48
C LEU C 298 16.96 53.16 12.76
N TYR C 299 18.18 52.73 12.46
CA TYR C 299 19.37 53.50 12.83
C TYR C 299 19.38 54.84 12.11
N ARG C 300 19.19 54.82 10.79
CA ARG C 300 19.23 56.01 9.96
C ARG C 300 18.26 57.08 10.46
N TYR C 301 17.04 56.69 10.79
CA TYR C 301 16.04 57.63 11.27
C TYR C 301 16.51 58.34 12.54
N LYS C 302 16.92 57.58 13.56
CA LYS C 302 17.44 58.15 14.80
C LYS C 302 18.53 59.19 14.54
N GLN C 303 19.52 58.82 13.72
CA GLN C 303 20.65 59.72 13.48
C GLN C 303 20.12 61.01 12.89
N HIS C 304 19.22 60.91 11.93
CA HIS C 304 18.67 62.06 11.26
C HIS C 304 17.92 62.94 12.26
N LEU C 305 17.04 62.33 13.09
CA LEU C 305 16.33 63.08 14.12
C LEU C 305 17.30 63.76 15.08
N ASN C 306 18.29 63.00 15.57
CA ASN C 306 19.22 63.53 16.56
C ASN C 306 19.99 64.71 15.99
N ASP C 307 20.38 64.62 14.71
CA ASP C 307 21.12 65.70 14.09
C ASP C 307 20.27 66.97 14.07
N PHE C 308 18.94 66.80 14.07
CA PHE C 308 17.99 67.90 14.13
C PHE C 308 17.52 68.14 15.57
N GLY C 309 18.28 67.63 16.54
CA GLY C 309 17.99 67.70 17.97
C GLY C 309 16.71 67.05 18.46
N ILE C 310 15.92 66.47 17.56
CA ILE C 310 14.69 65.78 17.94
C ILE C 310 15.02 64.47 18.65
N ASN C 311 14.43 64.28 19.84
CA ASN C 311 14.56 63.01 20.54
C ASN C 311 13.71 61.93 19.85
N TYR C 312 14.26 60.72 19.74
CA TYR C 312 13.56 59.55 19.19
C TYR C 312 13.00 58.60 20.25
N LEU C 313 11.67 58.50 20.35
CA LEU C 313 10.97 57.58 21.26
C LEU C 313 10.40 56.36 20.52
N LEU C 314 11.02 55.19 20.64
CA LEU C 314 10.71 54.04 19.78
C LEU C 314 9.92 52.98 20.55
N ASN C 315 8.71 52.66 20.06
CA ASN C 315 7.73 51.85 20.78
C ASN C 315 7.91 50.35 20.55
N VAL C 316 7.78 49.57 21.63
CA VAL C 316 7.66 48.12 21.57
C VAL C 316 6.31 47.71 22.17
N GLY C 317 5.54 46.92 21.42
CA GLY C 317 4.33 46.36 22.00
C GLY C 317 4.65 44.95 22.44
N LEU C 318 4.89 44.79 23.74
CA LEU C 318 5.20 43.50 24.32
C LEU C 318 4.04 42.52 24.15
N ASP C 319 4.40 41.27 23.96
CA ASP C 319 3.47 40.19 23.72
C ASP C 319 2.86 39.67 25.02
N PRO C 320 1.88 38.75 24.93
CA PRO C 320 1.18 38.32 26.15
C PRO C 320 2.06 37.75 27.25
N LEU C 321 3.22 37.18 26.93
CA LEU C 321 4.10 36.66 27.97
C LEU C 321 5.08 37.70 28.50
N GLY C 322 4.96 38.95 28.07
CA GLY C 322 5.82 40.00 28.59
C GLY C 322 7.16 40.08 27.91
N ARG C 323 7.27 39.54 26.71
CA ARG C 323 8.53 39.43 26.02
C ARG C 323 8.63 40.46 24.92
N VAL C 324 9.83 41.00 24.75
CA VAL C 324 10.18 41.70 23.52
C VAL C 324 10.11 40.69 22.39
N PRO C 325 9.28 40.90 21.38
CA PRO C 325 9.28 40.02 20.21
C PRO C 325 10.68 39.79 19.69
N MET C 326 10.97 38.55 19.30
CA MET C 326 12.31 38.18 18.85
C MET C 326 12.84 39.16 17.80
N MET C 327 12.02 39.48 16.79
CA MET C 327 12.51 40.32 15.72
C MET C 327 12.69 41.76 16.18
N ALA C 328 11.87 42.19 17.16
CA ALA C 328 12.07 43.51 17.75
C ALA C 328 13.41 43.58 18.47
N GLU C 329 13.67 42.62 19.36
CA GLU C 329 14.94 42.61 20.10
C GLU C 329 16.14 42.51 19.14
N GLU C 330 16.14 41.52 18.24
CA GLU C 330 17.25 41.38 17.30
C GLU C 330 17.55 42.67 16.55
N ASN C 331 16.52 43.29 15.99
CA ASN C 331 16.72 44.44 15.11
C ASN C 331 17.15 45.69 15.90
N LEU C 332 16.57 45.90 17.08
CA LEU C 332 17.00 47.00 17.94
C LEU C 332 18.48 46.86 18.27
N LEU C 333 18.90 45.66 18.69
CA LEU C 333 20.29 45.44 19.08
C LEU C 333 21.21 45.63 17.88
N ALA C 334 20.80 45.14 16.70
CA ALA C 334 21.62 45.29 15.52
C ALA C 334 21.76 46.76 15.15
N ALA C 335 20.70 47.54 15.37
CA ALA C 335 20.76 48.96 15.07
C ALA C 335 21.79 49.66 15.95
N LYS C 336 21.90 49.24 17.22
CA LYS C 336 22.89 49.83 18.12
C LYS C 336 24.29 49.56 17.59
N ALA C 337 24.54 48.29 17.21
CA ALA C 337 25.84 47.91 16.66
C ALA C 337 26.14 48.76 15.42
N LEU C 338 25.13 48.94 14.57
CA LEU C 338 25.29 49.72 13.35
C LEU C 338 25.70 51.15 13.68
N GLU C 339 25.01 51.74 14.66
CA GLU C 339 25.31 53.09 15.14
C GLU C 339 26.77 53.23 15.58
N ASP C 340 27.25 52.28 16.40
CA ASP C 340 28.60 52.36 16.94
C ASP C 340 29.67 52.31 15.86
N GLU C 341 29.59 51.32 14.96
CA GLU C 341 30.49 51.26 13.81
C GLU C 341 30.63 52.61 13.12
N ALA C 342 29.50 53.25 12.80
CA ALA C 342 29.52 54.48 12.02
C ALA C 342 30.13 55.65 12.79
N ASN C 343 30.04 55.68 14.12
CA ASN C 343 30.58 56.82 14.86
C ASN C 343 32.06 56.63 15.15
N ARG C 344 32.60 55.43 14.93
CA ARG C 344 34.04 55.25 14.90
C ARG C 344 34.60 55.44 13.51
N LEU C 345 33.76 55.26 12.48
CA LEU C 345 34.11 55.51 11.08
C LEU C 345 34.43 57.00 10.84
N ASN D 4 -5.54 -69.91 -9.37
CA ASN D 4 -4.92 -68.84 -10.15
C ASN D 4 -5.58 -67.49 -9.87
N VAL D 5 -6.88 -67.55 -9.58
CA VAL D 5 -7.66 -66.37 -9.23
C VAL D 5 -7.17 -65.73 -7.93
N ALA D 6 -7.04 -66.55 -6.87
CA ALA D 6 -6.59 -66.09 -5.55
C ALA D 6 -5.20 -65.43 -5.62
N TRP D 7 -4.28 -66.02 -6.36
CA TRP D 7 -2.91 -65.53 -6.47
C TRP D 7 -2.86 -64.08 -6.99
N PHE D 8 -3.71 -63.75 -7.94
CA PHE D 8 -3.67 -62.42 -8.54
C PHE D 8 -4.12 -61.34 -7.54
N LYS D 9 -5.10 -61.62 -6.68
CA LYS D 9 -5.52 -60.63 -5.68
C LYS D 9 -4.38 -60.20 -4.74
N GLN D 10 -3.37 -61.04 -4.53
CA GLN D 10 -2.30 -60.73 -3.59
C GLN D 10 -0.97 -60.48 -4.29
N ALA D 11 -0.95 -60.50 -5.62
CA ALA D 11 0.28 -60.48 -6.42
C ALA D 11 0.93 -59.10 -6.41
N LYS D 12 0.11 -58.05 -6.58
CA LYS D 12 0.48 -56.66 -6.28
C LYS D 12 1.30 -55.96 -7.37
N TYR D 13 2.16 -56.69 -8.09
CA TYR D 13 3.19 -56.01 -8.84
C TYR D 13 3.66 -56.89 -9.99
N GLY D 14 3.70 -56.31 -11.19
CA GLY D 14 4.18 -57.03 -12.35
C GLY D 14 5.02 -56.13 -13.24
N MET D 15 5.88 -56.78 -14.02
CA MET D 15 6.67 -56.15 -15.09
C MET D 15 6.00 -56.35 -16.44
N MET D 16 5.90 -55.24 -17.21
CA MET D 16 5.47 -55.22 -18.61
C MET D 16 6.72 -54.95 -19.47
N ILE D 17 6.81 -55.61 -20.64
CA ILE D 17 7.90 -55.40 -21.60
C ILE D 17 7.33 -55.00 -22.96
N HIS D 18 7.69 -53.82 -23.43
CA HIS D 18 7.52 -53.45 -24.83
C HIS D 18 8.85 -53.61 -25.55
N TRP D 19 8.83 -54.29 -26.69
CA TRP D 19 10.05 -54.51 -27.46
C TRP D 19 9.71 -54.92 -28.89
N GLY D 20 10.39 -54.31 -29.86
CA GLY D 20 10.23 -54.70 -31.25
C GLY D 20 11.16 -53.91 -32.15
N LEU D 21 10.86 -53.90 -33.45
CA LEU D 21 11.74 -53.22 -34.40
C LEU D 21 11.84 -51.74 -34.06
N TYR D 22 10.75 -51.16 -33.57
CA TYR D 22 10.69 -49.75 -33.23
C TYR D 22 11.79 -49.38 -32.24
N SER D 23 12.18 -50.32 -31.38
CA SER D 23 13.22 -50.00 -30.41
C SER D 23 14.50 -49.51 -31.07
N LEU D 24 14.82 -49.94 -32.29
CA LEU D 24 16.08 -49.47 -32.86
C LEU D 24 15.94 -48.03 -33.33
N LEU D 25 14.78 -47.66 -33.90
CA LEU D 25 14.60 -46.26 -34.24
C LEU D 25 14.51 -45.41 -32.97
N ALA D 26 13.98 -45.98 -31.88
CA ALA D 26 14.02 -45.36 -30.55
C ALA D 26 13.55 -43.91 -30.54
N GLY D 27 12.47 -43.62 -31.26
CA GLY D 27 11.82 -42.33 -31.05
C GLY D 27 12.36 -41.22 -31.93
N GLU D 28 13.16 -41.56 -32.93
CA GLU D 28 13.92 -40.62 -33.76
C GLU D 28 13.73 -41.08 -35.19
N TYR D 29 13.43 -40.16 -36.10
CA TYR D 29 13.38 -40.57 -37.49
C TYR D 29 13.81 -39.42 -38.37
N ARG D 30 14.89 -39.62 -39.12
CA ARG D 30 15.40 -38.64 -40.06
C ARG D 30 15.35 -37.25 -39.44
N GLY D 31 15.94 -37.14 -38.26
CA GLY D 31 16.17 -35.86 -37.63
C GLY D 31 14.98 -35.31 -36.87
N GLU D 32 13.88 -36.05 -36.79
CA GLU D 32 12.65 -35.53 -36.20
C GLU D 32 12.17 -36.47 -35.11
N SER D 33 11.49 -35.88 -34.14
CA SER D 33 11.01 -36.62 -32.98
C SER D 33 9.72 -37.35 -33.33
N SER D 34 9.63 -38.62 -32.91
CA SER D 34 8.35 -39.30 -32.77
C SER D 34 7.42 -38.55 -31.83
N SER D 35 6.16 -38.97 -31.80
CA SER D 35 5.27 -38.61 -30.68
C SER D 35 5.75 -39.16 -29.33
N ALA D 36 4.99 -38.91 -28.25
CA ALA D 36 5.21 -39.52 -26.95
C ALA D 36 5.40 -41.04 -26.99
N TYR D 37 4.82 -41.70 -27.99
CA TYR D 37 4.85 -43.16 -28.13
C TYR D 37 5.87 -43.58 -29.19
N ALA D 38 7.09 -43.91 -28.76
CA ALA D 38 8.15 -44.29 -29.68
C ALA D 38 7.82 -45.58 -30.42
N GLU D 39 7.03 -46.46 -29.80
CA GLU D 39 6.69 -47.72 -30.43
C GLU D 39 5.74 -47.52 -31.60
N TRP D 40 5.09 -46.37 -31.68
CA TRP D 40 4.20 -45.99 -32.78
C TRP D 40 4.93 -45.38 -33.96
N ILE D 41 6.26 -45.34 -33.92
CA ILE D 41 7.04 -44.50 -34.83
C ILE D 41 6.73 -44.81 -36.30
N GLN D 42 6.44 -46.07 -36.64
CA GLN D 42 6.18 -46.40 -38.04
C GLN D 42 4.98 -45.66 -38.58
N SER D 43 3.91 -45.56 -37.79
CA SER D 43 2.70 -44.87 -38.22
C SER D 43 2.91 -43.36 -38.29
N LYS D 44 3.58 -42.79 -37.29
CA LYS D 44 3.83 -41.35 -37.22
C LYS D 44 4.41 -40.81 -38.53
N PHE D 45 5.35 -41.52 -39.13
CA PHE D 45 6.04 -41.03 -40.31
C PHE D 45 5.62 -41.78 -41.57
N GLN D 46 4.65 -42.71 -41.46
CA GLN D 46 4.15 -43.50 -42.57
C GLN D 46 5.29 -44.14 -43.35
N ILE D 47 6.17 -44.79 -42.60
CA ILE D 47 7.34 -45.49 -43.12
C ILE D 47 6.90 -46.69 -43.94
N PRO D 48 7.22 -46.75 -45.23
CA PRO D 48 6.87 -47.94 -46.04
C PRO D 48 7.33 -49.21 -45.35
N ASN D 49 6.51 -50.26 -45.48
CA ASN D 49 6.82 -51.55 -44.86
C ASN D 49 8.22 -52.04 -45.22
N ALA D 50 8.64 -51.83 -46.48
CA ALA D 50 9.96 -52.26 -46.90
C ALA D 50 11.06 -51.70 -46.02
N GLU D 51 10.98 -50.40 -45.69
CA GLU D 51 12.03 -49.78 -44.89
C GLU D 51 11.90 -50.22 -43.44
N TYR D 52 10.74 -50.00 -42.82
CA TYR D 52 10.56 -50.38 -41.42
C TYR D 52 10.92 -51.85 -41.20
N GLY D 53 10.33 -52.75 -42.00
CA GLY D 53 10.64 -54.16 -41.91
C GLY D 53 12.12 -54.47 -41.99
N ASN D 54 12.89 -53.68 -42.75
CA ASN D 54 14.32 -53.89 -42.91
C ASN D 54 15.06 -53.81 -41.57
N LEU D 55 14.46 -53.15 -40.57
CA LEU D 55 15.06 -53.09 -39.24
C LEU D 55 15.36 -54.48 -38.71
N ALA D 56 14.58 -55.48 -39.13
CA ALA D 56 14.82 -56.84 -38.67
C ALA D 56 16.27 -57.23 -38.90
N THR D 57 16.87 -56.71 -39.98
CA THR D 57 18.25 -57.07 -40.30
C THR D 57 19.24 -56.47 -39.30
N ALA D 58 18.82 -55.44 -38.55
CA ALA D 58 19.67 -54.75 -37.58
C ALA D 58 19.41 -55.18 -36.14
N PHE D 59 18.36 -55.98 -35.91
CA PHE D 59 17.92 -56.42 -34.58
C PHE D 59 18.83 -57.55 -34.08
N ASN D 60 19.85 -57.21 -33.29
CA ASN D 60 20.80 -58.20 -32.76
C ASN D 60 21.13 -57.93 -31.29
N PRO D 61 20.19 -58.08 -30.40
CA PRO D 61 20.41 -57.69 -29.00
C PRO D 61 21.35 -58.57 -28.17
N LEU D 62 22.69 -58.42 -28.29
CA LEU D 62 23.66 -59.27 -27.57
C LEU D 62 23.42 -59.37 -26.08
N TYR D 63 22.77 -58.39 -25.48
CA TYR D 63 22.67 -58.31 -24.04
C TYR D 63 21.29 -58.69 -23.56
N PHE D 64 20.41 -59.11 -24.47
CA PHE D 64 19.16 -59.67 -24.01
C PHE D 64 19.55 -60.81 -23.09
N ASP D 65 18.93 -60.86 -21.92
CA ASP D 65 19.32 -61.87 -20.96
C ASP D 65 18.10 -62.10 -20.07
N ALA D 66 17.28 -63.07 -20.49
CA ALA D 66 16.07 -63.42 -19.75
C ALA D 66 16.38 -63.69 -18.28
N LYS D 67 17.44 -64.47 -18.02
CA LYS D 67 17.82 -64.74 -16.64
C LYS D 67 17.99 -63.44 -15.85
N LYS D 68 18.80 -62.50 -16.36
CA LYS D 68 19.06 -61.27 -15.63
C LYS D 68 17.82 -60.40 -15.51
N ILE D 69 17.01 -60.34 -16.58
CA ILE D 69 15.80 -59.54 -16.53
C ILE D 69 14.87 -60.10 -15.46
N VAL D 70 14.69 -61.42 -15.43
CA VAL D 70 13.78 -62.01 -14.45
C VAL D 70 14.40 -61.88 -13.06
N ALA D 71 15.73 -62.07 -12.97
CA ALA D 71 16.46 -61.90 -11.72
C ALA D 71 16.23 -60.50 -11.16
N LEU D 72 16.37 -59.49 -12.02
CA LEU D 72 16.15 -58.11 -11.59
C LEU D 72 14.72 -57.99 -11.08
N ALA D 73 13.75 -58.42 -11.89
CA ALA D 73 12.34 -58.45 -11.51
C ALA D 73 12.18 -59.11 -10.15
N LYS D 74 12.83 -60.28 -9.96
CA LYS D 74 12.71 -61.05 -8.74
C LYS D 74 13.23 -60.25 -7.55
N GLN D 75 14.37 -59.59 -7.73
CA GLN D 75 14.95 -58.79 -6.65
C GLN D 75 14.02 -57.64 -6.25
N CYS D 76 13.24 -57.11 -7.19
CA CYS D 76 12.30 -56.02 -6.93
C CYS D 76 10.94 -56.48 -6.42
N GLY D 77 10.71 -57.78 -6.28
CA GLY D 77 9.44 -58.26 -5.76
C GLY D 77 8.30 -58.34 -6.74
N MET D 78 8.58 -58.34 -8.03
CA MET D 78 7.54 -58.50 -9.04
C MET D 78 7.16 -59.95 -9.12
N GLN D 79 5.85 -60.22 -9.14
CA GLN D 79 5.37 -61.60 -9.07
C GLN D 79 4.98 -62.19 -10.42
N TYR D 80 4.94 -61.39 -11.48
CA TYR D 80 4.68 -61.89 -12.83
C TYR D 80 5.34 -60.94 -13.81
N LEU D 81 5.49 -61.40 -15.04
CA LEU D 81 6.16 -60.63 -16.09
C LEU D 81 5.35 -60.79 -17.37
N VAL D 82 4.97 -59.67 -17.98
CA VAL D 82 4.26 -59.67 -19.26
C VAL D 82 5.18 -59.14 -20.36
N VAL D 83 5.05 -59.71 -21.57
CA VAL D 83 5.88 -59.36 -22.72
C VAL D 83 5.02 -59.23 -23.97
N THR D 84 5.41 -58.29 -24.83
CA THR D 84 4.89 -58.15 -26.18
C THR D 84 5.24 -59.37 -27.04
N THR D 85 4.26 -60.22 -27.34
CA THR D 85 4.49 -61.29 -28.31
C THR D 85 4.46 -60.76 -29.73
N LYS D 86 3.63 -59.74 -29.98
CA LYS D 86 3.47 -59.14 -31.29
C LYS D 86 2.73 -57.83 -31.06
N HIS D 87 3.38 -56.75 -31.46
CA HIS D 87 2.88 -55.39 -31.29
C HIS D 87 2.17 -54.90 -32.56
N HIS D 88 1.79 -53.62 -32.57
CA HIS D 88 0.99 -53.06 -33.66
C HIS D 88 1.63 -53.25 -35.02
N ASP D 89 2.96 -53.27 -35.06
CA ASP D 89 3.72 -53.35 -36.31
C ASP D 89 3.61 -54.74 -36.93
N GLY D 90 3.19 -55.72 -36.15
CA GLY D 90 2.82 -57.03 -36.64
C GLY D 90 3.98 -57.98 -36.64
N PHE D 91 5.10 -57.57 -36.06
CA PHE D 91 6.32 -58.36 -35.96
C PHE D 91 6.24 -59.25 -34.72
N ALA D 92 6.32 -60.57 -34.92
CA ALA D 92 6.24 -61.51 -33.81
C ALA D 92 7.58 -61.61 -33.11
N MET D 93 7.55 -61.59 -31.78
CA MET D 93 8.76 -61.73 -30.97
C MET D 93 8.94 -63.16 -30.48
N TYR D 94 8.29 -64.11 -31.15
CA TYR D 94 8.47 -65.54 -30.96
C TYR D 94 8.60 -66.21 -32.32
N HIS D 95 8.95 -67.49 -32.32
CA HIS D 95 9.17 -68.26 -33.55
C HIS D 95 7.82 -68.75 -34.10
N SER D 96 7.15 -67.91 -34.88
CA SER D 96 5.84 -68.23 -35.45
C SER D 96 5.96 -69.15 -36.66
N LYS D 97 5.27 -70.30 -36.61
CA LYS D 97 5.20 -71.18 -37.78
C LYS D 97 4.43 -70.53 -38.92
N VAL D 98 3.34 -69.85 -38.59
CA VAL D 98 2.39 -69.36 -39.58
C VAL D 98 2.91 -68.12 -40.32
N ASP D 99 3.83 -67.36 -39.72
CA ASP D 99 4.28 -66.10 -40.32
C ASP D 99 5.75 -65.87 -40.00
N ALA D 100 6.56 -65.76 -41.06
CA ALA D 100 8.01 -65.61 -41.02
C ALA D 100 8.47 -64.20 -40.64
N TYR D 101 7.54 -63.25 -40.56
CA TYR D 101 7.82 -61.89 -40.05
C TYR D 101 7.97 -61.99 -38.54
N ASN D 102 9.12 -62.51 -38.11
CA ASN D 102 9.33 -62.75 -36.69
C ASN D 102 10.83 -62.70 -36.38
N VAL D 103 11.11 -62.43 -35.10
CA VAL D 103 12.48 -62.30 -34.59
C VAL D 103 13.37 -63.48 -34.99
N TYR D 104 12.83 -64.70 -34.96
CA TYR D 104 13.66 -65.87 -35.19
C TYR D 104 14.11 -65.97 -36.65
N ASP D 105 13.19 -65.79 -37.58
CA ASP D 105 13.46 -66.05 -38.98
C ASP D 105 14.04 -64.85 -39.71
N ALA D 106 13.73 -63.63 -39.27
CA ALA D 106 13.97 -62.44 -40.07
C ALA D 106 15.18 -61.64 -39.60
N THR D 107 15.76 -62.00 -38.46
CA THR D 107 16.77 -61.21 -37.76
C THR D 107 18.04 -62.02 -37.53
N PRO D 108 19.20 -61.36 -37.50
CA PRO D 108 20.44 -62.05 -37.11
C PRO D 108 20.34 -62.76 -35.77
N PHE D 109 19.60 -62.19 -34.82
CA PHE D 109 19.53 -62.75 -33.47
C PHE D 109 19.15 -64.23 -33.48
N HIS D 110 18.14 -64.60 -34.25
CA HIS D 110 17.78 -66.00 -34.47
C HIS D 110 17.50 -66.74 -33.15
N ARG D 111 16.66 -66.14 -32.29
CA ARG D 111 16.34 -66.69 -30.97
C ARG D 111 14.88 -66.39 -30.64
N ASP D 112 14.26 -67.28 -29.84
CA ASP D 112 12.85 -67.14 -29.47
C ASP D 112 12.78 -66.36 -28.16
N ILE D 113 12.46 -65.07 -28.26
CA ILE D 113 12.39 -64.20 -27.07
C ILE D 113 11.34 -64.68 -26.09
N ILE D 114 10.13 -65.00 -26.58
CA ILE D 114 9.07 -65.43 -25.68
C ILE D 114 9.49 -66.69 -24.94
N GLY D 115 10.08 -67.64 -25.67
CA GLY D 115 10.62 -68.84 -25.07
C GLY D 115 11.59 -68.58 -23.94
N GLU D 116 12.64 -67.79 -24.22
CA GLU D 116 13.70 -67.57 -23.26
C GLU D 116 13.18 -66.91 -21.98
N LEU D 117 12.26 -65.97 -22.11
CA LEU D 117 11.69 -65.32 -20.93
C LEU D 117 10.78 -66.30 -20.18
N ALA D 118 9.95 -67.05 -20.92
CA ALA D 118 9.07 -68.05 -20.30
C ALA D 118 9.87 -69.05 -19.46
N GLU D 119 11.00 -69.54 -19.97
CA GLU D 119 11.79 -70.52 -19.25
C GLU D 119 12.35 -69.88 -17.98
N ALA D 120 12.96 -68.71 -18.12
CA ALA D 120 13.59 -68.03 -17.00
C ALA D 120 12.59 -67.88 -15.86
N CYS D 121 11.33 -67.60 -16.21
CA CYS D 121 10.27 -67.44 -15.21
C CYS D 121 9.96 -68.77 -14.52
N GLN D 122 9.79 -69.86 -15.28
CA GLN D 122 9.56 -71.18 -14.68
C GLN D 122 10.60 -71.45 -13.60
N LYS D 123 11.90 -71.31 -13.94
CA LYS D 123 12.96 -71.71 -13.02
C LYS D 123 13.04 -70.78 -11.82
N ALA D 124 12.74 -69.48 -12.00
CA ALA D 124 12.81 -68.49 -10.94
C ALA D 124 11.56 -68.50 -10.07
N GLY D 125 10.52 -69.19 -10.52
CA GLY D 125 9.23 -69.21 -9.85
C GLY D 125 8.47 -67.90 -10.04
N LEU D 126 8.58 -67.31 -11.22
CA LEU D 126 7.80 -66.14 -11.58
C LEU D 126 6.70 -66.55 -12.56
N LYS D 127 5.49 -66.01 -12.37
CA LYS D 127 4.45 -66.20 -13.39
C LYS D 127 4.84 -65.48 -14.70
N PHE D 128 4.21 -65.90 -15.79
CA PHE D 128 4.56 -65.44 -17.14
C PHE D 128 3.32 -65.03 -17.93
N GLY D 129 3.25 -63.76 -18.33
CA GLY D 129 2.16 -63.24 -19.14
C GLY D 129 2.53 -62.85 -20.56
N LEU D 130 1.54 -62.68 -21.45
CA LEU D 130 1.77 -62.33 -22.85
C LEU D 130 0.88 -61.15 -23.23
N TYR D 131 1.40 -60.17 -23.98
CA TYR D 131 0.57 -59.17 -24.66
C TYR D 131 0.49 -59.44 -26.16
N TYR D 132 -0.70 -59.25 -26.75
CA TYR D 132 -0.89 -59.38 -28.19
C TYR D 132 -1.94 -58.41 -28.71
N SER D 133 -1.59 -57.71 -29.78
CA SER D 133 -2.42 -56.76 -30.52
C SER D 133 -3.33 -57.46 -31.52
N GLN D 134 -4.52 -57.86 -31.07
CA GLN D 134 -5.39 -58.65 -31.94
C GLN D 134 -6.04 -57.84 -33.07
N ASP D 135 -5.95 -56.51 -33.06
CA ASP D 135 -6.72 -55.66 -33.98
C ASP D 135 -5.81 -54.88 -34.93
N LEU D 136 -4.91 -54.03 -34.43
CA LEU D 136 -4.02 -53.32 -35.35
C LEU D 136 -2.95 -54.27 -35.86
N ASP D 137 -2.69 -54.20 -37.18
CA ASP D 137 -1.59 -54.93 -37.78
C ASP D 137 -1.17 -54.26 -39.10
N TRP D 138 -0.14 -53.44 -39.02
CA TRP D 138 0.30 -52.61 -40.14
C TRP D 138 0.96 -53.42 -41.25
N HIS D 139 1.31 -54.68 -40.99
CA HIS D 139 1.95 -55.50 -42.03
C HIS D 139 0.94 -56.11 -43.01
N ASP D 140 -0.30 -56.31 -42.61
CA ASP D 140 -1.28 -57.01 -43.45
C ASP D 140 -2.12 -56.03 -44.26
N PRO D 141 -2.16 -56.18 -45.60
CA PRO D 141 -3.02 -55.33 -46.44
C PRO D 141 -4.39 -55.14 -45.81
N ASN D 142 -4.89 -56.14 -45.11
CA ASN D 142 -6.24 -56.14 -44.55
C ASN D 142 -6.16 -56.00 -43.03
N GLY D 143 -5.09 -55.36 -42.58
CA GLY D 143 -4.91 -55.01 -41.18
C GLY D 143 -6.04 -54.18 -40.61
N GLY D 144 -6.17 -54.30 -39.28
CA GLY D 144 -7.21 -53.60 -38.56
C GLY D 144 -7.02 -52.10 -38.52
N GLY D 145 -8.05 -51.42 -38.05
CA GLY D 145 -7.95 -50.01 -37.80
C GLY D 145 -8.72 -49.13 -38.75
N TYR D 146 -9.21 -49.68 -39.88
CA TYR D 146 -9.65 -48.82 -40.98
C TYR D 146 -11.07 -48.36 -40.75
N LYS D 147 -11.72 -48.88 -39.69
CA LYS D 147 -13.07 -48.49 -39.30
C LYS D 147 -13.04 -47.40 -38.23
N SER D 148 -11.86 -47.05 -37.75
CA SER D 148 -11.61 -46.14 -36.66
C SER D 148 -10.62 -45.08 -37.10
N ASN D 149 -10.74 -44.60 -38.34
CA ASN D 149 -9.77 -43.65 -38.85
C ASN D 149 -10.19 -42.22 -38.57
N ASP D 150 -11.39 -42.05 -37.99
CA ASP D 150 -11.84 -40.72 -37.61
C ASP D 150 -11.04 -40.20 -36.43
N VAL D 151 -10.74 -41.11 -35.47
CA VAL D 151 -10.08 -40.78 -34.21
C VAL D 151 -8.57 -40.65 -34.41
N GLU D 152 -7.96 -39.74 -33.63
CA GLU D 152 -6.53 -39.45 -33.77
C GLU D 152 -5.69 -40.45 -32.98
N THR D 153 -4.45 -40.65 -33.44
CA THR D 153 -3.55 -41.62 -32.84
C THR D 153 -2.25 -40.95 -32.40
N ALA D 154 -1.33 -41.77 -31.89
CA ALA D 154 0.02 -41.32 -31.57
C ALA D 154 0.94 -41.33 -32.79
N GLY D 155 0.40 -41.69 -33.94
CA GLY D 155 1.08 -41.68 -35.21
C GLY D 155 0.27 -40.85 -36.20
N THR D 156 -0.18 -41.51 -37.26
CA THR D 156 -1.16 -40.91 -38.16
C THR D 156 -2.44 -41.74 -38.03
N THR D 157 -2.81 -42.48 -39.07
CA THR D 157 -3.93 -43.41 -38.98
C THR D 157 -3.63 -44.62 -38.10
N TRP D 158 -4.71 -45.30 -37.68
CA TRP D 158 -4.62 -46.52 -36.88
C TRP D 158 -4.15 -47.68 -37.74
N ASP D 159 -4.59 -47.72 -38.99
CA ASP D 159 -4.26 -48.78 -39.92
C ASP D 159 -3.04 -48.35 -40.74
N ASN D 160 -2.47 -49.31 -41.46
CA ASN D 160 -1.45 -49.00 -42.46
C ASN D 160 -2.16 -48.43 -43.68
N SER D 161 -2.35 -47.10 -43.67
CA SER D 161 -3.02 -46.35 -44.73
C SER D 161 -2.11 -45.87 -45.87
N TRP D 162 -0.80 -46.04 -45.79
CA TRP D 162 0.11 -45.53 -46.82
C TRP D 162 0.47 -46.57 -47.87
N ASP D 163 1.02 -47.70 -47.47
CA ASP D 163 1.27 -48.80 -48.40
C ASP D 163 -0.03 -49.36 -48.94
N PHE D 164 -1.08 -49.39 -48.10
CA PHE D 164 -2.38 -49.97 -48.43
C PHE D 164 -3.40 -48.85 -48.27
N PRO D 165 -3.52 -47.95 -49.24
CA PRO D 165 -4.39 -46.80 -49.09
C PRO D 165 -5.81 -47.04 -49.59
N ASP D 166 -6.07 -48.19 -50.21
CA ASP D 166 -7.36 -48.56 -50.76
C ASP D 166 -8.34 -48.88 -49.64
N GLU D 167 -8.72 -47.86 -48.87
CA GLU D 167 -9.53 -48.04 -47.66
C GLU D 167 -10.69 -49.00 -47.83
N ASP D 168 -11.46 -48.85 -48.91
CA ASP D 168 -12.67 -49.64 -49.05
C ASP D 168 -12.39 -51.09 -49.40
N GLN D 169 -11.27 -51.39 -50.04
CA GLN D 169 -11.00 -52.77 -50.43
C GLN D 169 -10.35 -53.59 -49.33
N LYS D 170 -10.39 -53.14 -48.08
CA LYS D 170 -9.83 -53.86 -46.95
C LYS D 170 -10.90 -54.73 -46.29
N ASN D 171 -10.48 -55.88 -45.75
CA ASN D 171 -11.39 -56.80 -45.08
C ASN D 171 -10.68 -57.44 -43.89
N PHE D 172 -11.03 -57.02 -42.67
CA PHE D 172 -10.38 -57.54 -41.47
C PHE D 172 -10.49 -59.06 -41.33
N ASP D 173 -11.62 -59.64 -41.73
CA ASP D 173 -11.81 -61.09 -41.63
C ASP D 173 -10.66 -61.88 -42.27
N LEU D 174 -10.24 -61.52 -43.49
CA LEU D 174 -9.11 -62.17 -44.13
C LEU D 174 -7.87 -62.20 -43.23
N CYS D 175 -7.67 -61.16 -42.44
CA CYS D 175 -6.53 -61.06 -41.55
C CYS D 175 -6.72 -61.95 -40.34
N PHE D 176 -7.92 -61.93 -39.73
CA PHE D 176 -8.24 -62.72 -38.54
C PHE D 176 -7.94 -64.19 -38.77
N ASP D 177 -8.40 -64.72 -39.91
CA ASP D 177 -8.31 -66.15 -40.17
C ASP D 177 -6.85 -66.53 -40.36
N ASN D 178 -6.07 -65.66 -41.01
CA ASN D 178 -4.75 -66.00 -41.50
C ASN D 178 -3.64 -65.66 -40.50
N LYS D 179 -3.81 -64.66 -39.64
CA LYS D 179 -2.72 -64.31 -38.72
C LYS D 179 -3.12 -64.39 -37.26
N ILE D 180 -4.20 -63.73 -36.84
CA ILE D 180 -4.47 -63.53 -35.41
C ILE D 180 -4.71 -64.85 -34.69
N LEU D 181 -5.79 -65.55 -34.99
CA LEU D 181 -6.08 -66.78 -34.24
C LEU D 181 -4.96 -67.79 -34.31
N PRO D 182 -4.36 -68.08 -35.48
CA PRO D 182 -3.16 -68.96 -35.49
C PRO D 182 -2.06 -68.52 -34.53
N GLN D 183 -1.71 -67.24 -34.53
CA GLN D 183 -0.63 -66.80 -33.66
C GLN D 183 -1.03 -66.93 -32.19
N ILE D 184 -2.29 -66.61 -31.87
CA ILE D 184 -2.76 -66.77 -30.51
C ILE D 184 -2.72 -68.25 -30.13
N LYS D 185 -3.13 -69.11 -31.07
CA LYS D 185 -3.02 -70.55 -30.86
C LYS D 185 -1.59 -70.97 -30.59
N GLU D 186 -0.63 -70.46 -31.38
CA GLU D 186 0.78 -70.82 -31.19
C GLU D 186 1.23 -70.50 -29.77
N ILE D 187 1.05 -69.24 -29.37
CA ILE D 187 1.59 -68.80 -28.09
C ILE D 187 0.83 -69.48 -26.96
N MET D 188 -0.42 -69.84 -27.21
CA MET D 188 -1.23 -70.46 -26.16
C MET D 188 -1.02 -71.97 -26.16
N SER D 189 -0.26 -72.49 -27.13
CA SER D 189 0.00 -73.92 -27.30
C SER D 189 1.46 -74.23 -27.02
N ASN D 190 2.35 -73.37 -27.51
CA ASN D 190 3.77 -73.51 -27.25
C ASN D 190 4.02 -72.72 -25.97
N TYR D 191 5.26 -72.74 -25.48
CA TYR D 191 5.70 -71.86 -24.39
C TYR D 191 4.99 -72.14 -23.07
N GLY D 192 4.34 -73.29 -22.95
CA GLY D 192 3.88 -73.70 -21.64
C GLY D 192 2.75 -72.83 -21.10
N ASP D 193 2.65 -72.88 -19.78
CA ASP D 193 1.66 -72.15 -19.00
C ASP D 193 1.74 -70.64 -19.21
N ILE D 194 0.61 -70.05 -19.61
CA ILE D 194 0.49 -68.60 -19.79
C ILE D 194 -0.39 -68.07 -18.65
N ALA D 195 0.22 -67.28 -17.76
CA ALA D 195 -0.42 -66.88 -16.51
C ALA D 195 -1.37 -65.71 -16.73
N THR D 196 -1.07 -64.89 -17.73
CA THR D 196 -1.72 -63.62 -17.99
C THR D 196 -1.86 -63.50 -19.50
N ALA D 197 -2.96 -62.89 -19.96
CA ALA D 197 -3.21 -62.67 -21.38
C ALA D 197 -3.63 -61.23 -21.52
N TRP D 198 -2.95 -60.50 -22.41
CA TRP D 198 -3.04 -59.05 -22.48
C TRP D 198 -3.49 -58.72 -23.89
N PHE D 199 -4.75 -58.32 -24.04
CA PHE D 199 -5.24 -57.92 -25.36
C PHE D 199 -5.45 -56.42 -25.48
N ALA D 200 -5.38 -55.94 -26.73
CA ALA D 200 -5.52 -54.53 -27.03
C ALA D 200 -7.00 -54.18 -27.07
N VAL D 201 -7.33 -52.98 -27.51
CA VAL D 201 -8.71 -52.48 -27.49
C VAL D 201 -9.35 -52.86 -28.81
N PRO D 202 -10.41 -53.68 -28.82
CA PRO D 202 -11.05 -53.94 -30.11
C PRO D 202 -11.47 -52.60 -30.69
N MET D 203 -11.25 -52.44 -31.99
CA MET D 203 -11.82 -51.37 -32.79
C MET D 203 -12.81 -51.85 -33.83
N THR D 204 -12.50 -52.97 -34.46
CA THR D 204 -13.11 -53.41 -35.71
C THR D 204 -13.62 -54.83 -35.62
N LEU D 205 -13.15 -55.59 -34.65
CA LEU D 205 -13.42 -57.02 -34.57
C LEU D 205 -14.88 -57.24 -34.22
N SER D 206 -15.60 -57.96 -35.07
CA SER D 206 -16.99 -58.29 -34.75
C SER D 206 -17.07 -59.05 -33.42
N GLU D 207 -18.28 -59.10 -32.87
CA GLU D 207 -18.51 -59.90 -31.66
C GLU D 207 -18.08 -61.35 -31.90
N ALA D 208 -18.45 -61.91 -33.05
CA ALA D 208 -17.99 -63.24 -33.46
C ALA D 208 -16.49 -63.37 -33.23
N GLN D 209 -15.73 -62.54 -33.93
CA GLN D 209 -14.28 -62.56 -33.88
C GLN D 209 -13.78 -62.44 -32.44
N SER D 210 -14.38 -61.54 -31.66
CA SER D 210 -14.05 -61.38 -30.26
C SER D 210 -14.27 -62.66 -29.46
N GLN D 211 -15.44 -63.28 -29.61
CA GLN D 211 -15.75 -64.54 -28.91
C GLN D 211 -14.74 -65.64 -29.20
N THR D 212 -14.32 -65.78 -30.46
CA THR D 212 -13.43 -66.85 -30.87
C THR D 212 -12.14 -66.92 -30.05
N ILE D 213 -11.44 -65.80 -29.90
CA ILE D 213 -10.16 -65.77 -29.19
C ILE D 213 -10.28 -66.24 -27.74
N TYR D 214 -11.26 -65.71 -26.99
CA TYR D 214 -11.51 -66.15 -25.62
C TYR D 214 -11.47 -67.67 -25.49
N ASP D 215 -12.32 -68.34 -26.27
CA ASP D 215 -12.41 -69.81 -26.24
C ASP D 215 -11.05 -70.46 -26.45
N THR D 216 -10.32 -70.04 -27.49
CA THR D 216 -9.02 -70.62 -27.79
C THR D 216 -8.08 -70.59 -26.58
N VAL D 217 -8.08 -69.50 -25.83
CA VAL D 217 -7.16 -69.39 -24.70
C VAL D 217 -7.62 -70.33 -23.59
N ARG D 218 -8.92 -70.33 -23.29
CA ARG D 218 -9.46 -71.20 -22.26
C ARG D 218 -9.11 -72.66 -22.55
N GLU D 219 -9.31 -73.10 -23.80
CA GLU D 219 -9.04 -74.48 -24.18
C GLU D 219 -7.59 -74.86 -23.98
N LEU D 220 -6.69 -73.96 -24.35
CA LEU D 220 -5.26 -74.23 -24.38
C LEU D 220 -4.60 -73.95 -23.04
N GLN D 221 -5.10 -72.95 -22.32
CA GLN D 221 -4.50 -72.46 -21.08
C GLN D 221 -5.63 -72.28 -20.08
N PRO D 222 -6.21 -73.40 -19.56
CA PRO D 222 -7.42 -73.28 -18.69
C PRO D 222 -7.43 -72.19 -17.62
N ASN D 223 -6.32 -71.93 -16.94
CA ASN D 223 -6.26 -71.00 -15.81
C ASN D 223 -5.78 -69.60 -16.21
N CYS D 224 -5.50 -69.38 -17.49
CA CYS D 224 -4.98 -68.10 -17.98
C CYS D 224 -6.02 -66.99 -17.80
N LEU D 225 -5.64 -66.00 -17.00
CA LEU D 225 -6.45 -64.79 -16.76
C LEU D 225 -6.38 -63.77 -17.89
N ILE D 226 -7.56 -63.26 -18.27
CA ILE D 226 -7.76 -62.42 -19.45
C ILE D 226 -8.17 -60.99 -19.08
N ASN D 227 -7.51 -60.01 -19.72
CA ASN D 227 -7.70 -58.57 -19.56
C ASN D 227 -9.06 -58.13 -20.12
N SER D 228 -9.79 -57.29 -19.35
CA SER D 228 -11.12 -56.84 -19.75
C SER D 228 -11.21 -56.32 -21.19
N ARG D 229 -10.17 -55.67 -21.68
CA ARG D 229 -10.21 -55.04 -23.00
C ARG D 229 -10.73 -55.95 -24.11
N LEU D 230 -10.50 -57.27 -24.01
CA LEU D 230 -10.88 -58.21 -25.07
C LEU D 230 -12.35 -58.05 -25.49
N GLY D 231 -13.27 -58.14 -24.54
CA GLY D 231 -14.66 -58.20 -24.93
C GLY D 231 -15.57 -58.31 -23.74
N ASN D 232 -16.78 -57.78 -23.88
CA ASN D 232 -17.61 -57.48 -22.72
C ASN D 232 -18.23 -58.77 -22.20
N GLY D 233 -17.84 -59.18 -20.99
CA GLY D 233 -18.29 -60.43 -20.41
C GLY D 233 -17.28 -61.56 -20.41
N LYS D 234 -16.05 -61.32 -20.91
CA LYS D 234 -15.17 -62.35 -21.44
C LYS D 234 -13.74 -62.02 -20.99
N TYR D 235 -13.53 -62.09 -19.67
CA TYR D 235 -12.39 -61.48 -19.00
C TYR D 235 -12.46 -61.83 -17.50
N ASP D 236 -11.35 -61.55 -16.80
CA ASP D 236 -11.18 -61.85 -15.37
C ASP D 236 -10.83 -60.64 -14.51
N PHE D 237 -10.06 -59.70 -15.04
CA PHE D 237 -9.72 -58.43 -14.38
C PHE D 237 -10.05 -57.25 -15.28
N VAL D 238 -10.45 -56.15 -14.65
CA VAL D 238 -10.73 -54.88 -15.33
C VAL D 238 -9.44 -54.06 -15.42
N SER D 239 -9.06 -53.71 -16.66
CA SER D 239 -8.01 -52.72 -16.86
C SER D 239 -8.54 -51.32 -16.60
N LEU D 240 -7.97 -50.71 -15.58
CA LEU D 240 -8.20 -49.34 -15.13
C LEU D 240 -7.20 -48.33 -15.69
N GLY D 241 -7.69 -47.16 -16.07
CA GLY D 241 -6.87 -46.10 -16.63
C GLY D 241 -6.85 -45.11 -15.47
N ASP D 242 -5.67 -44.56 -15.19
CA ASP D 242 -5.46 -43.36 -14.36
C ASP D 242 -6.71 -42.61 -13.92
N ASN D 243 -7.42 -41.99 -14.86
CA ASN D 243 -8.67 -41.28 -14.57
C ASN D 243 -9.87 -42.18 -14.31
N GLU D 244 -9.74 -43.50 -14.43
CA GLU D 244 -10.83 -44.41 -14.10
C GLU D 244 -10.67 -44.94 -12.68
N PRO D 267 -17.50 -55.09 -14.08
CA PRO D 267 -17.67 -55.33 -12.64
C PRO D 267 -16.44 -55.96 -11.99
N SER D 268 -15.76 -56.79 -12.79
CA SER D 268 -14.71 -57.72 -12.40
C SER D 268 -15.27 -58.62 -11.29
N PRO D 269 -15.62 -59.85 -11.65
CA PRO D 269 -16.37 -60.72 -10.72
C PRO D 269 -15.50 -61.42 -9.69
N LEU D 270 -14.23 -61.58 -10.00
CA LEU D 270 -13.21 -62.22 -9.17
C LEU D 270 -12.54 -61.27 -8.19
N GLY D 271 -12.80 -59.97 -8.32
CA GLY D 271 -12.19 -58.95 -7.47
C GLY D 271 -10.76 -58.67 -7.84
N LEU D 272 -10.41 -58.87 -9.11
CA LEU D 272 -9.05 -58.71 -9.62
C LEU D 272 -8.96 -57.44 -10.46
N TYR D 273 -7.95 -56.61 -10.19
CA TYR D 273 -7.82 -55.31 -10.84
C TYR D 273 -6.35 -55.06 -11.15
N GLU D 274 -6.11 -54.50 -12.32
CA GLU D 274 -4.78 -54.09 -12.74
C GLU D 274 -4.85 -52.77 -13.50
N THR D 275 -3.90 -51.89 -13.20
CA THR D 275 -3.63 -50.71 -14.01
C THR D 275 -2.20 -50.80 -14.55
N ALA D 276 -2.05 -50.64 -15.85
CA ALA D 276 -0.72 -50.59 -16.45
C ALA D 276 -0.26 -49.15 -16.66
N GLY D 277 1.02 -48.92 -16.32
CA GLY D 277 1.71 -47.69 -16.66
C GLY D 277 3.14 -47.97 -17.07
N THR D 278 3.81 -46.93 -17.56
CA THR D 278 5.24 -46.91 -17.81
C THR D 278 5.99 -45.97 -16.86
N ILE D 279 7.30 -46.20 -16.76
CA ILE D 279 8.17 -45.39 -15.91
C ILE D 279 8.39 -44.00 -16.48
N ASN D 280 8.78 -43.92 -17.75
CA ASN D 280 8.85 -42.66 -18.46
C ASN D 280 7.57 -42.37 -19.23
N ASP D 281 7.64 -41.59 -20.31
CA ASP D 281 6.41 -41.18 -20.97
C ASP D 281 6.09 -42.04 -22.19
N SER D 282 7.02 -42.92 -22.57
CA SER D 282 6.92 -43.78 -23.73
C SER D 282 6.76 -45.22 -23.26
N TRP D 283 6.11 -46.05 -24.07
CA TRP D 283 6.14 -47.48 -23.78
C TRP D 283 7.37 -48.13 -24.40
N GLY D 284 7.59 -47.87 -25.68
CA GLY D 284 8.81 -48.30 -26.32
C GLY D 284 9.97 -47.39 -25.95
N PHE D 285 11.15 -48.00 -25.93
CA PHE D 285 12.38 -47.23 -25.81
C PHE D 285 12.35 -46.03 -26.74
N SER D 286 12.77 -44.89 -26.20
CA SER D 286 12.88 -43.59 -26.87
C SER D 286 14.11 -42.91 -26.31
N TYR D 287 15.18 -42.80 -27.13
CA TYR D 287 16.44 -42.16 -26.75
C TYR D 287 16.23 -40.87 -26.00
N HIS D 288 15.35 -40.03 -26.52
CA HIS D 288 15.14 -38.66 -26.07
C HIS D 288 14.28 -38.52 -24.80
N ASP D 289 13.60 -39.57 -24.36
CA ASP D 289 12.68 -39.48 -23.22
C ASP D 289 13.34 -39.88 -21.90
N GLN D 290 13.89 -38.89 -21.17
CA GLN D 290 14.45 -39.13 -19.84
C GLN D 290 13.56 -38.61 -18.72
N ASN D 291 12.26 -38.45 -18.97
CA ASN D 291 11.36 -37.89 -17.97
C ASN D 291 10.78 -39.05 -17.14
N TRP D 292 11.70 -39.78 -16.53
CA TRP D 292 11.39 -40.95 -15.71
C TRP D 292 10.62 -40.48 -14.48
N LYS D 293 9.47 -41.10 -14.24
CA LYS D 293 8.83 -40.94 -12.94
C LYS D 293 9.87 -41.27 -11.88
N THR D 294 9.93 -40.40 -10.87
CA THR D 294 10.87 -40.57 -9.77
C THR D 294 10.57 -41.84 -8.97
N PRO D 295 11.59 -42.40 -8.29
CA PRO D 295 11.33 -43.54 -7.40
C PRO D 295 10.19 -43.30 -6.41
N ARG D 296 10.15 -42.14 -5.78
CA ARG D 296 9.09 -41.88 -4.81
C ARG D 296 7.72 -41.86 -5.47
N THR D 297 7.65 -41.29 -6.68
CA THR D 297 6.40 -41.29 -7.46
C THR D 297 5.97 -42.72 -7.75
N LEU D 298 6.91 -43.56 -8.21
CA LEU D 298 6.58 -44.96 -8.50
C LEU D 298 6.01 -45.64 -7.25
N TYR D 299 6.69 -45.50 -6.11
CA TYR D 299 6.29 -46.23 -4.91
C TYR D 299 4.91 -45.78 -4.46
N ARG D 300 4.72 -44.46 -4.35
CA ARG D 300 3.44 -43.92 -3.90
C ARG D 300 2.31 -44.44 -4.77
N TYR D 301 2.50 -44.44 -6.09
CA TYR D 301 1.47 -44.94 -6.99
C TYR D 301 1.17 -46.40 -6.68
N LYS D 302 2.22 -47.24 -6.62
CA LYS D 302 2.04 -48.65 -6.26
C LYS D 302 1.23 -48.74 -4.96
N GLN D 303 1.62 -47.97 -3.95
CA GLN D 303 0.96 -48.01 -2.64
C GLN D 303 -0.51 -47.65 -2.80
N HIS D 304 -0.78 -46.61 -3.58
CA HIS D 304 -2.15 -46.14 -3.76
C HIS D 304 -3.00 -47.23 -4.40
N LEU D 305 -2.49 -47.82 -5.49
CA LEU D 305 -3.20 -48.91 -6.16
C LEU D 305 -3.44 -50.08 -5.21
N ASN D 306 -2.39 -50.53 -4.49
CA ASN D 306 -2.50 -51.71 -3.64
C ASN D 306 -3.52 -51.56 -2.52
N ASP D 307 -3.59 -50.40 -1.87
CA ASP D 307 -4.57 -50.23 -0.80
C ASP D 307 -5.97 -50.33 -1.36
N PHE D 308 -6.13 -50.00 -2.65
CA PHE D 308 -7.39 -50.12 -3.38
C PHE D 308 -7.44 -51.45 -4.13
N GLY D 309 -6.57 -52.40 -3.74
CA GLY D 309 -6.42 -53.71 -4.34
C GLY D 309 -6.02 -53.77 -5.81
N ILE D 310 -5.85 -52.62 -6.46
CA ILE D 310 -5.44 -52.60 -7.85
C ILE D 310 -3.98 -53.01 -7.99
N ASN D 311 -3.72 -54.00 -8.85
CA ASN D 311 -2.34 -54.39 -9.18
C ASN D 311 -1.68 -53.35 -10.07
N TYR D 312 -0.41 -53.07 -9.80
CA TYR D 312 0.39 -52.16 -10.62
C TYR D 312 1.27 -52.93 -11.59
N LEU D 313 0.99 -52.79 -12.88
CA LEU D 313 1.80 -53.39 -13.96
C LEU D 313 2.66 -52.33 -14.64
N LEU D 314 3.96 -52.35 -14.36
CA LEU D 314 4.86 -51.25 -14.70
C LEU D 314 5.76 -51.62 -15.87
N ASN D 315 5.68 -50.84 -16.94
CA ASN D 315 6.28 -51.20 -18.21
C ASN D 315 7.75 -50.76 -18.30
N VAL D 316 8.57 -51.65 -18.87
CA VAL D 316 9.93 -51.34 -19.28
C VAL D 316 9.99 -51.55 -20.79
N GLY D 317 10.47 -50.54 -21.51
CA GLY D 317 10.71 -50.66 -22.93
C GLY D 317 12.17 -50.97 -23.17
N LEU D 318 12.47 -52.23 -23.45
CA LEU D 318 13.85 -52.63 -23.70
C LEU D 318 14.40 -51.89 -24.90
N ASP D 319 15.67 -51.57 -24.80
CA ASP D 319 16.39 -50.80 -25.79
C ASP D 319 16.85 -51.67 -26.96
N PRO D 320 17.39 -51.05 -28.02
CA PRO D 320 17.72 -51.85 -29.22
C PRO D 320 18.67 -53.00 -28.98
N LEU D 321 19.53 -52.88 -27.99
CA LEU D 321 20.46 -53.94 -27.66
C LEU D 321 19.94 -54.95 -26.63
N GLY D 322 18.69 -54.84 -26.19
CA GLY D 322 18.10 -55.80 -25.26
C GLY D 322 18.39 -55.61 -23.80
N ARG D 323 18.76 -54.40 -23.39
CA ARG D 323 19.19 -54.09 -22.02
C ARG D 323 18.06 -53.36 -21.31
N VAL D 324 17.91 -53.64 -20.03
CA VAL D 324 17.13 -52.75 -19.18
C VAL D 324 17.83 -51.39 -19.12
N PRO D 325 17.18 -50.29 -19.54
CA PRO D 325 17.78 -48.96 -19.37
C PRO D 325 18.26 -48.69 -17.95
N MET D 326 19.43 -48.07 -17.84
CA MET D 326 20.02 -47.81 -16.52
C MET D 326 19.06 -47.11 -15.57
N MET D 327 18.42 -46.02 -16.03
CA MET D 327 17.57 -45.22 -15.16
C MET D 327 16.27 -45.94 -14.88
N ALA D 328 15.82 -46.78 -15.80
CA ALA D 328 14.66 -47.62 -15.54
C ALA D 328 14.98 -48.57 -14.39
N GLU D 329 16.12 -49.25 -14.46
CA GLU D 329 16.52 -50.17 -13.41
C GLU D 329 16.67 -49.47 -12.06
N GLU D 330 17.46 -48.39 -12.03
CA GLU D 330 17.71 -47.64 -10.80
C GLU D 330 16.40 -47.26 -10.11
N ASN D 331 15.42 -46.76 -10.85
CA ASN D 331 14.22 -46.25 -10.21
C ASN D 331 13.41 -47.40 -9.63
N LEU D 332 13.33 -48.52 -10.34
CA LEU D 332 12.69 -49.72 -9.80
C LEU D 332 13.36 -50.20 -8.52
N LEU D 333 14.69 -50.29 -8.50
CA LEU D 333 15.37 -50.80 -7.32
C LEU D 333 15.13 -49.86 -6.14
N ALA D 334 15.20 -48.55 -6.39
CA ALA D 334 14.96 -47.56 -5.35
C ALA D 334 13.51 -47.61 -4.87
N ALA D 335 12.57 -47.89 -5.78
CA ALA D 335 11.16 -47.99 -5.42
C ALA D 335 10.95 -49.15 -4.45
N LYS D 336 11.70 -50.23 -4.67
CA LYS D 336 11.64 -51.40 -3.80
C LYS D 336 12.07 -51.04 -2.39
N ALA D 337 13.20 -50.35 -2.25
CA ALA D 337 13.70 -49.96 -0.93
C ALA D 337 12.70 -49.11 -0.14
N LEU D 338 12.07 -48.13 -0.78
CA LEU D 338 11.13 -47.28 -0.07
C LEU D 338 9.95 -48.07 0.49
N GLU D 339 9.36 -48.94 -0.33
CA GLU D 339 8.25 -49.78 0.13
C GLU D 339 8.63 -50.59 1.36
N ASP D 340 9.79 -51.26 1.34
CA ASP D 340 10.21 -52.09 2.47
C ASP D 340 10.38 -51.25 3.73
N GLU D 341 11.13 -50.15 3.62
CA GLU D 341 11.24 -49.19 4.71
C GLU D 341 9.86 -48.91 5.28
N ALA D 342 8.92 -48.60 4.39
CA ALA D 342 7.57 -48.22 4.76
C ALA D 342 6.78 -49.38 5.36
N ASN D 343 7.08 -50.63 4.97
CA ASN D 343 6.29 -51.74 5.49
C ASN D 343 6.80 -52.25 6.84
N ARG D 344 8.00 -51.84 7.26
CA ARG D 344 8.39 -52.06 8.65
C ARG D 344 8.03 -50.88 9.54
N LEU D 345 7.95 -49.68 8.97
CA LEU D 345 7.61 -48.46 9.71
C LEU D 345 6.22 -48.51 10.34
C1 NAG E . 11.00 14.28 11.26
C2 NAG E . 11.71 15.00 12.42
C3 NAG E . 11.32 14.34 13.75
C4 NAG E . 9.81 14.33 13.91
C5 NAG E . 9.18 13.64 12.70
C6 NAG E . 7.67 13.63 12.72
C7 NAG E . 13.99 15.92 12.68
C8 NAG E . 15.44 15.70 12.39
N2 NAG E . 13.16 14.95 12.24
O1 NAG E . 11.29 14.88 10.05
O3 NAG E . 11.93 15.02 14.84
O4 NAG E . 9.45 13.65 15.10
O5 NAG E . 9.58 14.30 11.49
O6 NAG E . 7.15 14.54 13.69
O7 NAG E . 13.58 16.92 13.26
C1 FUC E . 6.37 13.79 14.63
C2 FUC E . 6.48 14.59 15.91
C3 FUC E . 5.78 15.94 15.75
C4 FUC E . 4.34 15.70 15.36
C5 FUC E . 4.31 14.88 14.09
C6 FUC E . 2.93 14.45 13.72
O2 FUC E . 7.83 14.72 16.31
O3 FUC E . 5.78 16.67 16.96
O4 FUC E . 3.64 15.00 16.38
O5 FUC E . 5.05 13.67 14.21
C1 NAG F . -6.74 -27.30 -20.04
C2 NAG F . -6.61 -27.60 -18.53
C3 NAG F . -7.78 -26.97 -17.77
C4 NAG F . -7.86 -25.48 -18.08
C5 NAG F . -7.94 -25.25 -19.59
C6 NAG F . -7.87 -23.78 -19.94
C7 NAG F . -6.31 -29.58 -17.08
C8 NAG F . -6.26 -31.07 -17.03
N2 NAG F . -6.55 -29.04 -18.28
O1 NAG F . -5.66 -27.83 -20.73
O3 NAG F . -7.57 -27.13 -16.37
O4 NAG F . -9.02 -24.92 -17.47
O5 NAG F . -6.82 -25.87 -20.24
O6 NAG F . -6.67 -23.23 -19.43
O7 NAG F . -6.16 -28.88 -16.09
C1 FUC F . -6.93 -21.92 -18.91
C2 FUC F . -6.10 -21.72 -17.60
C3 FUC F . -4.61 -21.72 -17.91
C4 FUC F . -4.31 -20.68 -18.94
C5 FUC F . -5.16 -20.98 -20.20
C6 FUC F . -4.99 -19.95 -21.28
O2 FUC F . -6.35 -22.72 -16.65
O3 FUC F . -3.90 -21.38 -16.73
O4 FUC F . -4.63 -19.41 -18.41
O5 FUC F . -6.56 -20.99 -19.89
C1 NAG G . -3.05 57.84 13.73
C2 NAG G . -4.41 57.19 13.98
C3 NAG G . -5.22 58.05 14.96
C4 NAG G . -4.42 58.27 16.23
C5 NAG G . -3.05 58.86 15.91
C6 NAG G . -2.17 58.94 17.13
C7 NAG G . -6.32 56.38 12.64
C8 NAG G . -6.87 56.23 11.26
N2 NAG G . -5.13 56.98 12.74
O1 NAG G . -2.29 57.08 12.85
O3 NAG G . -6.45 57.40 15.29
O4 NAG G . -5.11 59.18 17.10
O5 NAG G . -2.36 58.02 14.97
O6 NAG G . -2.04 57.65 17.73
O7 NAG G . -6.95 56.00 13.64
C1 FUC G . -2.22 57.77 19.16
C2 FUC G . -3.27 56.73 19.59
C3 FUC G . -2.77 55.31 19.35
C4 FUC G . -1.45 55.10 20.08
C5 FUC G . -0.47 56.17 19.61
C6 FUC G . 0.85 56.13 20.34
O2 FUC G . -4.55 56.92 19.01
O3 FUC G . -3.70 54.36 19.83
O4 FUC G . -1.65 55.20 21.50
O5 FUC G . -1.00 57.50 19.78
C1 NAG H . -4.06 -43.78 -25.85
C2 NAG H . -3.77 -43.36 -27.30
C3 NAG H . -4.37 -44.39 -28.27
C4 NAG H . -3.88 -45.79 -27.92
C5 NAG H . -4.21 -46.10 -26.47
C6 NAG H . -3.73 -47.46 -26.01
C7 NAG H . -4.09 -41.30 -28.67
C8 NAG H . -4.73 -39.95 -28.71
N2 NAG H . -4.31 -42.03 -27.56
O1 NAG H . -3.41 -42.95 -24.95
O3 NAG H . -4.00 -44.07 -29.60
O4 NAG H . -4.47 -46.78 -28.76
O5 NAG H . -3.60 -45.12 -25.62
O6 NAG H . -2.32 -47.61 -26.14
O7 NAG H . -3.41 -41.72 -29.60
C1 FUC H . -2.12 -48.98 -26.57
C2 FUC H . -1.14 -48.90 -27.72
C3 FUC H . 0.22 -48.36 -27.25
C4 FUC H . 0.75 -49.23 -26.10
C5 FUC H . -0.29 -49.28 -25.02
C6 FUC H . 0.10 -50.22 -23.90
O2 FUC H . -1.67 -48.12 -28.79
O3 FUC H . 1.16 -48.42 -28.30
O4 FUC H . 1.04 -50.55 -26.56
O5 FUC H . -1.55 -49.74 -25.51
#